data_7FV5
# 
_entry.id   7FV5 
# 
_audit_conform.dict_name       mmcif_pdbx.dic 
_audit_conform.dict_version    5.392 
_audit_conform.dict_location   http://mmcif.pdb.org/dictionaries/ascii/mmcif_pdbx.dic 
# 
loop_
_database_2.database_id 
_database_2.database_code 
_database_2.pdbx_database_accession 
_database_2.pdbx_DOI 
PDB   7FV5         pdb_00007fv5 10.2210/pdb7fv5/pdb 
WWPDB D_1001405386 ?            ?                   
# 
loop_
_pdbx_audit_revision_history.ordinal 
_pdbx_audit_revision_history.data_content_type 
_pdbx_audit_revision_history.major_revision 
_pdbx_audit_revision_history.minor_revision 
_pdbx_audit_revision_history.revision_date 
1 'Structure model' 1 0 2023-03-29 
2 'Structure model' 1 1 2024-05-22 
# 
_pdbx_audit_revision_details.ordinal             1 
_pdbx_audit_revision_details.revision_ordinal    1 
_pdbx_audit_revision_details.data_content_type   'Structure model' 
_pdbx_audit_revision_details.provider            repository 
_pdbx_audit_revision_details.type                'Initial release' 
_pdbx_audit_revision_details.description         ? 
_pdbx_audit_revision_details.details             ? 
# 
_pdbx_audit_revision_group.ordinal             1 
_pdbx_audit_revision_group.revision_ordinal    2 
_pdbx_audit_revision_group.data_content_type   'Structure model' 
_pdbx_audit_revision_group.group               'Data collection' 
# 
loop_
_pdbx_audit_revision_category.ordinal 
_pdbx_audit_revision_category.revision_ordinal 
_pdbx_audit_revision_category.data_content_type 
_pdbx_audit_revision_category.category 
1 2 'Structure model' chem_comp_atom 
2 2 'Structure model' chem_comp_bond 
# 
_pdbx_database_status.entry_id                        7FV5 
_pdbx_database_status.status_code                     REL 
_pdbx_database_status.status_code_sf                  REL 
_pdbx_database_status.status_code_mr                  ? 
_pdbx_database_status.status_code_cs                  ? 
_pdbx_database_status.recvd_initial_deposition_date   2023-03-09 
_pdbx_database_status.status_code_nmr_data            ? 
_pdbx_database_status.deposit_site                    RCSB 
_pdbx_database_status.process_site                    RCSB 
_pdbx_database_status.SG_entry                        ? 
_pdbx_database_status.pdb_format_compatible           Y 
_pdbx_database_status.methods_development_category    ? 
# 
_pdbx_contact_author.id                 1 
_pdbx_contact_author.email              frank.von-delft@diamond.ac.uk 
_pdbx_contact_author.name_first         Frank 
_pdbx_contact_author.name_last          'von Delft' 
_pdbx_contact_author.role               'principal investigator/group leader' 
_pdbx_contact_author.identifier_ORCID   0000-0003-0378-0017 
_pdbx_contact_author.name_mi            ? 
# 
loop_
_audit_author.name 
_audit_author.pdbx_ordinal 
'Grosjean, H.'   1 
'Tomlinson, C.'  2 
'Bradshaw, W.J.' 3 
'Koekemoer, L.'  4 
'Krojer, T.'     5 
'Fearon, D.'     6 
'Biggin, P.C.'   7 
'von Delft, F.'  8 
# 
_citation.id                        primary 
_citation.title                     'PanDDA analysis group deposition' 
_citation.journal_abbrev            'To Be Published' 
_citation.journal_volume            ? 
_citation.page_first                ? 
_citation.page_last                 ? 
_citation.year                      ? 
_citation.journal_id_ASTM           ? 
_citation.country                   ? 
_citation.journal_id_ISSN           ? 
_citation.journal_id_CSD            0353 
_citation.book_publisher            ? 
_citation.pdbx_database_id_PubMed   ? 
_citation.pdbx_database_id_DOI      ? 
# 
loop_
_citation_author.citation_id 
_citation_author.name 
_citation_author.identifier_ORCID 
_citation_author.ordinal 
primary 'Grosjean, H.'   ? 1 
primary 'Tomlinson, C.'  ? 2 
primary 'Bradshaw, W.J.' ? 3 
primary 'Koekemoer, L.'  ? 4 
primary 'Krojer, T.'     ? 5 
primary 'Fearon, D.'     ? 6 
primary 'Biggin, P.C.'   ? 7 
primary 'von Delft, F.'  ? 8 
# 
loop_
_entity.id 
_entity.type 
_entity.src_method 
_entity.pdbx_description 
_entity.formula_weight 
_entity.pdbx_number_of_molecules 
_entity.pdbx_ec 
_entity.pdbx_mutation 
_entity.pdbx_fragment 
_entity.details 
1 polymer     man 'PH-interacting protein'                                        17627.859 1   ? ? ? ? 
2 non-polymer syn '4-(furan-2-carbonyl)-N-(pyridin-2-yl)piperazine-1-carboxamide' 300.313   1   ? ? ? ? 
3 water       nat water                                                           18.015    214 ? ? ? ? 
# 
_entity_name_com.entity_id   1 
_entity_name_com.name        
'PHIP,DDB1- and CUL4-associated factor 14,IRS-1 PH domain-binding protein,WD repeat-containing protein 11' 
# 
_entity_poly.entity_id                      1 
_entity_poly.type                           'polypeptide(L)' 
_entity_poly.nstd_linkage                   no 
_entity_poly.nstd_monomer                   no 
_entity_poly.pdbx_seq_one_letter_code       
;MHHHHHHSSGVDLGTENLYFQSMSYDIQAWKKQCEELLNLIFQCEDSEPFRQPVDLLEYPDYRDIIDTPMDFATVRETLE
AGNYESPMELCKDVRLIFSNSKAYTPSKRSRIYSMSLRLSAFFEEHISSVLSDYKSALRFHKRNTITKR
;
_entity_poly.pdbx_seq_one_letter_code_can   
;MHHHHHHSSGVDLGTENLYFQSMSYDIQAWKKQCEELLNLIFQCEDSEPFRQPVDLLEYPDYRDIIDTPMDFATVRETLE
AGNYESPMELCKDVRLIFSNSKAYTPSKRSRIYSMSLRLSAFFEEHISSVLSDYKSALRFHKRNTITKR
;
_entity_poly.pdbx_strand_id                 A 
_entity_poly.pdbx_target_identifier         ? 
# 
loop_
_pdbx_entity_nonpoly.entity_id 
_pdbx_entity_nonpoly.name 
_pdbx_entity_nonpoly.comp_id 
2 '4-(furan-2-carbonyl)-N-(pyridin-2-yl)piperazine-1-carboxamide' ZKU 
3 water                                                           HOH 
# 
loop_
_entity_poly_seq.entity_id 
_entity_poly_seq.num 
_entity_poly_seq.mon_id 
_entity_poly_seq.hetero 
1 1   MET n 
1 2   HIS n 
1 3   HIS n 
1 4   HIS n 
1 5   HIS n 
1 6   HIS n 
1 7   HIS n 
1 8   SER n 
1 9   SER n 
1 10  GLY n 
1 11  VAL n 
1 12  ASP n 
1 13  LEU n 
1 14  GLY n 
1 15  THR n 
1 16  GLU n 
1 17  ASN n 
1 18  LEU n 
1 19  TYR n 
1 20  PHE n 
1 21  GLN n 
1 22  SER n 
1 23  MET n 
1 24  SER n 
1 25  TYR n 
1 26  ASP n 
1 27  ILE n 
1 28  GLN n 
1 29  ALA n 
1 30  TRP n 
1 31  LYS n 
1 32  LYS n 
1 33  GLN n 
1 34  CYS n 
1 35  GLU n 
1 36  GLU n 
1 37  LEU n 
1 38  LEU n 
1 39  ASN n 
1 40  LEU n 
1 41  ILE n 
1 42  PHE n 
1 43  GLN n 
1 44  CYS n 
1 45  GLU n 
1 46  ASP n 
1 47  SER n 
1 48  GLU n 
1 49  PRO n 
1 50  PHE n 
1 51  ARG n 
1 52  GLN n 
1 53  PRO n 
1 54  VAL n 
1 55  ASP n 
1 56  LEU n 
1 57  LEU n 
1 58  GLU n 
1 59  TYR n 
1 60  PRO n 
1 61  ASP n 
1 62  TYR n 
1 63  ARG n 
1 64  ASP n 
1 65  ILE n 
1 66  ILE n 
1 67  ASP n 
1 68  THR n 
1 69  PRO n 
1 70  MET n 
1 71  ASP n 
1 72  PHE n 
1 73  ALA n 
1 74  THR n 
1 75  VAL n 
1 76  ARG n 
1 77  GLU n 
1 78  THR n 
1 79  LEU n 
1 80  GLU n 
1 81  ALA n 
1 82  GLY n 
1 83  ASN n 
1 84  TYR n 
1 85  GLU n 
1 86  SER n 
1 87  PRO n 
1 88  MET n 
1 89  GLU n 
1 90  LEU n 
1 91  CYS n 
1 92  LYS n 
1 93  ASP n 
1 94  VAL n 
1 95  ARG n 
1 96  LEU n 
1 97  ILE n 
1 98  PHE n 
1 99  SER n 
1 100 ASN n 
1 101 SER n 
1 102 LYS n 
1 103 ALA n 
1 104 TYR n 
1 105 THR n 
1 106 PRO n 
1 107 SER n 
1 108 LYS n 
1 109 ARG n 
1 110 SER n 
1 111 ARG n 
1 112 ILE n 
1 113 TYR n 
1 114 SER n 
1 115 MET n 
1 116 SER n 
1 117 LEU n 
1 118 ARG n 
1 119 LEU n 
1 120 SER n 
1 121 ALA n 
1 122 PHE n 
1 123 PHE n 
1 124 GLU n 
1 125 GLU n 
1 126 HIS n 
1 127 ILE n 
1 128 SER n 
1 129 SER n 
1 130 VAL n 
1 131 LEU n 
1 132 SER n 
1 133 ASP n 
1 134 TYR n 
1 135 LYS n 
1 136 SER n 
1 137 ALA n 
1 138 LEU n 
1 139 ARG n 
1 140 PHE n 
1 141 HIS n 
1 142 LYS n 
1 143 ARG n 
1 144 ASN n 
1 145 THR n 
1 146 ILE n 
1 147 THR n 
1 148 LYS n 
1 149 ARG n 
# 
_entity_src_gen.entity_id                          1 
_entity_src_gen.pdbx_src_id                        1 
_entity_src_gen.pdbx_alt_source_flag               sample 
_entity_src_gen.pdbx_seq_type                      'Biological sequence' 
_entity_src_gen.pdbx_beg_seq_num                   1 
_entity_src_gen.pdbx_end_seq_num                   149 
_entity_src_gen.gene_src_common_name               human 
_entity_src_gen.gene_src_genus                     ? 
_entity_src_gen.pdbx_gene_src_gene                 'PHIP, DCAF14, WDR11' 
_entity_src_gen.gene_src_species                   ? 
_entity_src_gen.gene_src_strain                    ? 
_entity_src_gen.gene_src_tissue                    ? 
_entity_src_gen.gene_src_tissue_fraction           ? 
_entity_src_gen.gene_src_details                   ? 
_entity_src_gen.pdbx_gene_src_fragment             ? 
_entity_src_gen.pdbx_gene_src_scientific_name      'Homo sapiens' 
_entity_src_gen.pdbx_gene_src_ncbi_taxonomy_id     9606 
_entity_src_gen.pdbx_gene_src_variant              ? 
_entity_src_gen.pdbx_gene_src_cell_line            ? 
_entity_src_gen.pdbx_gene_src_atcc                 ? 
_entity_src_gen.pdbx_gene_src_organ                ? 
_entity_src_gen.pdbx_gene_src_organelle            ? 
_entity_src_gen.pdbx_gene_src_cell                 ? 
_entity_src_gen.pdbx_gene_src_cellular_location    ? 
_entity_src_gen.host_org_common_name               ? 
_entity_src_gen.pdbx_host_org_scientific_name      'Escherichia coli' 
_entity_src_gen.pdbx_host_org_ncbi_taxonomy_id     562 
_entity_src_gen.host_org_genus                     ? 
_entity_src_gen.pdbx_host_org_gene                 ? 
_entity_src_gen.pdbx_host_org_organ                ? 
_entity_src_gen.host_org_species                   ? 
_entity_src_gen.pdbx_host_org_tissue               ? 
_entity_src_gen.pdbx_host_org_tissue_fraction      ? 
_entity_src_gen.pdbx_host_org_strain               ? 
_entity_src_gen.pdbx_host_org_variant              ? 
_entity_src_gen.pdbx_host_org_cell_line            ? 
_entity_src_gen.pdbx_host_org_atcc                 ? 
_entity_src_gen.pdbx_host_org_culture_collection   ? 
_entity_src_gen.pdbx_host_org_cell                 ? 
_entity_src_gen.pdbx_host_org_organelle            ? 
_entity_src_gen.pdbx_host_org_cellular_location    ? 
_entity_src_gen.pdbx_host_org_vector_type          ? 
_entity_src_gen.pdbx_host_org_vector               ? 
_entity_src_gen.host_org_details                   ? 
_entity_src_gen.expression_system_id               ? 
_entity_src_gen.plasmid_name                       ? 
_entity_src_gen.plasmid_details                    ? 
_entity_src_gen.pdbx_description                   ? 
# 
loop_
_chem_comp.id 
_chem_comp.type 
_chem_comp.mon_nstd_flag 
_chem_comp.name 
_chem_comp.pdbx_synonyms 
_chem_comp.formula 
_chem_comp.formula_weight 
ALA 'L-peptide linking' y ALANINE                                                         ? 'C3 H7 N O2'     89.093  
ARG 'L-peptide linking' y ARGININE                                                        ? 'C6 H15 N4 O2 1' 175.209 
ASN 'L-peptide linking' y ASPARAGINE                                                      ? 'C4 H8 N2 O3'    132.118 
ASP 'L-peptide linking' y 'ASPARTIC ACID'                                                 ? 'C4 H7 N O4'     133.103 
CYS 'L-peptide linking' y CYSTEINE                                                        ? 'C3 H7 N O2 S'   121.158 
GLN 'L-peptide linking' y GLUTAMINE                                                       ? 'C5 H10 N2 O3'   146.144 
GLU 'L-peptide linking' y 'GLUTAMIC ACID'                                                 ? 'C5 H9 N O4'     147.129 
GLY 'peptide linking'   y GLYCINE                                                         ? 'C2 H5 N O2'     75.067  
HIS 'L-peptide linking' y HISTIDINE                                                       ? 'C6 H10 N3 O2 1' 156.162 
HOH non-polymer         . WATER                                                           ? 'H2 O'           18.015  
ILE 'L-peptide linking' y ISOLEUCINE                                                      ? 'C6 H13 N O2'    131.173 
LEU 'L-peptide linking' y LEUCINE                                                         ? 'C6 H13 N O2'    131.173 
LYS 'L-peptide linking' y LYSINE                                                          ? 'C6 H15 N2 O2 1' 147.195 
MET 'L-peptide linking' y METHIONINE                                                      ? 'C5 H11 N O2 S'  149.211 
PHE 'L-peptide linking' y PHENYLALANINE                                                   ? 'C9 H11 N O2'    165.189 
PRO 'L-peptide linking' y PROLINE                                                         ? 'C5 H9 N O2'     115.130 
SER 'L-peptide linking' y SERINE                                                          ? 'C3 H7 N O3'     105.093 
THR 'L-peptide linking' y THREONINE                                                       ? 'C4 H9 N O3'     119.119 
TRP 'L-peptide linking' y TRYPTOPHAN                                                      ? 'C11 H12 N2 O2'  204.225 
TYR 'L-peptide linking' y TYROSINE                                                        ? 'C9 H11 N O3'    181.189 
VAL 'L-peptide linking' y VALINE                                                          ? 'C5 H11 N O2'    117.146 
ZKU non-polymer         . '4-(furan-2-carbonyl)-N-(pyridin-2-yl)piperazine-1-carboxamide' ? 'C15 H16 N4 O3'  300.313 
# 
loop_
_pdbx_poly_seq_scheme.asym_id 
_pdbx_poly_seq_scheme.entity_id 
_pdbx_poly_seq_scheme.seq_id 
_pdbx_poly_seq_scheme.mon_id 
_pdbx_poly_seq_scheme.ndb_seq_num 
_pdbx_poly_seq_scheme.pdb_seq_num 
_pdbx_poly_seq_scheme.auth_seq_num 
_pdbx_poly_seq_scheme.pdb_mon_id 
_pdbx_poly_seq_scheme.auth_mon_id 
_pdbx_poly_seq_scheme.pdb_strand_id 
_pdbx_poly_seq_scheme.pdb_ins_code 
_pdbx_poly_seq_scheme.hetero 
A 1 1   MET 1   1292 ?    ?   ?   A . n 
A 1 2   HIS 2   1293 ?    ?   ?   A . n 
A 1 3   HIS 3   1294 ?    ?   ?   A . n 
A 1 4   HIS 4   1295 ?    ?   ?   A . n 
A 1 5   HIS 5   1296 ?    ?   ?   A . n 
A 1 6   HIS 6   1297 ?    ?   ?   A . n 
A 1 7   HIS 7   1298 ?    ?   ?   A . n 
A 1 8   SER 8   1299 ?    ?   ?   A . n 
A 1 9   SER 9   1300 ?    ?   ?   A . n 
A 1 10  GLY 10  1301 ?    ?   ?   A . n 
A 1 11  VAL 11  1302 ?    ?   ?   A . n 
A 1 12  ASP 12  1303 ?    ?   ?   A . n 
A 1 13  LEU 13  1304 ?    ?   ?   A . n 
A 1 14  GLY 14  1305 ?    ?   ?   A . n 
A 1 15  THR 15  1306 ?    ?   ?   A . n 
A 1 16  GLU 16  1307 ?    ?   ?   A . n 
A 1 17  ASN 17  1308 ?    ?   ?   A . n 
A 1 18  LEU 18  1309 ?    ?   ?   A . n 
A 1 19  TYR 19  1310 ?    ?   ?   A . n 
A 1 20  PHE 20  1311 ?    ?   ?   A . n 
A 1 21  GLN 21  1312 ?    ?   ?   A . n 
A 1 22  SER 22  1313 ?    ?   ?   A . n 
A 1 23  MET 23  1314 ?    ?   ?   A . n 
A 1 24  SER 24  1315 1315 SER SER A . n 
A 1 25  TYR 25  1316 1316 TYR TYR A . n 
A 1 26  ASP 26  1317 1317 ASP ASP A . n 
A 1 27  ILE 27  1318 1318 ILE ILE A . n 
A 1 28  GLN 28  1319 1319 GLN GLN A . n 
A 1 29  ALA 29  1320 1320 ALA ALA A . n 
A 1 30  TRP 30  1321 1321 TRP TRP A . n 
A 1 31  LYS 31  1322 1322 LYS LYS A . n 
A 1 32  LYS 32  1323 1323 LYS LYS A . n 
A 1 33  GLN 33  1324 1324 GLN GLN A . n 
A 1 34  CYS 34  1325 1325 CYS CYS A . n 
A 1 35  GLU 35  1326 1326 GLU GLU A . n 
A 1 36  GLU 36  1327 1327 GLU GLU A . n 
A 1 37  LEU 37  1328 1328 LEU LEU A . n 
A 1 38  LEU 38  1329 1329 LEU LEU A . n 
A 1 39  ASN 39  1330 1330 ASN ASN A . n 
A 1 40  LEU 40  1331 1331 LEU LEU A . n 
A 1 41  ILE 41  1332 1332 ILE ILE A . n 
A 1 42  PHE 42  1333 1333 PHE PHE A . n 
A 1 43  GLN 43  1334 1334 GLN GLN A . n 
A 1 44  CYS 44  1335 1335 CYS CYS A . n 
A 1 45  GLU 45  1336 1336 GLU GLU A . n 
A 1 46  ASP 46  1337 1337 ASP ASP A . n 
A 1 47  SER 47  1338 1338 SER SER A . n 
A 1 48  GLU 48  1339 1339 GLU GLU A . n 
A 1 49  PRO 49  1340 1340 PRO PRO A . n 
A 1 50  PHE 50  1341 1341 PHE PHE A . n 
A 1 51  ARG 51  1342 1342 ARG ARG A . n 
A 1 52  GLN 52  1343 1343 GLN GLN A . n 
A 1 53  PRO 53  1344 1344 PRO PRO A . n 
A 1 54  VAL 54  1345 1345 VAL VAL A . n 
A 1 55  ASP 55  1346 1346 ASP ASP A . n 
A 1 56  LEU 56  1347 1347 LEU LEU A . n 
A 1 57  LEU 57  1348 1348 LEU LEU A . n 
A 1 58  GLU 58  1349 1349 GLU GLU A . n 
A 1 59  TYR 59  1350 1350 TYR TYR A . n 
A 1 60  PRO 60  1351 1351 PRO PRO A . n 
A 1 61  ASP 61  1352 1352 ASP ASP A . n 
A 1 62  TYR 62  1353 1353 TYR TYR A . n 
A 1 63  ARG 63  1354 1354 ARG ARG A . n 
A 1 64  ASP 64  1355 1355 ASP ASP A . n 
A 1 65  ILE 65  1356 1356 ILE ILE A . n 
A 1 66  ILE 66  1357 1357 ILE ILE A . n 
A 1 67  ASP 67  1358 1358 ASP ASP A . n 
A 1 68  THR 68  1359 1359 THR THR A . n 
A 1 69  PRO 69  1360 1360 PRO PRO A . n 
A 1 70  MET 70  1361 1361 MET MET A . n 
A 1 71  ASP 71  1362 1362 ASP ASP A . n 
A 1 72  PHE 72  1363 1363 PHE PHE A . n 
A 1 73  ALA 73  1364 1364 ALA ALA A . n 
A 1 74  THR 74  1365 1365 THR THR A . n 
A 1 75  VAL 75  1366 1366 VAL VAL A . n 
A 1 76  ARG 76  1367 1367 ARG ARG A . n 
A 1 77  GLU 77  1368 1368 GLU GLU A . n 
A 1 78  THR 78  1369 1369 THR THR A . n 
A 1 79  LEU 79  1370 1370 LEU LEU A . n 
A 1 80  GLU 80  1371 1371 GLU GLU A . n 
A 1 81  ALA 81  1372 1372 ALA ALA A . n 
A 1 82  GLY 82  1373 1373 GLY GLY A . n 
A 1 83  ASN 83  1374 1374 ASN ASN A . n 
A 1 84  TYR 84  1375 1375 TYR TYR A . n 
A 1 85  GLU 85  1376 1376 GLU GLU A . n 
A 1 86  SER 86  1377 1377 SER SER A . n 
A 1 87  PRO 87  1378 1378 PRO PRO A . n 
A 1 88  MET 88  1379 1379 MET MET A . n 
A 1 89  GLU 89  1380 1380 GLU GLU A . n 
A 1 90  LEU 90  1381 1381 LEU LEU A . n 
A 1 91  CYS 91  1382 1382 CYS CYS A . n 
A 1 92  LYS 92  1383 1383 LYS LYS A . n 
A 1 93  ASP 93  1384 1384 ASP ASP A . n 
A 1 94  VAL 94  1385 1385 VAL VAL A . n 
A 1 95  ARG 95  1386 1386 ARG ARG A . n 
A 1 96  LEU 96  1387 1387 LEU LEU A . n 
A 1 97  ILE 97  1388 1388 ILE ILE A . n 
A 1 98  PHE 98  1389 1389 PHE PHE A . n 
A 1 99  SER 99  1390 1390 SER SER A . n 
A 1 100 ASN 100 1391 1391 ASN ASN A . n 
A 1 101 SER 101 1392 1392 SER SER A . n 
A 1 102 LYS 102 1393 1393 LYS LYS A . n 
A 1 103 ALA 103 1394 1394 ALA ALA A . n 
A 1 104 TYR 104 1395 1395 TYR TYR A . n 
A 1 105 THR 105 1396 1396 THR THR A . n 
A 1 106 PRO 106 1397 1397 PRO PRO A . n 
A 1 107 SER 107 1398 1398 SER SER A . n 
A 1 108 LYS 108 1399 1399 LYS LYS A . n 
A 1 109 ARG 109 1400 1400 ARG ARG A . n 
A 1 110 SER 110 1401 1401 SER SER A . n 
A 1 111 ARG 111 1402 1402 ARG ARG A . n 
A 1 112 ILE 112 1403 1403 ILE ILE A . n 
A 1 113 TYR 113 1404 1404 TYR TYR A . n 
A 1 114 SER 114 1405 1405 SER SER A . n 
A 1 115 MET 115 1406 1406 MET MET A . n 
A 1 116 SER 116 1407 1407 SER SER A . n 
A 1 117 LEU 117 1408 1408 LEU LEU A . n 
A 1 118 ARG 118 1409 1409 ARG ARG A . n 
A 1 119 LEU 119 1410 1410 LEU LEU A . n 
A 1 120 SER 120 1411 1411 SER SER A . n 
A 1 121 ALA 121 1412 1412 ALA ALA A . n 
A 1 122 PHE 122 1413 1413 PHE PHE A . n 
A 1 123 PHE 123 1414 1414 PHE PHE A . n 
A 1 124 GLU 124 1415 1415 GLU GLU A . n 
A 1 125 GLU 125 1416 1416 GLU GLU A . n 
A 1 126 HIS 126 1417 1417 HIS HIS A . n 
A 1 127 ILE 127 1418 1418 ILE ILE A . n 
A 1 128 SER 128 1419 1419 SER SER A . n 
A 1 129 SER 129 1420 1420 SER SER A . n 
A 1 130 VAL 130 1421 1421 VAL VAL A . n 
A 1 131 LEU 131 1422 1422 LEU LEU A . n 
A 1 132 SER 132 1423 1423 SER SER A . n 
A 1 133 ASP 133 1424 1424 ASP ASP A . n 
A 1 134 TYR 134 1425 1425 TYR TYR A . n 
A 1 135 LYS 135 1426 1426 LYS LYS A . n 
A 1 136 SER 136 1427 1427 SER SER A . n 
A 1 137 ALA 137 1428 1428 ALA ALA A . n 
A 1 138 LEU 138 1429 1429 LEU LEU A . n 
A 1 139 ARG 139 1430 1430 ARG ARG A . n 
A 1 140 PHE 140 1431 1431 PHE PHE A . n 
A 1 141 HIS 141 1432 1432 HIS HIS A . n 
A 1 142 LYS 142 1433 1433 LYS LYS A . n 
A 1 143 ARG 143 1434 1434 ARG ARG A . n 
A 1 144 ASN 144 1435 ?    ?   ?   A . n 
A 1 145 THR 145 1436 ?    ?   ?   A . n 
A 1 146 ILE 146 1437 ?    ?   ?   A . n 
A 1 147 THR 147 1438 ?    ?   ?   A . n 
A 1 148 LYS 148 1439 ?    ?   ?   A . n 
A 1 149 ARG 149 1440 ?    ?   ?   A . n 
# 
loop_
_pdbx_nonpoly_scheme.asym_id 
_pdbx_nonpoly_scheme.entity_id 
_pdbx_nonpoly_scheme.mon_id 
_pdbx_nonpoly_scheme.ndb_seq_num 
_pdbx_nonpoly_scheme.pdb_seq_num 
_pdbx_nonpoly_scheme.auth_seq_num 
_pdbx_nonpoly_scheme.pdb_mon_id 
_pdbx_nonpoly_scheme.auth_mon_id 
_pdbx_nonpoly_scheme.pdb_strand_id 
_pdbx_nonpoly_scheme.pdb_ins_code 
B 2 ZKU 1   1901 1901 ZKU LIG A . 
C 3 HOH 1   2001 1662 HOH HOH A . 
C 3 HOH 2   2002 1610 HOH HOH A . 
C 3 HOH 3   2003 1767 HOH HOH A . 
C 3 HOH 4   2004 31   HOH HOH A . 
C 3 HOH 5   2005 1647 HOH HOH A . 
C 3 HOH 6   2006 21   HOH HOH A . 
C 3 HOH 7   2007 10   HOH HOH A . 
C 3 HOH 8   2008 25   HOH HOH A . 
C 3 HOH 9   2009 1641 HOH HOH A . 
C 3 HOH 10  2010 1665 HOH HOH A . 
C 3 HOH 11  2011 1676 HOH HOH A . 
C 3 HOH 12  2012 24   HOH HOH A . 
C 3 HOH 13  2013 1607 HOH HOH A . 
C 3 HOH 14  2014 1649 HOH HOH A . 
C 3 HOH 15  2015 1771 HOH HOH A . 
C 3 HOH 16  2016 1608 HOH HOH A . 
C 3 HOH 17  2017 1642 HOH HOH A . 
C 3 HOH 18  2018 30   HOH HOH A . 
C 3 HOH 19  2019 1602 HOH HOH A . 
C 3 HOH 20  2020 1629 HOH HOH A . 
C 3 HOH 21  2021 1712 HOH HOH A . 
C 3 HOH 22  2022 1615 HOH HOH A . 
C 3 HOH 23  2023 1603 HOH HOH A . 
C 3 HOH 24  2024 1605 HOH HOH A . 
C 3 HOH 25  2025 1612 HOH HOH A . 
C 3 HOH 26  2026 1630 HOH HOH A . 
C 3 HOH 27  2027 1609 HOH HOH A . 
C 3 HOH 28  2028 1749 HOH HOH A . 
C 3 HOH 29  2029 13   HOH HOH A . 
C 3 HOH 30  2030 1624 HOH HOH A . 
C 3 HOH 31  2031 1604 HOH HOH A . 
C 3 HOH 32  2032 1628 HOH HOH A . 
C 3 HOH 33  2033 1625 HOH HOH A . 
C 3 HOH 34  2034 1663 HOH HOH A . 
C 3 HOH 35  2035 1623 HOH HOH A . 
C 3 HOH 36  2036 1617 HOH HOH A . 
C 3 HOH 37  2037 1646 HOH HOH A . 
C 3 HOH 38  2038 1632 HOH HOH A . 
C 3 HOH 39  2039 1622 HOH HOH A . 
C 3 HOH 40  2040 1620 HOH HOH A . 
C 3 HOH 41  2041 1658 HOH HOH A . 
C 3 HOH 42  2042 1732 HOH HOH A . 
C 3 HOH 43  2043 1640 HOH HOH A . 
C 3 HOH 44  2044 1655 HOH HOH A . 
C 3 HOH 45  2045 1653 HOH HOH A . 
C 3 HOH 46  2046 1626 HOH HOH A . 
C 3 HOH 47  2047 1734 HOH HOH A . 
C 3 HOH 48  2048 1614 HOH HOH A . 
C 3 HOH 49  2049 1634 HOH HOH A . 
C 3 HOH 50  2050 1645 HOH HOH A . 
C 3 HOH 51  2051 1677 HOH HOH A . 
C 3 HOH 52  2052 1619 HOH HOH A . 
C 3 HOH 53  2053 1644 HOH HOH A . 
C 3 HOH 54  2054 1664 HOH HOH A . 
C 3 HOH 55  2055 1733 HOH HOH A . 
C 3 HOH 56  2056 1643 HOH HOH A . 
C 3 HOH 57  2057 2    HOH HOH A . 
C 3 HOH 58  2058 1671 HOH HOH A . 
C 3 HOH 59  2059 1673 HOH HOH A . 
C 3 HOH 60  2060 1668 HOH HOH A . 
C 3 HOH 61  2061 1692 HOH HOH A . 
C 3 HOH 62  2062 1674 HOH HOH A . 
C 3 HOH 63  2063 1693 HOH HOH A . 
C 3 HOH 64  2064 1678 HOH HOH A . 
C 3 HOH 65  2065 1666 HOH HOH A . 
C 3 HOH 66  2066 1652 HOH HOH A . 
C 3 HOH 67  2067 1714 HOH HOH A . 
C 3 HOH 68  2068 1687 HOH HOH A . 
C 3 HOH 69  2069 1613 HOH HOH A . 
C 3 HOH 70  2070 1731 HOH HOH A . 
C 3 HOH 71  2071 1709 HOH HOH A . 
C 3 HOH 72  2072 1680 HOH HOH A . 
C 3 HOH 73  2073 1661 HOH HOH A . 
C 3 HOH 74  2074 1735 HOH HOH A . 
C 3 HOH 75  2075 1633 HOH HOH A . 
C 3 HOH 76  2076 1672 HOH HOH A . 
C 3 HOH 77  2077 22   HOH HOH A . 
C 3 HOH 78  2078 1    HOH HOH A . 
C 3 HOH 79  2079 32   HOH HOH A . 
C 3 HOH 80  2080 1690 HOH HOH A . 
C 3 HOH 81  2081 1616 HOH HOH A . 
C 3 HOH 82  2082 1651 HOH HOH A . 
C 3 HOH 83  2083 1650 HOH HOH A . 
C 3 HOH 84  2084 1681 HOH HOH A . 
C 3 HOH 85  2085 1689 HOH HOH A . 
C 3 HOH 86  2086 1738 HOH HOH A . 
C 3 HOH 87  2087 1682 HOH HOH A . 
C 3 HOH 88  2088 1694 HOH HOH A . 
C 3 HOH 89  2089 16   HOH HOH A . 
C 3 HOH 90  2090 1699 HOH HOH A . 
C 3 HOH 91  2091 1667 HOH HOH A . 
C 3 HOH 92  2092 1660 HOH HOH A . 
C 3 HOH 93  2093 1688 HOH HOH A . 
C 3 HOH 94  2094 1720 HOH HOH A . 
C 3 HOH 95  2095 26   HOH HOH A . 
C 3 HOH 96  2096 1721 HOH HOH A . 
C 3 HOH 97  2097 1700 HOH HOH A . 
C 3 HOH 98  2098 9    HOH HOH A . 
C 3 HOH 99  2099 1708 HOH HOH A . 
C 3 HOH 100 2100 1740 HOH HOH A . 
C 3 HOH 101 2101 11   HOH HOH A . 
C 3 HOH 102 2102 1675 HOH HOH A . 
C 3 HOH 103 2103 1736 HOH HOH A . 
C 3 HOH 104 2104 1685 HOH HOH A . 
C 3 HOH 105 2105 1683 HOH HOH A . 
C 3 HOH 106 2106 1637 HOH HOH A . 
C 3 HOH 107 2107 1686 HOH HOH A . 
C 3 HOH 108 2108 1722 HOH HOH A . 
C 3 HOH 109 2109 1701 HOH HOH A . 
C 3 HOH 110 2110 28   HOH HOH A . 
C 3 HOH 111 2111 1728 HOH HOH A . 
C 3 HOH 112 2112 1711 HOH HOH A . 
C 3 HOH 113 2113 1713 HOH HOH A . 
C 3 HOH 114 2114 1741 HOH HOH A . 
C 3 HOH 115 2115 1719 HOH HOH A . 
C 3 HOH 116 2116 1648 HOH HOH A . 
C 3 HOH 117 2117 1704 HOH HOH A . 
C 3 HOH 118 2118 1621 HOH HOH A . 
C 3 HOH 119 2119 1747 HOH HOH A . 
C 3 HOH 120 2120 3    HOH HOH A . 
C 3 HOH 121 2121 1725 HOH HOH A . 
C 3 HOH 122 2122 1611 HOH HOH A . 
C 3 HOH 123 2123 1727 HOH HOH A . 
C 3 HOH 124 2124 1723 HOH HOH A . 
C 3 HOH 125 2125 1627 HOH HOH A . 
C 3 HOH 126 2126 12   HOH HOH A . 
C 3 HOH 127 2127 1757 HOH HOH A . 
C 3 HOH 128 2128 1715 HOH HOH A . 
C 3 HOH 129 2129 1669 HOH HOH A . 
C 3 HOH 130 2130 1654 HOH HOH A . 
C 3 HOH 131 2131 1706 HOH HOH A . 
C 3 HOH 132 2132 1737 HOH HOH A . 
C 3 HOH 133 2133 1724 HOH HOH A . 
C 3 HOH 134 2134 1697 HOH HOH A . 
C 3 HOH 135 2135 1801 HOH HOH A . 
C 3 HOH 136 2136 1729 HOH HOH A . 
C 3 HOH 137 2137 1657 HOH HOH A . 
C 3 HOH 138 2138 1726 HOH HOH A . 
C 3 HOH 139 2139 1684 HOH HOH A . 
C 3 HOH 140 2140 1710 HOH HOH A . 
C 3 HOH 141 2141 1716 HOH HOH A . 
C 3 HOH 142 2142 1744 HOH HOH A . 
C 3 HOH 143 2143 1730 HOH HOH A . 
C 3 HOH 144 2144 1702 HOH HOH A . 
C 3 HOH 145 2145 1638 HOH HOH A . 
C 3 HOH 146 2146 1718 HOH HOH A . 
C 3 HOH 147 2147 19   HOH HOH A . 
C 3 HOH 148 2148 1703 HOH HOH A . 
C 3 HOH 149 2149 1679 HOH HOH A . 
C 3 HOH 150 2150 20   HOH HOH A . 
C 3 HOH 151 2151 1746 HOH HOH A . 
C 3 HOH 152 2152 1761 HOH HOH A . 
C 3 HOH 153 2153 1750 HOH HOH A . 
C 3 HOH 154 2154 1748 HOH HOH A . 
C 3 HOH 155 2155 1755 HOH HOH A . 
C 3 HOH 156 2156 1751 HOH HOH A . 
C 3 HOH 157 2157 1752 HOH HOH A . 
C 3 HOH 158 2158 1656 HOH HOH A . 
C 3 HOH 159 2159 1756 HOH HOH A . 
C 3 HOH 160 2160 1753 HOH HOH A . 
C 3 HOH 161 2161 1754 HOH HOH A . 
C 3 HOH 162 2162 1742 HOH HOH A . 
C 3 HOH 163 2163 1795 HOH HOH A . 
C 3 HOH 164 2164 1772 HOH HOH A . 
C 3 HOH 165 2165 1769 HOH HOH A . 
C 3 HOH 166 2166 33   HOH HOH A . 
C 3 HOH 167 2167 1766 HOH HOH A . 
C 3 HOH 168 2168 18   HOH HOH A . 
C 3 HOH 169 2169 1770 HOH HOH A . 
C 3 HOH 170 2170 1784 HOH HOH A . 
C 3 HOH 171 2171 1759 HOH HOH A . 
C 3 HOH 172 2172 1758 HOH HOH A . 
C 3 HOH 173 2173 1743 HOH HOH A . 
C 3 HOH 174 2174 1768 HOH HOH A . 
C 3 HOH 175 2175 1739 HOH HOH A . 
C 3 HOH 176 2176 1762 HOH HOH A . 
C 3 HOH 177 2177 7    HOH HOH A . 
C 3 HOH 178 2178 1765 HOH HOH A . 
C 3 HOH 179 2179 35   HOH HOH A . 
C 3 HOH 180 2180 29   HOH HOH A . 
C 3 HOH 181 2181 1786 HOH HOH A . 
C 3 HOH 182 2182 17   HOH HOH A . 
C 3 HOH 183 2183 1796 HOH HOH A . 
C 3 HOH 184 2184 14   HOH HOH A . 
C 3 HOH 185 2185 6    HOH HOH A . 
C 3 HOH 186 2186 1794 HOH HOH A . 
C 3 HOH 187 2187 1779 HOH HOH A . 
C 3 HOH 188 2188 1777 HOH HOH A . 
C 3 HOH 189 2189 1764 HOH HOH A . 
C 3 HOH 190 2190 1783 HOH HOH A . 
C 3 HOH 191 2191 1763 HOH HOH A . 
C 3 HOH 192 2192 1774 HOH HOH A . 
C 3 HOH 193 2193 1778 HOH HOH A . 
C 3 HOH 194 2194 27   HOH HOH A . 
C 3 HOH 195 2195 1782 HOH HOH A . 
C 3 HOH 196 2196 1775 HOH HOH A . 
C 3 HOH 197 2197 1781 HOH HOH A . 
C 3 HOH 198 2198 34   HOH HOH A . 
C 3 HOH 199 2199 1780 HOH HOH A . 
C 3 HOH 200 2200 1785 HOH HOH A . 
C 3 HOH 201 2201 1789 HOH HOH A . 
C 3 HOH 202 2202 4    HOH HOH A . 
C 3 HOH 203 2203 1787 HOH HOH A . 
C 3 HOH 204 2204 1791 HOH HOH A . 
C 3 HOH 205 2205 15   HOH HOH A . 
C 3 HOH 206 2206 23   HOH HOH A . 
C 3 HOH 207 2207 1790 HOH HOH A . 
C 3 HOH 208 2208 1792 HOH HOH A . 
C 3 HOH 209 2209 1760 HOH HOH A . 
C 3 HOH 210 2210 1793 HOH HOH A . 
C 3 HOH 211 2211 1798 HOH HOH A . 
C 3 HOH 212 2212 1797 HOH HOH A . 
C 3 HOH 213 2213 1799 HOH HOH A . 
C 3 HOH 214 2214 1800 HOH HOH A . 
# 
loop_
_pdbx_unobs_or_zero_occ_atoms.id 
_pdbx_unobs_or_zero_occ_atoms.PDB_model_num 
_pdbx_unobs_or_zero_occ_atoms.polymer_flag 
_pdbx_unobs_or_zero_occ_atoms.occupancy_flag 
_pdbx_unobs_or_zero_occ_atoms.auth_asym_id 
_pdbx_unobs_or_zero_occ_atoms.auth_comp_id 
_pdbx_unobs_or_zero_occ_atoms.auth_seq_id 
_pdbx_unobs_or_zero_occ_atoms.PDB_ins_code 
_pdbx_unobs_or_zero_occ_atoms.auth_atom_id 
_pdbx_unobs_or_zero_occ_atoms.label_alt_id 
_pdbx_unobs_or_zero_occ_atoms.label_asym_id 
_pdbx_unobs_or_zero_occ_atoms.label_comp_id 
_pdbx_unobs_or_zero_occ_atoms.label_seq_id 
_pdbx_unobs_or_zero_occ_atoms.label_atom_id 
1 1 Y 1 A GLN 1334 ? CD  ? A GLN 43 CD  
2 1 Y 1 A GLN 1334 ? OE1 ? A GLN 43 OE1 
3 1 Y 1 A GLN 1334 ? NE2 ? A GLN 43 NE2 
# 
loop_
_software.pdbx_ordinal 
_software.name 
_software.version 
_software.date 
_software.type 
_software.contact_author 
_software.contact_author_email 
_software.classification 
_software.location 
_software.language 
_software.citation_id 
1 REFMAC      5.8.0267 ?               program 'Garib N. Murshudov' garib@ysbl.york.ac.uk    refinement        
http://www.ccp4.ac.uk/dist/html/refmac5.html        Fortran_77 ? 
2 Aimless     0.7.7    23/04/21        program 'Phil Evans'         ?                        'data scaling'    
http://www.mrc-lmb.cam.ac.uk/harry/pre/aimless.html ?          ? 
3 PDB_EXTRACT 3.23     'SEP. 23, 2016' package PDB                  deposit@deposit.rcsb.org 'data extraction' 
http://sw-tools.pdb.org/apps/PDB_EXTRACT/           C++        ? 
4 XDS         .        ?               program ?                    ?                        'data reduction'  ? ?          ? 
5 REFMAC      .        ?               program ?                    ?                        phasing           ? ?          ? 
# 
_cell.entry_id           7FV5 
_cell.length_a           81.972 
_cell.length_b           27.227 
_cell.length_c           56.253 
_cell.angle_alpha        90.000 
_cell.angle_beta         99.660 
_cell.angle_gamma        90.000 
_cell.Z_PDB              4 
_cell.pdbx_unique_axis   ? 
# 
_symmetry.entry_id                         7FV5 
_symmetry.space_group_name_H-M             'C 1 2 1' 
_symmetry.pdbx_full_space_group_name_H-M   ? 
_symmetry.cell_setting                     ? 
_symmetry.Int_Tables_number                5 
# 
_exptl.crystals_number   1 
_exptl.entry_id          7FV5 
_exptl.method            'X-RAY DIFFRACTION' 
# 
_exptl_crystal.id                    1 
_exptl_crystal.pdbx_mosaicity        0.000 
_exptl_crystal.pdbx_mosaicity_esd    ? 
_exptl_crystal.density_Matthews      1.76 
_exptl_crystal.density_diffrn        ? 
_exptl_crystal.density_meas          ? 
_exptl_crystal.density_meas_temp     ? 
_exptl_crystal.density_percent_sol   29.93 
_exptl_crystal.size_max              ? 
_exptl_crystal.size_mid              ? 
_exptl_crystal.size_min              ? 
_exptl_crystal.size_rad              ? 
_exptl_crystal.description           ? 
# 
_exptl_crystal_grow.crystal_id      1 
_exptl_crystal_grow.method          'VAPOR DIFFUSION, SITTING DROP' 
_exptl_crystal_grow.pH              5.6 
_exptl_crystal_grow.temp            277 
_exptl_crystal_grow.pdbx_details    '20% PEG 8000, 0.04M potassium phosphate' 
_exptl_crystal_grow.temp_details    ? 
_exptl_crystal_grow.pdbx_pH_range   ? 
# 
_diffrn.id                     1 
_diffrn.ambient_temp           100 
_diffrn.crystal_id             1 
_diffrn.ambient_temp_details   ? 
# 
_diffrn_detector.detector               PIXEL 
_diffrn_detector.type                   'DECTRIS PILATUS 6M' 
_diffrn_detector.pdbx_collection_date   2022-09-24 
_diffrn_detector.diffrn_id              1 
_diffrn_detector.details                ? 
# 
_diffrn_radiation.diffrn_id                        1 
_diffrn_radiation.wavelength_id                    1 
_diffrn_radiation.pdbx_diffrn_protocol             'SINGLE WAVELENGTH' 
_diffrn_radiation.pdbx_monochromatic_or_laue_m_l   ? 
_diffrn_radiation.monochromator                    ? 
_diffrn_radiation.pdbx_scattering_type             x-ray 
# 
_diffrn_radiation_wavelength.id           1 
_diffrn_radiation_wavelength.wavelength   0.92124 
_diffrn_radiation_wavelength.wt           1.0 
# 
_diffrn_source.diffrn_id                   1 
_diffrn_source.source                      SYNCHROTRON 
_diffrn_source.type                        'DIAMOND BEAMLINE I04-1' 
_diffrn_source.pdbx_wavelength_list        0.92124 
_diffrn_source.pdbx_synchrotron_site       Diamond 
_diffrn_source.pdbx_synchrotron_beamline   I04-1 
_diffrn_source.pdbx_wavelength             ? 
# 
_reflns.entry_id                     7FV5 
_reflns.pdbx_diffrn_id               1 
_reflns.pdbx_ordinal                 1 
_reflns.observed_criterion_sigma_I   ? 
_reflns.observed_criterion_sigma_F   ? 
_reflns.d_resolution_low             55.460 
_reflns.d_resolution_high            1.150 
_reflns.number_obs                   32196 
_reflns.number_all                   ? 
_reflns.percent_possible_obs         73.400 
_reflns.pdbx_Rmerge_I_obs            0.047 
_reflns.pdbx_Rsym_value              ? 
_reflns.pdbx_netI_over_sigmaI        28.200 
_reflns.B_iso_Wilson_estimate        ? 
_reflns.pdbx_redundancy              5.400 
_reflns.pdbx_Rrim_I_all              0.051 
_reflns.pdbx_Rpim_I_all              0.021 
_reflns.pdbx_CC_half                 0.994 
_reflns.pdbx_netI_over_av_sigmaI     ? 
_reflns.pdbx_number_measured_all     173848 
_reflns.pdbx_scaling_rejects         0 
_reflns.pdbx_chi_squared             ? 
_reflns.Rmerge_F_all                 ? 
_reflns.Rmerge_F_obs                 ? 
_reflns.observed_criterion_F_max     ? 
_reflns.observed_criterion_F_min     ? 
_reflns.observed_criterion_I_max     ? 
_reflns.observed_criterion_I_min     ? 
_reflns.pdbx_d_res_high_opt          ? 
_reflns.pdbx_d_res_low_opt           ? 
_reflns.details                      ? 
# 
loop_
_reflns_shell.pdbx_diffrn_id 
_reflns_shell.pdbx_ordinal 
_reflns_shell.d_res_high 
_reflns_shell.d_res_low 
_reflns_shell.number_measured_obs 
_reflns_shell.number_measured_all 
_reflns_shell.number_unique_obs 
_reflns_shell.pdbx_rejects 
_reflns_shell.Rmerge_I_obs 
_reflns_shell.meanI_over_sigI_obs 
_reflns_shell.pdbx_Rsym_value 
_reflns_shell.pdbx_chi_squared 
_reflns_shell.pdbx_redundancy 
_reflns_shell.percent_possible_obs 
_reflns_shell.pdbx_netI_over_sigmaI_obs 
_reflns_shell.number_possible 
_reflns_shell.number_unique_all 
_reflns_shell.Rmerge_F_all 
_reflns_shell.Rmerge_F_obs 
_reflns_shell.Rmerge_I_all 
_reflns_shell.meanI_over_sigI_all 
_reflns_shell.percent_possible_all 
_reflns_shell.pdbx_Rrim_I_all 
_reflns_shell.pdbx_Rpim_I_all 
_reflns_shell.pdbx_CC_half 
1 1 1.150 1.170  ? 131  ? ? ?     ? ? ? 1.000 ? 2.600  ? 130 ? ? ? ? 6.100  ?     ?     ?     
1 2 6.300 55.460 ? 1681 ? ? 0.103 ? ? ? 5.600 ? 45.300 ? 302 ? ? ? ? 99.800 0.115 0.051 0.980 
# 
_refine.entry_id                                 7FV5 
_refine.pdbx_refine_id                           'X-RAY DIFFRACTION' 
_refine.ls_d_res_high                            1.1500 
_refine.ls_d_res_low                             55.4600 
_refine.pdbx_ls_sigma_F                          0.000 
_refine.pdbx_data_cutoff_high_absF               ? 
_refine.pdbx_data_cutoff_low_absF                ? 
_refine.ls_percent_reflns_obs                    73.2300 
_refine.ls_number_reflns_obs                     30564 
_refine.ls_number_reflns_all                     ? 
_refine.pdbx_ls_cross_valid_method               THROUGHOUT 
_refine.ls_matrix_type                           ? 
_refine.pdbx_R_Free_selection_details            RANDOM 
_refine.details                                  
'HYDROGENS HAVE BEEN ADDED IN THE RIDING POSITIONS U VALUES      : REFINED INDIVIDUALLY' 
_refine.ls_R_factor_all                          ? 
_refine.ls_R_factor_obs                          0.1746 
_refine.ls_R_factor_R_work                       0.1739 
_refine.ls_wR_factor_R_work                      ? 
_refine.ls_R_factor_R_free                       0.1879 
_refine.ls_wR_factor_R_free                      ? 
_refine.ls_percent_reflns_R_free                 5.1000 
_refine.ls_number_reflns_R_free                  1632 
_refine.ls_number_reflns_R_work                  ? 
_refine.ls_R_factor_R_free_error                 ? 
_refine.B_iso_mean                               17.0910 
_refine.solvent_model_param_bsol                 ? 
_refine.solvent_model_param_ksol                 ? 
_refine.pdbx_isotropic_thermal_model             ? 
_refine.aniso_B[1][1]                            -0.1700 
_refine.aniso_B[2][2]                            1.0100 
_refine.aniso_B[3][3]                            -0.8600 
_refine.aniso_B[1][2]                            -0.0000 
_refine.aniso_B[1][3]                            0.2200 
_refine.aniso_B[2][3]                            0.0000 
_refine.correlation_coeff_Fo_to_Fc               0.9570 
_refine.correlation_coeff_Fo_to_Fc_free          0.9590 
_refine.overall_SU_R_Cruickshank_DPI             ? 
_refine.pdbx_overall_SU_R_free_Cruickshank_DPI   ? 
_refine.pdbx_overall_SU_R_Blow_DPI               ? 
_refine.pdbx_overall_SU_R_free_Blow_DPI          ? 
_refine.overall_SU_R_free                        ? 
_refine.pdbx_overall_ESU_R                       0.0770 
_refine.pdbx_overall_ESU_R_Free                  0.0690 
_refine.overall_SU_ML                            0.0390 
_refine.overall_SU_B                             0.8210 
_refine.solvent_model_details                    MASK 
_refine.pdbx_solvent_vdw_probe_radii             1.2000 
_refine.pdbx_solvent_ion_probe_radii             0.8000 
_refine.pdbx_solvent_shrinkage_radii             0.8000 
_refine.ls_number_parameters                     ? 
_refine.ls_number_restraints                     ? 
_refine.pdbx_starting_model                      7av9 
_refine.pdbx_method_to_determine_struct          'FOURIER SYNTHESIS' 
_refine.pdbx_stereochemistry_target_values       'MAXIMUM LIKELIHOOD' 
_refine.pdbx_stereochem_target_val_spec_case     ? 
_refine.overall_FOM_work_R_set                   ? 
_refine.B_iso_max                                51.090 
_refine.B_iso_min                                8.020 
_refine.pdbx_overall_phase_error                 ? 
_refine.occupancy_max                            ? 
_refine.occupancy_min                            ? 
_refine.pdbx_diffrn_id                           1 
_refine.pdbx_TLS_residual_ADP_flag               ? 
_refine.pdbx_ls_sigma_I                          ? 
_refine.pdbx_data_cutoff_high_rms_absF           ? 
_refine.ls_R_factor_R_free_error_details         ? 
# 
_refine_hist.cycle_id                         final 
_refine_hist.pdbx_refine_id                   'X-RAY DIFFRACTION' 
_refine_hist.d_res_high                       1.1500 
_refine_hist.d_res_low                        55.4600 
_refine_hist.pdbx_number_atoms_ligand         22 
_refine_hist.number_atoms_solvent             214 
_refine_hist.number_atoms_total               1231 
_refine_hist.pdbx_number_residues_total       120 
_refine_hist.pdbx_B_iso_mean_ligand           23.64 
_refine_hist.pdbx_B_iso_mean_solvent          25.92 
_refine_hist.pdbx_number_atoms_protein        995 
_refine_hist.pdbx_number_atoms_nucleic_acid   0 
# 
loop_
_refine_ls_restr.pdbx_refine_id 
_refine_ls_restr.type 
_refine_ls_restr.number 
_refine_ls_restr.dev_ideal 
_refine_ls_restr.dev_ideal_target 
_refine_ls_restr.weight 
_refine_ls_restr.pdbx_restraint_function 
'X-RAY DIFFRACTION' r_bond_refined_d       2946 0.009  0.015  ? ? 
'X-RAY DIFFRACTION' r_bond_other_d         1981 0.001  0.014  ? ? 
'X-RAY DIFFRACTION' r_angle_refined_deg    2992 1.656  1.675  ? ? 
'X-RAY DIFFRACTION' r_angle_other_deg      4613 1.472  1.587  ? ? 
'X-RAY DIFFRACTION' r_dihedral_angle_1_deg 277  6.073  5.000  ? ? 
'X-RAY DIFFRACTION' r_dihedral_angle_2_deg 133  22.784 19.774 ? ? 
'X-RAY DIFFRACTION' r_dihedral_angle_3_deg 375  13.592 15.000 ? ? 
'X-RAY DIFFRACTION' r_dihedral_angle_4_deg 24   10.698 15.000 ? ? 
'X-RAY DIFFRACTION' r_chiral_restr         273  0.091  0.200  ? ? 
'X-RAY DIFFRACTION' r_gen_planes_refined   2603 0.009  0.020  ? ? 
'X-RAY DIFFRACTION' r_gen_planes_other     553  0.002  0.020  ? ? 
'X-RAY DIFFRACTION' r_mcbond_it            1399 1.497  1.664  ? ? 
'X-RAY DIFFRACTION' r_mcbond_other         1324 1.538  1.597  ? ? 
'X-RAY DIFFRACTION' r_mcangle_it           1321 3.038  2.280  ? ? 
# 
_refine_ls_shell.d_res_high                       1.1500 
_refine_ls_shell.d_res_low                        1.1800 
_refine_ls_shell.pdbx_total_number_of_bins_used   20 
_refine_ls_shell.percent_reflns_obs               8.0100 
_refine_ls_shell.number_reflns_R_work             244 
_refine_ls_shell.R_factor_all                     ? 
_refine_ls_shell.R_factor_R_work                  0.2150 
_refine_ls_shell.R_factor_R_free                  0.2250 
_refine_ls_shell.percent_reflns_R_free            ? 
_refine_ls_shell.number_reflns_R_free             16 
_refine_ls_shell.R_factor_R_free_error            ? 
_refine_ls_shell.number_reflns_all                260 
_refine_ls_shell.number_reflns_obs                ? 
_refine_ls_shell.pdbx_refine_id                   'X-RAY DIFFRACTION' 
# 
_struct.entry_id                  7FV5 
_struct.title                     'PanDDA analysis group deposition -- PHIP in complex with Z606695272' 
_struct.pdbx_model_details        ? 
_struct.pdbx_CASP_flag            ? 
_struct.pdbx_model_type_details   ? 
# 
_struct_keywords.entry_id        7FV5 
_struct_keywords.text            
'False negatives, ligand features, rescreening, catalogue, fragment follow-ups, automated chemistry, SIGNALING PROTEIN' 
_struct_keywords.pdbx_keywords   'SIGNALING PROTEIN' 
# 
loop_
_struct_asym.id 
_struct_asym.pdbx_blank_PDB_chainid_flag 
_struct_asym.pdbx_modified 
_struct_asym.entity_id 
_struct_asym.details 
A N N 1 ? 
B N N 2 ? 
C N N 3 ? 
# 
_struct_ref.id                         1 
_struct_ref.db_name                    UNP 
_struct_ref.db_code                    PHIP_HUMAN 
_struct_ref.pdbx_db_accession          Q8WWQ0 
_struct_ref.pdbx_db_isoform            ? 
_struct_ref.entity_id                  1 
_struct_ref.pdbx_seq_one_letter_code   
;SYDIQAWKKQCEELLNLIFQCEDSEPFRQPVDLLEYPDYRDIIDTPMDFATVRETLEAGNYESPMELCKDVRLIFSNSKA
YTPSKRSRIYSMSLRLSAFFEEHISSVLSDYKSALRFHKRNTITKR
;
_struct_ref.pdbx_align_begin           1315 
# 
_struct_ref_seq.align_id                      1 
_struct_ref_seq.ref_id                        1 
_struct_ref_seq.pdbx_PDB_id_code              7FV5 
_struct_ref_seq.pdbx_strand_id                A 
_struct_ref_seq.seq_align_beg                 24 
_struct_ref_seq.pdbx_seq_align_beg_ins_code   ? 
_struct_ref_seq.seq_align_end                 149 
_struct_ref_seq.pdbx_seq_align_end_ins_code   ? 
_struct_ref_seq.pdbx_db_accession             Q8WWQ0 
_struct_ref_seq.db_align_beg                  1315 
_struct_ref_seq.pdbx_db_align_beg_ins_code    ? 
_struct_ref_seq.db_align_end                  1440 
_struct_ref_seq.pdbx_db_align_end_ins_code    ? 
_struct_ref_seq.pdbx_auth_seq_align_beg       1315 
_struct_ref_seq.pdbx_auth_seq_align_end       1440 
# 
loop_
_struct_ref_seq_dif.align_id 
_struct_ref_seq_dif.pdbx_pdb_id_code 
_struct_ref_seq_dif.mon_id 
_struct_ref_seq_dif.pdbx_pdb_strand_id 
_struct_ref_seq_dif.seq_num 
_struct_ref_seq_dif.pdbx_pdb_ins_code 
_struct_ref_seq_dif.pdbx_seq_db_name 
_struct_ref_seq_dif.pdbx_seq_db_accession_code 
_struct_ref_seq_dif.db_mon_id 
_struct_ref_seq_dif.pdbx_seq_db_seq_num 
_struct_ref_seq_dif.details 
_struct_ref_seq_dif.pdbx_auth_seq_num 
_struct_ref_seq_dif.pdbx_ordinal 
1 7FV5 MET A 1  ? UNP Q8WWQ0 ? ? 'initiating methionine' 1292 1  
1 7FV5 HIS A 2  ? UNP Q8WWQ0 ? ? 'expression tag'        1293 2  
1 7FV5 HIS A 3  ? UNP Q8WWQ0 ? ? 'expression tag'        1294 3  
1 7FV5 HIS A 4  ? UNP Q8WWQ0 ? ? 'expression tag'        1295 4  
1 7FV5 HIS A 5  ? UNP Q8WWQ0 ? ? 'expression tag'        1296 5  
1 7FV5 HIS A 6  ? UNP Q8WWQ0 ? ? 'expression tag'        1297 6  
1 7FV5 HIS A 7  ? UNP Q8WWQ0 ? ? 'expression tag'        1298 7  
1 7FV5 SER A 8  ? UNP Q8WWQ0 ? ? 'expression tag'        1299 8  
1 7FV5 SER A 9  ? UNP Q8WWQ0 ? ? 'expression tag'        1300 9  
1 7FV5 GLY A 10 ? UNP Q8WWQ0 ? ? 'expression tag'        1301 10 
1 7FV5 VAL A 11 ? UNP Q8WWQ0 ? ? 'expression tag'        1302 11 
1 7FV5 ASP A 12 ? UNP Q8WWQ0 ? ? 'expression tag'        1303 12 
1 7FV5 LEU A 13 ? UNP Q8WWQ0 ? ? 'expression tag'        1304 13 
1 7FV5 GLY A 14 ? UNP Q8WWQ0 ? ? 'expression tag'        1305 14 
1 7FV5 THR A 15 ? UNP Q8WWQ0 ? ? 'expression tag'        1306 15 
1 7FV5 GLU A 16 ? UNP Q8WWQ0 ? ? 'expression tag'        1307 16 
1 7FV5 ASN A 17 ? UNP Q8WWQ0 ? ? 'expression tag'        1308 17 
1 7FV5 LEU A 18 ? UNP Q8WWQ0 ? ? 'expression tag'        1309 18 
1 7FV5 TYR A 19 ? UNP Q8WWQ0 ? ? 'expression tag'        1310 19 
1 7FV5 PHE A 20 ? UNP Q8WWQ0 ? ? 'expression tag'        1311 20 
1 7FV5 GLN A 21 ? UNP Q8WWQ0 ? ? 'expression tag'        1312 21 
1 7FV5 SER A 22 ? UNP Q8WWQ0 ? ? 'expression tag'        1313 22 
1 7FV5 MET A 23 ? UNP Q8WWQ0 ? ? 'expression tag'        1314 23 
# 
_pdbx_struct_assembly.id                   1 
_pdbx_struct_assembly.details              author_and_software_defined_assembly 
_pdbx_struct_assembly.method_details       PISA 
_pdbx_struct_assembly.oligomeric_details   monomeric 
_pdbx_struct_assembly.oligomeric_count     1 
# 
_pdbx_struct_assembly_gen.assembly_id       1 
_pdbx_struct_assembly_gen.oper_expression   1 
_pdbx_struct_assembly_gen.asym_id_list      A,B,C 
# 
_pdbx_struct_oper_list.id                   1 
_pdbx_struct_oper_list.type                 'identity operation' 
_pdbx_struct_oper_list.name                 1_555 
_pdbx_struct_oper_list.symmetry_operation   x,y,z 
_pdbx_struct_oper_list.matrix[1][1]         1.0000000000 
_pdbx_struct_oper_list.matrix[1][2]         0.0000000000 
_pdbx_struct_oper_list.matrix[1][3]         0.0000000000 
_pdbx_struct_oper_list.vector[1]            0.0000000000 
_pdbx_struct_oper_list.matrix[2][1]         0.0000000000 
_pdbx_struct_oper_list.matrix[2][2]         1.0000000000 
_pdbx_struct_oper_list.matrix[2][3]         0.0000000000 
_pdbx_struct_oper_list.vector[2]            0.0000000000 
_pdbx_struct_oper_list.matrix[3][1]         0.0000000000 
_pdbx_struct_oper_list.matrix[3][2]         0.0000000000 
_pdbx_struct_oper_list.matrix[3][3]         1.0000000000 
_pdbx_struct_oper_list.vector[3]            0.0000000000 
# 
loop_
_struct_conf.conf_type_id 
_struct_conf.id 
_struct_conf.pdbx_PDB_helix_id 
_struct_conf.beg_label_comp_id 
_struct_conf.beg_label_asym_id 
_struct_conf.beg_label_seq_id 
_struct_conf.pdbx_beg_PDB_ins_code 
_struct_conf.end_label_comp_id 
_struct_conf.end_label_asym_id 
_struct_conf.end_label_seq_id 
_struct_conf.pdbx_end_PDB_ins_code 
_struct_conf.beg_auth_comp_id 
_struct_conf.beg_auth_asym_id 
_struct_conf.beg_auth_seq_id 
_struct_conf.end_auth_comp_id 
_struct_conf.end_auth_asym_id 
_struct_conf.end_auth_seq_id 
_struct_conf.pdbx_PDB_helix_class 
_struct_conf.details 
_struct_conf.pdbx_PDB_helix_length 
HELX_P HELX_P1 AA1 ALA A 29  ? CYS A 44  ? ALA A 1320 CYS A 1335 1 ? 16 
HELX_P HELX_P2 AA2 GLU A 45  ? ARG A 51  ? GLU A 1336 ARG A 1342 5 ? 7  
HELX_P HELX_P3 AA3 ASP A 61  ? ILE A 66  ? ASP A 1352 ILE A 1357 1 ? 6  
HELX_P HELX_P4 AA4 ASP A 71  ? ALA A 81  ? ASP A 1362 ALA A 1372 1 ? 11 
HELX_P HELX_P5 AA5 SER A 86  ? THR A 105 ? SER A 1377 THR A 1396 1 ? 20 
HELX_P HELX_P6 AA6 SER A 110 ? ARG A 143 ? SER A 1401 ARG A 1434 1 ? 34 
# 
_struct_conf_type.id          HELX_P 
_struct_conf_type.criteria    ? 
_struct_conf_type.reference   ? 
# 
loop_
_pdbx_validate_close_contact.id 
_pdbx_validate_close_contact.PDB_model_num 
_pdbx_validate_close_contact.auth_atom_id_1 
_pdbx_validate_close_contact.auth_asym_id_1 
_pdbx_validate_close_contact.auth_comp_id_1 
_pdbx_validate_close_contact.auth_seq_id_1 
_pdbx_validate_close_contact.PDB_ins_code_1 
_pdbx_validate_close_contact.label_alt_id_1 
_pdbx_validate_close_contact.auth_atom_id_2 
_pdbx_validate_close_contact.auth_asym_id_2 
_pdbx_validate_close_contact.auth_comp_id_2 
_pdbx_validate_close_contact.auth_seq_id_2 
_pdbx_validate_close_contact.PDB_ins_code_2 
_pdbx_validate_close_contact.label_alt_id_2 
_pdbx_validate_close_contact.dist 
1 1 O A HOH 2086 ? ? O A HOH 2097 ? ? 2.08 
2 1 O A HOH 2159 ? ? O A HOH 2203 ? ? 2.18 
# 
_pdbx_validate_symm_contact.id                1 
_pdbx_validate_symm_contact.PDB_model_num     1 
_pdbx_validate_symm_contact.auth_atom_id_1    O 
_pdbx_validate_symm_contact.auth_asym_id_1    A 
_pdbx_validate_symm_contact.auth_comp_id_1    HOH 
_pdbx_validate_symm_contact.auth_seq_id_1     2003 
_pdbx_validate_symm_contact.PDB_ins_code_1    ? 
_pdbx_validate_symm_contact.label_alt_id_1    ? 
_pdbx_validate_symm_contact.site_symmetry_1   1_555 
_pdbx_validate_symm_contact.auth_atom_id_2    O 
_pdbx_validate_symm_contact.auth_asym_id_2    A 
_pdbx_validate_symm_contact.auth_comp_id_2    HOH 
_pdbx_validate_symm_contact.auth_seq_id_2     2153 
_pdbx_validate_symm_contact.PDB_ins_code_2    ? 
_pdbx_validate_symm_contact.label_alt_id_2    ? 
_pdbx_validate_symm_contact.site_symmetry_2   4_446 
_pdbx_validate_symm_contact.dist              2.05 
# 
loop_
_pdbx_validate_torsion.id 
_pdbx_validate_torsion.PDB_model_num 
_pdbx_validate_torsion.auth_comp_id 
_pdbx_validate_torsion.auth_asym_id 
_pdbx_validate_torsion.auth_seq_id 
_pdbx_validate_torsion.PDB_ins_code 
_pdbx_validate_torsion.label_alt_id 
_pdbx_validate_torsion.phi 
_pdbx_validate_torsion.psi 
1 1 TYR A 1350 ? ? -118.65 73.65 
2 1 ARG A 1400 ? ? -96.08  55.75 
# 
loop_
_pdbx_struct_special_symmetry.id 
_pdbx_struct_special_symmetry.PDB_model_num 
_pdbx_struct_special_symmetry.auth_asym_id 
_pdbx_struct_special_symmetry.auth_comp_id 
_pdbx_struct_special_symmetry.auth_seq_id 
_pdbx_struct_special_symmetry.PDB_ins_code 
_pdbx_struct_special_symmetry.label_asym_id 
_pdbx_struct_special_symmetry.label_comp_id 
_pdbx_struct_special_symmetry.label_seq_id 
1 1 A HOH 2074 ? C HOH . 
2 1 A HOH 2207 ? C HOH . 
# 
_phasing.method   MR 
# 
_pdbx_entry_details.entry_id                 7FV5 
_pdbx_entry_details.compound_details         ? 
_pdbx_entry_details.source_details           ? 
_pdbx_entry_details.nonpolymer_details       ? 
_pdbx_entry_details.sequence_details         ? 
_pdbx_entry_details.has_ligand_of_interest   Y 
# 
loop_
_pdbx_unobs_or_zero_occ_residues.id 
_pdbx_unobs_or_zero_occ_residues.PDB_model_num 
_pdbx_unobs_or_zero_occ_residues.polymer_flag 
_pdbx_unobs_or_zero_occ_residues.occupancy_flag 
_pdbx_unobs_or_zero_occ_residues.auth_asym_id 
_pdbx_unobs_or_zero_occ_residues.auth_comp_id 
_pdbx_unobs_or_zero_occ_residues.auth_seq_id 
_pdbx_unobs_or_zero_occ_residues.PDB_ins_code 
_pdbx_unobs_or_zero_occ_residues.label_asym_id 
_pdbx_unobs_or_zero_occ_residues.label_comp_id 
_pdbx_unobs_or_zero_occ_residues.label_seq_id 
1  1 Y 1 A MET 1292 ? A MET 1   
2  1 Y 1 A HIS 1293 ? A HIS 2   
3  1 Y 1 A HIS 1294 ? A HIS 3   
4  1 Y 1 A HIS 1295 ? A HIS 4   
5  1 Y 1 A HIS 1296 ? A HIS 5   
6  1 Y 1 A HIS 1297 ? A HIS 6   
7  1 Y 1 A HIS 1298 ? A HIS 7   
8  1 Y 1 A SER 1299 ? A SER 8   
9  1 Y 1 A SER 1300 ? A SER 9   
10 1 Y 1 A GLY 1301 ? A GLY 10  
11 1 Y 1 A VAL 1302 ? A VAL 11  
12 1 Y 1 A ASP 1303 ? A ASP 12  
13 1 Y 1 A LEU 1304 ? A LEU 13  
14 1 Y 1 A GLY 1305 ? A GLY 14  
15 1 Y 1 A THR 1306 ? A THR 15  
16 1 Y 1 A GLU 1307 ? A GLU 16  
17 1 Y 1 A ASN 1308 ? A ASN 17  
18 1 Y 1 A LEU 1309 ? A LEU 18  
19 1 Y 1 A TYR 1310 ? A TYR 19  
20 1 Y 1 A PHE 1311 ? A PHE 20  
21 1 Y 1 A GLN 1312 ? A GLN 21  
22 1 Y 1 A SER 1313 ? A SER 22  
23 1 Y 1 A MET 1314 ? A MET 23  
24 1 Y 1 A ASN 1435 ? A ASN 144 
25 1 Y 1 A THR 1436 ? A THR 145 
26 1 Y 1 A ILE 1437 ? A ILE 146 
27 1 Y 1 A THR 1438 ? A THR 147 
28 1 Y 1 A LYS 1439 ? A LYS 148 
29 1 Y 1 A ARG 1440 ? A ARG 149 
# 
loop_
_chem_comp_atom.comp_id 
_chem_comp_atom.atom_id 
_chem_comp_atom.type_symbol 
_chem_comp_atom.pdbx_aromatic_flag 
_chem_comp_atom.pdbx_stereo_config 
_chem_comp_atom.pdbx_ordinal 
ALA N    N N N 1   
ALA CA   C N S 2   
ALA C    C N N 3   
ALA O    O N N 4   
ALA CB   C N N 5   
ALA OXT  O N N 6   
ALA H    H N N 7   
ALA H2   H N N 8   
ALA HA   H N N 9   
ALA HB1  H N N 10  
ALA HB2  H N N 11  
ALA HB3  H N N 12  
ALA HXT  H N N 13  
ARG N    N N N 14  
ARG CA   C N S 15  
ARG C    C N N 16  
ARG O    O N N 17  
ARG CB   C N N 18  
ARG CG   C N N 19  
ARG CD   C N N 20  
ARG NE   N N N 21  
ARG CZ   C N N 22  
ARG NH1  N N N 23  
ARG NH2  N N N 24  
ARG OXT  O N N 25  
ARG H    H N N 26  
ARG H2   H N N 27  
ARG HA   H N N 28  
ARG HB2  H N N 29  
ARG HB3  H N N 30  
ARG HG2  H N N 31  
ARG HG3  H N N 32  
ARG HD2  H N N 33  
ARG HD3  H N N 34  
ARG HE   H N N 35  
ARG HH11 H N N 36  
ARG HH12 H N N 37  
ARG HH21 H N N 38  
ARG HH22 H N N 39  
ARG HXT  H N N 40  
ASN N    N N N 41  
ASN CA   C N S 42  
ASN C    C N N 43  
ASN O    O N N 44  
ASN CB   C N N 45  
ASN CG   C N N 46  
ASN OD1  O N N 47  
ASN ND2  N N N 48  
ASN OXT  O N N 49  
ASN H    H N N 50  
ASN H2   H N N 51  
ASN HA   H N N 52  
ASN HB2  H N N 53  
ASN HB3  H N N 54  
ASN HD21 H N N 55  
ASN HD22 H N N 56  
ASN HXT  H N N 57  
ASP N    N N N 58  
ASP CA   C N S 59  
ASP C    C N N 60  
ASP O    O N N 61  
ASP CB   C N N 62  
ASP CG   C N N 63  
ASP OD1  O N N 64  
ASP OD2  O N N 65  
ASP OXT  O N N 66  
ASP H    H N N 67  
ASP H2   H N N 68  
ASP HA   H N N 69  
ASP HB2  H N N 70  
ASP HB3  H N N 71  
ASP HD2  H N N 72  
ASP HXT  H N N 73  
CYS N    N N N 74  
CYS CA   C N R 75  
CYS C    C N N 76  
CYS O    O N N 77  
CYS CB   C N N 78  
CYS SG   S N N 79  
CYS OXT  O N N 80  
CYS H    H N N 81  
CYS H2   H N N 82  
CYS HA   H N N 83  
CYS HB2  H N N 84  
CYS HB3  H N N 85  
CYS HG   H N N 86  
CYS HXT  H N N 87  
GLN N    N N N 88  
GLN CA   C N S 89  
GLN C    C N N 90  
GLN O    O N N 91  
GLN CB   C N N 92  
GLN CG   C N N 93  
GLN CD   C N N 94  
GLN OE1  O N N 95  
GLN NE2  N N N 96  
GLN OXT  O N N 97  
GLN H    H N N 98  
GLN H2   H N N 99  
GLN HA   H N N 100 
GLN HB2  H N N 101 
GLN HB3  H N N 102 
GLN HG2  H N N 103 
GLN HG3  H N N 104 
GLN HE21 H N N 105 
GLN HE22 H N N 106 
GLN HXT  H N N 107 
GLU N    N N N 108 
GLU CA   C N S 109 
GLU C    C N N 110 
GLU O    O N N 111 
GLU CB   C N N 112 
GLU CG   C N N 113 
GLU CD   C N N 114 
GLU OE1  O N N 115 
GLU OE2  O N N 116 
GLU OXT  O N N 117 
GLU H    H N N 118 
GLU H2   H N N 119 
GLU HA   H N N 120 
GLU HB2  H N N 121 
GLU HB3  H N N 122 
GLU HG2  H N N 123 
GLU HG3  H N N 124 
GLU HE2  H N N 125 
GLU HXT  H N N 126 
GLY N    N N N 127 
GLY CA   C N N 128 
GLY C    C N N 129 
GLY O    O N N 130 
GLY OXT  O N N 131 
GLY H    H N N 132 
GLY H2   H N N 133 
GLY HA2  H N N 134 
GLY HA3  H N N 135 
GLY HXT  H N N 136 
HIS N    N N N 137 
HIS CA   C N S 138 
HIS C    C N N 139 
HIS O    O N N 140 
HIS CB   C N N 141 
HIS CG   C Y N 142 
HIS ND1  N Y N 143 
HIS CD2  C Y N 144 
HIS CE1  C Y N 145 
HIS NE2  N Y N 146 
HIS OXT  O N N 147 
HIS H    H N N 148 
HIS H2   H N N 149 
HIS HA   H N N 150 
HIS HB2  H N N 151 
HIS HB3  H N N 152 
HIS HD1  H N N 153 
HIS HD2  H N N 154 
HIS HE1  H N N 155 
HIS HE2  H N N 156 
HIS HXT  H N N 157 
HOH O    O N N 158 
HOH H1   H N N 159 
HOH H2   H N N 160 
ILE N    N N N 161 
ILE CA   C N S 162 
ILE C    C N N 163 
ILE O    O N N 164 
ILE CB   C N S 165 
ILE CG1  C N N 166 
ILE CG2  C N N 167 
ILE CD1  C N N 168 
ILE OXT  O N N 169 
ILE H    H N N 170 
ILE H2   H N N 171 
ILE HA   H N N 172 
ILE HB   H N N 173 
ILE HG12 H N N 174 
ILE HG13 H N N 175 
ILE HG21 H N N 176 
ILE HG22 H N N 177 
ILE HG23 H N N 178 
ILE HD11 H N N 179 
ILE HD12 H N N 180 
ILE HD13 H N N 181 
ILE HXT  H N N 182 
LEU N    N N N 183 
LEU CA   C N S 184 
LEU C    C N N 185 
LEU O    O N N 186 
LEU CB   C N N 187 
LEU CG   C N N 188 
LEU CD1  C N N 189 
LEU CD2  C N N 190 
LEU OXT  O N N 191 
LEU H    H N N 192 
LEU H2   H N N 193 
LEU HA   H N N 194 
LEU HB2  H N N 195 
LEU HB3  H N N 196 
LEU HG   H N N 197 
LEU HD11 H N N 198 
LEU HD12 H N N 199 
LEU HD13 H N N 200 
LEU HD21 H N N 201 
LEU HD22 H N N 202 
LEU HD23 H N N 203 
LEU HXT  H N N 204 
LYS N    N N N 205 
LYS CA   C N S 206 
LYS C    C N N 207 
LYS O    O N N 208 
LYS CB   C N N 209 
LYS CG   C N N 210 
LYS CD   C N N 211 
LYS CE   C N N 212 
LYS NZ   N N N 213 
LYS OXT  O N N 214 
LYS H    H N N 215 
LYS H2   H N N 216 
LYS HA   H N N 217 
LYS HB2  H N N 218 
LYS HB3  H N N 219 
LYS HG2  H N N 220 
LYS HG3  H N N 221 
LYS HD2  H N N 222 
LYS HD3  H N N 223 
LYS HE2  H N N 224 
LYS HE3  H N N 225 
LYS HZ1  H N N 226 
LYS HZ2  H N N 227 
LYS HZ3  H N N 228 
LYS HXT  H N N 229 
MET N    N N N 230 
MET CA   C N S 231 
MET C    C N N 232 
MET O    O N N 233 
MET CB   C N N 234 
MET CG   C N N 235 
MET SD   S N N 236 
MET CE   C N N 237 
MET OXT  O N N 238 
MET H    H N N 239 
MET H2   H N N 240 
MET HA   H N N 241 
MET HB2  H N N 242 
MET HB3  H N N 243 
MET HG2  H N N 244 
MET HG3  H N N 245 
MET HE1  H N N 246 
MET HE2  H N N 247 
MET HE3  H N N 248 
MET HXT  H N N 249 
PHE N    N N N 250 
PHE CA   C N S 251 
PHE C    C N N 252 
PHE O    O N N 253 
PHE CB   C N N 254 
PHE CG   C Y N 255 
PHE CD1  C Y N 256 
PHE CD2  C Y N 257 
PHE CE1  C Y N 258 
PHE CE2  C Y N 259 
PHE CZ   C Y N 260 
PHE OXT  O N N 261 
PHE H    H N N 262 
PHE H2   H N N 263 
PHE HA   H N N 264 
PHE HB2  H N N 265 
PHE HB3  H N N 266 
PHE HD1  H N N 267 
PHE HD2  H N N 268 
PHE HE1  H N N 269 
PHE HE2  H N N 270 
PHE HZ   H N N 271 
PHE HXT  H N N 272 
PRO N    N N N 273 
PRO CA   C N S 274 
PRO C    C N N 275 
PRO O    O N N 276 
PRO CB   C N N 277 
PRO CG   C N N 278 
PRO CD   C N N 279 
PRO OXT  O N N 280 
PRO H    H N N 281 
PRO HA   H N N 282 
PRO HB2  H N N 283 
PRO HB3  H N N 284 
PRO HG2  H N N 285 
PRO HG3  H N N 286 
PRO HD2  H N N 287 
PRO HD3  H N N 288 
PRO HXT  H N N 289 
SER N    N N N 290 
SER CA   C N S 291 
SER C    C N N 292 
SER O    O N N 293 
SER CB   C N N 294 
SER OG   O N N 295 
SER OXT  O N N 296 
SER H    H N N 297 
SER H2   H N N 298 
SER HA   H N N 299 
SER HB2  H N N 300 
SER HB3  H N N 301 
SER HG   H N N 302 
SER HXT  H N N 303 
THR N    N N N 304 
THR CA   C N S 305 
THR C    C N N 306 
THR O    O N N 307 
THR CB   C N R 308 
THR OG1  O N N 309 
THR CG2  C N N 310 
THR OXT  O N N 311 
THR H    H N N 312 
THR H2   H N N 313 
THR HA   H N N 314 
THR HB   H N N 315 
THR HG1  H N N 316 
THR HG21 H N N 317 
THR HG22 H N N 318 
THR HG23 H N N 319 
THR HXT  H N N 320 
TRP N    N N N 321 
TRP CA   C N S 322 
TRP C    C N N 323 
TRP O    O N N 324 
TRP CB   C N N 325 
TRP CG   C Y N 326 
TRP CD1  C Y N 327 
TRP CD2  C Y N 328 
TRP NE1  N Y N 329 
TRP CE2  C Y N 330 
TRP CE3  C Y N 331 
TRP CZ2  C Y N 332 
TRP CZ3  C Y N 333 
TRP CH2  C Y N 334 
TRP OXT  O N N 335 
TRP H    H N N 336 
TRP H2   H N N 337 
TRP HA   H N N 338 
TRP HB2  H N N 339 
TRP HB3  H N N 340 
TRP HD1  H N N 341 
TRP HE1  H N N 342 
TRP HE3  H N N 343 
TRP HZ2  H N N 344 
TRP HZ3  H N N 345 
TRP HH2  H N N 346 
TRP HXT  H N N 347 
TYR N    N N N 348 
TYR CA   C N S 349 
TYR C    C N N 350 
TYR O    O N N 351 
TYR CB   C N N 352 
TYR CG   C Y N 353 
TYR CD1  C Y N 354 
TYR CD2  C Y N 355 
TYR CE1  C Y N 356 
TYR CE2  C Y N 357 
TYR CZ   C Y N 358 
TYR OH   O N N 359 
TYR OXT  O N N 360 
TYR H    H N N 361 
TYR H2   H N N 362 
TYR HA   H N N 363 
TYR HB2  H N N 364 
TYR HB3  H N N 365 
TYR HD1  H N N 366 
TYR HD2  H N N 367 
TYR HE1  H N N 368 
TYR HE2  H N N 369 
TYR HH   H N N 370 
TYR HXT  H N N 371 
VAL N    N N N 372 
VAL CA   C N S 373 
VAL C    C N N 374 
VAL O    O N N 375 
VAL CB   C N N 376 
VAL CG1  C N N 377 
VAL CG2  C N N 378 
VAL OXT  O N N 379 
VAL H    H N N 380 
VAL H2   H N N 381 
VAL HA   H N N 382 
VAL HB   H N N 383 
VAL HG11 H N N 384 
VAL HG12 H N N 385 
VAL HG13 H N N 386 
VAL HG21 H N N 387 
VAL HG22 H N N 388 
VAL HG23 H N N 389 
VAL HXT  H N N 390 
ZKU N1   N N N 391 
ZKU N3   N N N 392 
ZKU C4   C Y N 393 
ZKU C5   C Y N 394 
ZKU C6   C Y N 395 
ZKU C7   C N N 396 
ZKU C8   C N N 397 
ZKU C10  C N N 398 
ZKU C13  C Y N 399 
ZKU C15  C Y N 400 
ZKU C1   C N N 401 
ZKU C11  C N N 402 
ZKU C12  C Y N 403 
ZKU C14  C Y N 404 
ZKU C2   C Y N 405 
ZKU C3   C Y N 406 
ZKU C9   C N N 407 
ZKU N2   N Y N 408 
ZKU N4   N N N 409 
ZKU O1   O N N 410 
ZKU O2   O N N 411 
ZKU O3   O Y N 412 
ZKU H1   H N N 413 
ZKU H3   H N N 414 
ZKU H4   H N N 415 
ZKU H5   H N N 416 
ZKU H6   H N N 417 
ZKU H7   H N N 418 
ZKU H8   H N N 419 
ZKU H9   H N N 420 
ZKU H12  H N N 421 
ZKU H13  H N N 422 
ZKU H14  H N N 423 
ZKU H16  H N N 424 
ZKU H15  H N N 425 
ZKU H2   H N N 426 
ZKU H10  H N N 427 
ZKU H11  H N N 428 
# 
loop_
_chem_comp_bond.comp_id 
_chem_comp_bond.atom_id_1 
_chem_comp_bond.atom_id_2 
_chem_comp_bond.value_order 
_chem_comp_bond.pdbx_aromatic_flag 
_chem_comp_bond.pdbx_stereo_config 
_chem_comp_bond.pdbx_ordinal 
ALA N   CA   sing N N 1   
ALA N   H    sing N N 2   
ALA N   H2   sing N N 3   
ALA CA  C    sing N N 4   
ALA CA  CB   sing N N 5   
ALA CA  HA   sing N N 6   
ALA C   O    doub N N 7   
ALA C   OXT  sing N N 8   
ALA CB  HB1  sing N N 9   
ALA CB  HB2  sing N N 10  
ALA CB  HB3  sing N N 11  
ALA OXT HXT  sing N N 12  
ARG N   CA   sing N N 13  
ARG N   H    sing N N 14  
ARG N   H2   sing N N 15  
ARG CA  C    sing N N 16  
ARG CA  CB   sing N N 17  
ARG CA  HA   sing N N 18  
ARG C   O    doub N N 19  
ARG C   OXT  sing N N 20  
ARG CB  CG   sing N N 21  
ARG CB  HB2  sing N N 22  
ARG CB  HB3  sing N N 23  
ARG CG  CD   sing N N 24  
ARG CG  HG2  sing N N 25  
ARG CG  HG3  sing N N 26  
ARG CD  NE   sing N N 27  
ARG CD  HD2  sing N N 28  
ARG CD  HD3  sing N N 29  
ARG NE  CZ   sing N N 30  
ARG NE  HE   sing N N 31  
ARG CZ  NH1  sing N N 32  
ARG CZ  NH2  doub N N 33  
ARG NH1 HH11 sing N N 34  
ARG NH1 HH12 sing N N 35  
ARG NH2 HH21 sing N N 36  
ARG NH2 HH22 sing N N 37  
ARG OXT HXT  sing N N 38  
ASN N   CA   sing N N 39  
ASN N   H    sing N N 40  
ASN N   H2   sing N N 41  
ASN CA  C    sing N N 42  
ASN CA  CB   sing N N 43  
ASN CA  HA   sing N N 44  
ASN C   O    doub N N 45  
ASN C   OXT  sing N N 46  
ASN CB  CG   sing N N 47  
ASN CB  HB2  sing N N 48  
ASN CB  HB3  sing N N 49  
ASN CG  OD1  doub N N 50  
ASN CG  ND2  sing N N 51  
ASN ND2 HD21 sing N N 52  
ASN ND2 HD22 sing N N 53  
ASN OXT HXT  sing N N 54  
ASP N   CA   sing N N 55  
ASP N   H    sing N N 56  
ASP N   H2   sing N N 57  
ASP CA  C    sing N N 58  
ASP CA  CB   sing N N 59  
ASP CA  HA   sing N N 60  
ASP C   O    doub N N 61  
ASP C   OXT  sing N N 62  
ASP CB  CG   sing N N 63  
ASP CB  HB2  sing N N 64  
ASP CB  HB3  sing N N 65  
ASP CG  OD1  doub N N 66  
ASP CG  OD2  sing N N 67  
ASP OD2 HD2  sing N N 68  
ASP OXT HXT  sing N N 69  
CYS N   CA   sing N N 70  
CYS N   H    sing N N 71  
CYS N   H2   sing N N 72  
CYS CA  C    sing N N 73  
CYS CA  CB   sing N N 74  
CYS CA  HA   sing N N 75  
CYS C   O    doub N N 76  
CYS C   OXT  sing N N 77  
CYS CB  SG   sing N N 78  
CYS CB  HB2  sing N N 79  
CYS CB  HB3  sing N N 80  
CYS SG  HG   sing N N 81  
CYS OXT HXT  sing N N 82  
GLN N   CA   sing N N 83  
GLN N   H    sing N N 84  
GLN N   H2   sing N N 85  
GLN CA  C    sing N N 86  
GLN CA  CB   sing N N 87  
GLN CA  HA   sing N N 88  
GLN C   O    doub N N 89  
GLN C   OXT  sing N N 90  
GLN CB  CG   sing N N 91  
GLN CB  HB2  sing N N 92  
GLN CB  HB3  sing N N 93  
GLN CG  CD   sing N N 94  
GLN CG  HG2  sing N N 95  
GLN CG  HG3  sing N N 96  
GLN CD  OE1  doub N N 97  
GLN CD  NE2  sing N N 98  
GLN NE2 HE21 sing N N 99  
GLN NE2 HE22 sing N N 100 
GLN OXT HXT  sing N N 101 
GLU N   CA   sing N N 102 
GLU N   H    sing N N 103 
GLU N   H2   sing N N 104 
GLU CA  C    sing N N 105 
GLU CA  CB   sing N N 106 
GLU CA  HA   sing N N 107 
GLU C   O    doub N N 108 
GLU C   OXT  sing N N 109 
GLU CB  CG   sing N N 110 
GLU CB  HB2  sing N N 111 
GLU CB  HB3  sing N N 112 
GLU CG  CD   sing N N 113 
GLU CG  HG2  sing N N 114 
GLU CG  HG3  sing N N 115 
GLU CD  OE1  doub N N 116 
GLU CD  OE2  sing N N 117 
GLU OE2 HE2  sing N N 118 
GLU OXT HXT  sing N N 119 
GLY N   CA   sing N N 120 
GLY N   H    sing N N 121 
GLY N   H2   sing N N 122 
GLY CA  C    sing N N 123 
GLY CA  HA2  sing N N 124 
GLY CA  HA3  sing N N 125 
GLY C   O    doub N N 126 
GLY C   OXT  sing N N 127 
GLY OXT HXT  sing N N 128 
HIS N   CA   sing N N 129 
HIS N   H    sing N N 130 
HIS N   H2   sing N N 131 
HIS CA  C    sing N N 132 
HIS CA  CB   sing N N 133 
HIS CA  HA   sing N N 134 
HIS C   O    doub N N 135 
HIS C   OXT  sing N N 136 
HIS CB  CG   sing N N 137 
HIS CB  HB2  sing N N 138 
HIS CB  HB3  sing N N 139 
HIS CG  ND1  sing Y N 140 
HIS CG  CD2  doub Y N 141 
HIS ND1 CE1  doub Y N 142 
HIS ND1 HD1  sing N N 143 
HIS CD2 NE2  sing Y N 144 
HIS CD2 HD2  sing N N 145 
HIS CE1 NE2  sing Y N 146 
HIS CE1 HE1  sing N N 147 
HIS NE2 HE2  sing N N 148 
HIS OXT HXT  sing N N 149 
HOH O   H1   sing N N 150 
HOH O   H2   sing N N 151 
ILE N   CA   sing N N 152 
ILE N   H    sing N N 153 
ILE N   H2   sing N N 154 
ILE CA  C    sing N N 155 
ILE CA  CB   sing N N 156 
ILE CA  HA   sing N N 157 
ILE C   O    doub N N 158 
ILE C   OXT  sing N N 159 
ILE CB  CG1  sing N N 160 
ILE CB  CG2  sing N N 161 
ILE CB  HB   sing N N 162 
ILE CG1 CD1  sing N N 163 
ILE CG1 HG12 sing N N 164 
ILE CG1 HG13 sing N N 165 
ILE CG2 HG21 sing N N 166 
ILE CG2 HG22 sing N N 167 
ILE CG2 HG23 sing N N 168 
ILE CD1 HD11 sing N N 169 
ILE CD1 HD12 sing N N 170 
ILE CD1 HD13 sing N N 171 
ILE OXT HXT  sing N N 172 
LEU N   CA   sing N N 173 
LEU N   H    sing N N 174 
LEU N   H2   sing N N 175 
LEU CA  C    sing N N 176 
LEU CA  CB   sing N N 177 
LEU CA  HA   sing N N 178 
LEU C   O    doub N N 179 
LEU C   OXT  sing N N 180 
LEU CB  CG   sing N N 181 
LEU CB  HB2  sing N N 182 
LEU CB  HB3  sing N N 183 
LEU CG  CD1  sing N N 184 
LEU CG  CD2  sing N N 185 
LEU CG  HG   sing N N 186 
LEU CD1 HD11 sing N N 187 
LEU CD1 HD12 sing N N 188 
LEU CD1 HD13 sing N N 189 
LEU CD2 HD21 sing N N 190 
LEU CD2 HD22 sing N N 191 
LEU CD2 HD23 sing N N 192 
LEU OXT HXT  sing N N 193 
LYS N   CA   sing N N 194 
LYS N   H    sing N N 195 
LYS N   H2   sing N N 196 
LYS CA  C    sing N N 197 
LYS CA  CB   sing N N 198 
LYS CA  HA   sing N N 199 
LYS C   O    doub N N 200 
LYS C   OXT  sing N N 201 
LYS CB  CG   sing N N 202 
LYS CB  HB2  sing N N 203 
LYS CB  HB3  sing N N 204 
LYS CG  CD   sing N N 205 
LYS CG  HG2  sing N N 206 
LYS CG  HG3  sing N N 207 
LYS CD  CE   sing N N 208 
LYS CD  HD2  sing N N 209 
LYS CD  HD3  sing N N 210 
LYS CE  NZ   sing N N 211 
LYS CE  HE2  sing N N 212 
LYS CE  HE3  sing N N 213 
LYS NZ  HZ1  sing N N 214 
LYS NZ  HZ2  sing N N 215 
LYS NZ  HZ3  sing N N 216 
LYS OXT HXT  sing N N 217 
MET N   CA   sing N N 218 
MET N   H    sing N N 219 
MET N   H2   sing N N 220 
MET CA  C    sing N N 221 
MET CA  CB   sing N N 222 
MET CA  HA   sing N N 223 
MET C   O    doub N N 224 
MET C   OXT  sing N N 225 
MET CB  CG   sing N N 226 
MET CB  HB2  sing N N 227 
MET CB  HB3  sing N N 228 
MET CG  SD   sing N N 229 
MET CG  HG2  sing N N 230 
MET CG  HG3  sing N N 231 
MET SD  CE   sing N N 232 
MET CE  HE1  sing N N 233 
MET CE  HE2  sing N N 234 
MET CE  HE3  sing N N 235 
MET OXT HXT  sing N N 236 
PHE N   CA   sing N N 237 
PHE N   H    sing N N 238 
PHE N   H2   sing N N 239 
PHE CA  C    sing N N 240 
PHE CA  CB   sing N N 241 
PHE CA  HA   sing N N 242 
PHE C   O    doub N N 243 
PHE C   OXT  sing N N 244 
PHE CB  CG   sing N N 245 
PHE CB  HB2  sing N N 246 
PHE CB  HB3  sing N N 247 
PHE CG  CD1  doub Y N 248 
PHE CG  CD2  sing Y N 249 
PHE CD1 CE1  sing Y N 250 
PHE CD1 HD1  sing N N 251 
PHE CD2 CE2  doub Y N 252 
PHE CD2 HD2  sing N N 253 
PHE CE1 CZ   doub Y N 254 
PHE CE1 HE1  sing N N 255 
PHE CE2 CZ   sing Y N 256 
PHE CE2 HE2  sing N N 257 
PHE CZ  HZ   sing N N 258 
PHE OXT HXT  sing N N 259 
PRO N   CA   sing N N 260 
PRO N   CD   sing N N 261 
PRO N   H    sing N N 262 
PRO CA  C    sing N N 263 
PRO CA  CB   sing N N 264 
PRO CA  HA   sing N N 265 
PRO C   O    doub N N 266 
PRO C   OXT  sing N N 267 
PRO CB  CG   sing N N 268 
PRO CB  HB2  sing N N 269 
PRO CB  HB3  sing N N 270 
PRO CG  CD   sing N N 271 
PRO CG  HG2  sing N N 272 
PRO CG  HG3  sing N N 273 
PRO CD  HD2  sing N N 274 
PRO CD  HD3  sing N N 275 
PRO OXT HXT  sing N N 276 
SER N   CA   sing N N 277 
SER N   H    sing N N 278 
SER N   H2   sing N N 279 
SER CA  C    sing N N 280 
SER CA  CB   sing N N 281 
SER CA  HA   sing N N 282 
SER C   O    doub N N 283 
SER C   OXT  sing N N 284 
SER CB  OG   sing N N 285 
SER CB  HB2  sing N N 286 
SER CB  HB3  sing N N 287 
SER OG  HG   sing N N 288 
SER OXT HXT  sing N N 289 
THR N   CA   sing N N 290 
THR N   H    sing N N 291 
THR N   H2   sing N N 292 
THR CA  C    sing N N 293 
THR CA  CB   sing N N 294 
THR CA  HA   sing N N 295 
THR C   O    doub N N 296 
THR C   OXT  sing N N 297 
THR CB  OG1  sing N N 298 
THR CB  CG2  sing N N 299 
THR CB  HB   sing N N 300 
THR OG1 HG1  sing N N 301 
THR CG2 HG21 sing N N 302 
THR CG2 HG22 sing N N 303 
THR CG2 HG23 sing N N 304 
THR OXT HXT  sing N N 305 
TRP N   CA   sing N N 306 
TRP N   H    sing N N 307 
TRP N   H2   sing N N 308 
TRP CA  C    sing N N 309 
TRP CA  CB   sing N N 310 
TRP CA  HA   sing N N 311 
TRP C   O    doub N N 312 
TRP C   OXT  sing N N 313 
TRP CB  CG   sing N N 314 
TRP CB  HB2  sing N N 315 
TRP CB  HB3  sing N N 316 
TRP CG  CD1  doub Y N 317 
TRP CG  CD2  sing Y N 318 
TRP CD1 NE1  sing Y N 319 
TRP CD1 HD1  sing N N 320 
TRP CD2 CE2  doub Y N 321 
TRP CD2 CE3  sing Y N 322 
TRP NE1 CE2  sing Y N 323 
TRP NE1 HE1  sing N N 324 
TRP CE2 CZ2  sing Y N 325 
TRP CE3 CZ3  doub Y N 326 
TRP CE3 HE3  sing N N 327 
TRP CZ2 CH2  doub Y N 328 
TRP CZ2 HZ2  sing N N 329 
TRP CZ3 CH2  sing Y N 330 
TRP CZ3 HZ3  sing N N 331 
TRP CH2 HH2  sing N N 332 
TRP OXT HXT  sing N N 333 
TYR N   CA   sing N N 334 
TYR N   H    sing N N 335 
TYR N   H2   sing N N 336 
TYR CA  C    sing N N 337 
TYR CA  CB   sing N N 338 
TYR CA  HA   sing N N 339 
TYR C   O    doub N N 340 
TYR C   OXT  sing N N 341 
TYR CB  CG   sing N N 342 
TYR CB  HB2  sing N N 343 
TYR CB  HB3  sing N N 344 
TYR CG  CD1  doub Y N 345 
TYR CG  CD2  sing Y N 346 
TYR CD1 CE1  sing Y N 347 
TYR CD1 HD1  sing N N 348 
TYR CD2 CE2  doub Y N 349 
TYR CD2 HD2  sing N N 350 
TYR CE1 CZ   doub Y N 351 
TYR CE1 HE1  sing N N 352 
TYR CE2 CZ   sing Y N 353 
TYR CE2 HE2  sing N N 354 
TYR CZ  OH   sing N N 355 
TYR OH  HH   sing N N 356 
TYR OXT HXT  sing N N 357 
VAL N   CA   sing N N 358 
VAL N   H    sing N N 359 
VAL N   H2   sing N N 360 
VAL CA  C    sing N N 361 
VAL CA  CB   sing N N 362 
VAL CA  HA   sing N N 363 
VAL C   O    doub N N 364 
VAL C   OXT  sing N N 365 
VAL CB  CG1  sing N N 366 
VAL CB  CG2  sing N N 367 
VAL CB  HB   sing N N 368 
VAL CG1 HG11 sing N N 369 
VAL CG1 HG12 sing N N 370 
VAL CG1 HG13 sing N N 371 
VAL CG2 HG21 sing N N 372 
VAL CG2 HG22 sing N N 373 
VAL CG2 HG23 sing N N 374 
VAL OXT HXT  sing N N 375 
ZKU O1  C1   doub N N 376 
ZKU C1  N1   sing N N 377 
ZKU N1  C2   sing N N 378 
ZKU C2  C3   doub Y N 379 
ZKU C3  C4   sing Y N 380 
ZKU C4  C5   doub Y N 381 
ZKU C5  C6   sing Y N 382 
ZKU C6  N2   doub Y N 383 
ZKU C1  N3   sing N N 384 
ZKU N3  C7   sing N N 385 
ZKU C7  C8   sing N N 386 
ZKU C8  N4   sing N N 387 
ZKU N4  C9   sing N N 388 
ZKU C9  C10  sing N N 389 
ZKU N4  C11  sing N N 390 
ZKU C11 O2   doub N N 391 
ZKU C11 C12  sing N N 392 
ZKU C12 C13  doub Y N 393 
ZKU C13 C14  sing Y N 394 
ZKU C14 C15  doub Y N 395 
ZKU C15 O3   sing Y N 396 
ZKU C2  N2   sing Y N 397 
ZKU N3  C10  sing N N 398 
ZKU C12 O3   sing Y N 399 
ZKU N1  H1   sing N N 400 
ZKU C4  H3   sing N N 401 
ZKU C5  H4   sing N N 402 
ZKU C6  H5   sing N N 403 
ZKU C7  H6   sing N N 404 
ZKU C7  H7   sing N N 405 
ZKU C8  H8   sing N N 406 
ZKU C8  H9   sing N N 407 
ZKU C10 H12  sing N N 408 
ZKU C10 H13  sing N N 409 
ZKU C13 H14  sing N N 410 
ZKU C15 H16  sing N N 411 
ZKU C14 H15  sing N N 412 
ZKU C3  H2   sing N N 413 
ZKU C9  H10  sing N N 414 
ZKU C9  H11  sing N N 415 
# 
_pdbx_audit_support.ordinal                1 
_pdbx_audit_support.funding_organization   'Wellcome Trust' 
_pdbx_audit_support.grant_number           None 
_pdbx_audit_support.country                'United Kingdom' 
# 
_pdbx_deposit_group.group_id            G_1002265 
_pdbx_deposit_group.group_description   
;XDomainX of XOrganismX PHIP screened against predicted false negatives and catalogue compounds by X-ray Crystallography at the XChem facility of Diamond Light Source beamline I04-1
;
_pdbx_deposit_group.group_title         'PanDDA analysis group deposition' 
_pdbx_deposit_group.group_type          'changed state' 
# 
_pdbx_entity_instance_feature.ordinal        1 
_pdbx_entity_instance_feature.comp_id        ZKU 
_pdbx_entity_instance_feature.asym_id        ? 
_pdbx_entity_instance_feature.seq_num        ? 
_pdbx_entity_instance_feature.auth_comp_id   ZKU 
_pdbx_entity_instance_feature.auth_asym_id   ? 
_pdbx_entity_instance_feature.auth_seq_num   ? 
_pdbx_entity_instance_feature.feature_type   'SUBJECT OF INVESTIGATION' 
_pdbx_entity_instance_feature.details        ? 
# 
_atom_sites.entry_id                    7FV5 
_atom_sites.fract_transf_matrix[1][1]   0.01122201 
_atom_sites.fract_transf_matrix[1][2]   0.00383787 
_atom_sites.fract_transf_matrix[1][3]   -0.00353082 
_atom_sites.fract_transf_matrix[2][1]   0.01185763 
_atom_sites.fract_transf_matrix[2][2]   -0.00279540 
_atom_sites.fract_transf_matrix[2][3]   0.03464864 
_atom_sites.fract_transf_matrix[3][1]   0.00756008 
_atom_sites.fract_transf_matrix[3][2]   -0.01590762 
_atom_sites.fract_transf_matrix[3][3]   -0.00387065 
_atom_sites.fract_transf_vector[1]      -0.147433 
_atom_sites.fract_transf_vector[2]      0.453724 
_atom_sites.fract_transf_vector[3]      0.218830 
# 
loop_
_atom_type.symbol 
C 
N 
O 
S 
# 
loop_
_atom_site.group_PDB 
_atom_site.id 
_atom_site.type_symbol 
_atom_site.label_atom_id 
_atom_site.label_alt_id 
_atom_site.label_comp_id 
_atom_site.label_asym_id 
_atom_site.label_entity_id 
_atom_site.label_seq_id 
_atom_site.pdbx_PDB_ins_code 
_atom_site.Cartn_x 
_atom_site.Cartn_y 
_atom_site.Cartn_z 
_atom_site.occupancy 
_atom_site.B_iso_or_equiv 
_atom_site.pdbx_formal_charge 
_atom_site.auth_seq_id 
_atom_site.auth_comp_id 
_atom_site.auth_asym_id 
_atom_site.auth_atom_id 
_atom_site.pdbx_PDB_model_num 
ATOM   1    N N   . SER A 1 24  ? -7.028  22.571  5.226   1.00 27.22 ? 1315 SER A N   1 
ATOM   2    C CA  . SER A 1 24  ? -5.737  21.839  5.055   1.00 23.39 ? 1315 SER A CA  1 
ATOM   3    C C   . SER A 1 24  ? -5.249  21.977  3.614   1.00 18.68 ? 1315 SER A C   1 
ATOM   4    O O   . SER A 1 24  ? -5.479  20.988  2.860   1.00 18.36 ? 1315 SER A O   1 
ATOM   5    C CB  . SER A 1 24  ? -5.894  20.369  5.344   1.00 27.56 ? 1315 SER A CB  1 
ATOM   6    O OG  . SER A 1 24  ? -5.088  19.607  4.445   1.00 29.77 ? 1315 SER A OG  1 
ATOM   7    N N   . TYR A 1 25  ? -4.571  23.066  3.213   1.00 15.59 ? 1316 TYR A N   1 
ATOM   8    C CA  . TYR A 1 25  ? -4.080  23.123  1.809   1.00 12.38 ? 1316 TYR A CA  1 
ATOM   9    C C   . TYR A 1 25  ? -2.570  22.844  1.729   1.00 11.17 ? 1316 TYR A C   1 
ATOM   10   O O   . TYR A 1 25  ? -1.935  23.253  0.763   1.00 11.50 ? 1316 TYR A O   1 
ATOM   11   C CB  . TYR A 1 25  ? -4.469  24.423  1.128   1.00 12.63 ? 1316 TYR A CB  1 
ATOM   12   C CG  . TYR A 1 25  ? -5.953  24.716  1.118   1.00 11.67 ? 1316 TYR A CG  1 
ATOM   13   C CD1 . TYR A 1 25  ? -6.887  23.872  0.532   1.00 11.34 ? 1316 TYR A CD1 1 
ATOM   14   C CD2 . TYR A 1 25  ? -6.412  25.914  1.631   1.00 12.19 ? 1316 TYR A CD2 1 
ATOM   15   C CE1 . TYR A 1 25  ? -8.243  24.183  0.514   1.00 11.45 ? 1316 TYR A CE1 1 
ATOM   16   C CE2 . TYR A 1 25  ? -7.756  26.259  1.594   1.00 12.64 ? 1316 TYR A CE2 1 
ATOM   17   C CZ  . TYR A 1 25  ? -8.673  25.388  1.042   1.00 12.01 ? 1316 TYR A CZ  1 
ATOM   18   O OH  . TYR A 1 25  ? -10.009 25.726  0.999   1.00 12.78 ? 1316 TYR A OH  1 
ATOM   19   N N   . ASP A 1 26  ? -2.042  22.062  2.661   1.00 11.41 ? 1317 ASP A N   1 
ATOM   20   C CA  . ASP A 1 26  ? -0.600  21.705  2.671   1.00 11.05 ? 1317 ASP A CA  1 
ATOM   21   C C   . ASP A 1 26  ? -0.373  20.606  1.636   1.00 10.26 ? 1317 ASP A C   1 
ATOM   22   O O   . ASP A 1 26  ? -0.795  19.437  1.823   1.00 10.97 ? 1317 ASP A O   1 
ATOM   23   C CB  . ASP A 1 26  ? -0.200  21.282  4.068   1.00 12.05 ? 1317 ASP A CB  1 
ATOM   24   C CG  . ASP A 1 26  ? 1.269   20.929  4.255   1.00 11.31 ? 1317 ASP A CG  1 
ATOM   25   O OD1 . ASP A 1 26  ? 1.953   20.674  3.254   1.00 12.29 ? 1317 ASP A OD1 1 
ATOM   26   O OD2 . ASP A 1 26  ? 1.748   20.922  5.413   1.00 15.79 ? 1317 ASP A OD2 1 
ATOM   27   N N   A ILE A 1 27  ? 0.327   20.961  0.565   0.25 9.64  ? 1318 ILE A N   1 
ATOM   28   N N   B ILE A 1 27  ? 0.334   20.940  0.559   0.25 10.96 ? 1318 ILE A N   1 
ATOM   29   C CA  A ILE A 1 27  ? 0.677   20.071  -0.574  0.25 9.45  ? 1318 ILE A CA  1 
ATOM   30   C CA  B ILE A 1 27  ? 0.603   20.000  -0.562  0.25 11.72 ? 1318 ILE A CA  1 
ATOM   31   C C   A ILE A 1 27  ? 1.592   18.918  -0.129  0.25 10.14 ? 1318 ILE A C   1 
ATOM   32   C C   B ILE A 1 27  ? 1.612   18.914  -0.148  0.25 11.39 ? 1318 ILE A C   1 
ATOM   33   O O   A ILE A 1 27  ? 1.548   17.855  -0.786  0.25 10.84 ? 1318 ILE A O   1 
ATOM   34   O O   B ILE A 1 27  ? 1.629   17.866  -0.824  0.25 11.98 ? 1318 ILE A O   1 
ATOM   35   C CB  A ILE A 1 27  ? 1.319   20.888  -1.711  0.25 8.53  ? 1318 ILE A CB  1 
ATOM   36   C CB  B ILE A 1 27  ? 1.024   20.740  -1.851  0.25 12.34 ? 1318 ILE A CB  1 
ATOM   37   C CG1 A ILE A 1 27  ? 0.364   21.979  -2.217  0.25 8.31  ? 1318 ILE A CG1 1 
ATOM   38   C CG1 B ILE A 1 27  ? 2.067   21.826  -1.627  0.25 13.03 ? 1318 ILE A CG1 1 
ATOM   39   C CG2 A ILE A 1 27  ? 1.798   19.970  -2.835  0.25 8.74  ? 1318 ILE A CG2 1 
ATOM   40   C CG2 B ILE A 1 27  ? -0.180  21.351  -2.552  0.25 13.93 ? 1318 ILE A CG2 1 
ATOM   41   C CD1 A ILE A 1 27  ? 1.000   22.988  -3.143  0.25 8.48  ? 1318 ILE A CD1 1 
ATOM   42   C CD1 B ILE A 1 27  ? 1.766   23.063  -2.416  0.25 12.76 ? 1318 ILE A CD1 1 
ATOM   43   N N   . GLN A 1 28  ? 2.380   19.117  0.930   1.00 10.24 ? 1319 GLN A N   1 
ATOM   44   C CA  . GLN A 1 28  ? 3.372   18.106  1.386   1.00 10.17 ? 1319 GLN A CA  1 
ATOM   45   C C   . GLN A 1 28  ? 2.882   17.198  2.506   1.00 10.13 ? 1319 GLN A C   1 
ATOM   46   O O   . GLN A 1 28  ? 3.586   16.215  2.827   1.00 10.29 ? 1319 GLN A O   1 
ATOM   47   C CB  . GLN A 1 28  ? 4.664   18.789  1.841   1.00 11.22 ? 1319 GLN A CB  1 
ATOM   48   C CG  . GLN A 1 28  ? 5.528   19.319  0.672   1.00 11.41 ? 1319 GLN A CG  1 
ATOM   49   C CD  . GLN A 1 28  ? 5.218   20.750  0.261   1.00 10.46 ? 1319 GLN A CD  1 
ATOM   50   O OE1 . GLN A 1 28  ? 5.191   21.651  1.110   1.00 11.42 ? 1319 GLN A OE1 1 
ATOM   51   N NE2 . GLN A 1 28  ? 5.094   20.985  -0.989  1.00 11.56 ? 1319 GLN A NE2 1 
ATOM   52   N N   . ALA A 1 29  ? 1.687   17.440  3.074   1.00 10.53 ? 1320 ALA A N   1 
ATOM   53   C CA  . ALA A 1 29  ? 1.256   16.758  4.314   1.00 9.87  ? 1320 ALA A CA  1 
ATOM   54   C C   . ALA A 1 29  ? 1.067   15.235  4.113   1.00 9.13  ? 1320 ALA A C   1 
ATOM   55   O O   . ALA A 1 29  ? 1.199   14.485  5.072   1.00 9.89  ? 1320 ALA A O   1 
ATOM   56   C CB  . ALA A 1 29  ? -0.025  17.379  4.851   1.00 11.31 ? 1320 ALA A CB  1 
ATOM   57   N N   . TRP A 1 30  ? 0.774   14.830  2.889   1.00 9.02  ? 1321 TRP A N   1 
ATOM   58   C CA  . TRP A 1 30  ? 0.519   13.393  2.625   1.00 9.52  ? 1321 TRP A CA  1 
ATOM   59   C C   . TRP A 1 30  ? 1.699   12.502  3.027   1.00 9.48  ? 1321 TRP A C   1 
ATOM   60   O O   . TRP A 1 30  ? 1.471   11.342  3.360   1.00 9.97  ? 1321 TRP A O   1 
ATOM   61   C CB  . TRP A 1 30  ? 0.226   13.173  1.132   1.00 10.00 ? 1321 TRP A CB  1 
ATOM   62   C CG  . TRP A 1 30  ? 1.400   13.511  0.248   1.00 10.10 ? 1321 TRP A CG  1 
ATOM   63   C CD1 . TRP A 1 30  ? 1.752   14.727  -0.230  1.00 10.60 ? 1321 TRP A CD1 1 
ATOM   64   C CD2 . TRP A 1 30  ? 2.406   12.585  -0.240  1.00 9.41  ? 1321 TRP A CD2 1 
ATOM   65   N NE1 . TRP A 1 30  ? 2.910   14.673  -0.991  1.00 10.65 ? 1321 TRP A NE1 1 
ATOM   66   C CE2 . TRP A 1 30  ? 3.300   13.367  -1.010  1.00 10.41 ? 1321 TRP A CE2 1 
ATOM   67   C CE3 . TRP A 1 30  ? 2.624   11.214  -0.143  1.00 10.10 ? 1321 TRP A CE3 1 
ATOM   68   C CZ2 . TRP A 1 30  ? 4.443   12.822  -1.621  1.00 11.26 ? 1321 TRP A CZ2 1 
ATOM   69   C CZ3 . TRP A 1 30  ? 3.730   10.675  -0.765  1.00 10.84 ? 1321 TRP A CZ3 1 
ATOM   70   C CH2 . TRP A 1 30  ? 4.628   11.473  -1.478  1.00 12.39 ? 1321 TRP A CH2 1 
ATOM   71   N N   . LYS A 1 31  ? 2.933   13.038  2.971   1.00 9.90  ? 1322 LYS A N   1 
ATOM   72   C CA  . LYS A 1 31  ? 4.092   12.137  3.164   1.00 9.54  ? 1322 LYS A CA  1 
ATOM   73   C C   . LYS A 1 31  ? 4.120   11.591  4.597   1.00 9.53  ? 1322 LYS A C   1 
ATOM   74   O O   . LYS A 1 31  ? 4.188   10.374  4.813   1.00 10.51 ? 1322 LYS A O   1 
ATOM   75   C CB  . LYS A 1 31  ? 5.375   12.826  2.684   1.00 10.74 ? 1322 LYS A CB  1 
ATOM   76   C CG  . LYS A 1 31  ? 6.617   11.945  2.867   1.00 10.87 ? 1322 LYS A CG  1 
ATOM   77   C CD  . LYS A 1 31  ? 7.817   12.579  2.286   1.00 11.72 ? 1322 LYS A CD  1 
ATOM   78   C CE  . LYS A 1 31  ? 9.063   11.714  2.335   1.00 11.96 ? 1322 LYS A CE  1 
ATOM   79   N NZ  . LYS A 1 31  ? 10.191  12.392  1.614   1.00 12.46 ? 1322 LYS A NZ  1 
ATOM   80   N N   . LYS A 1 32  ? 4.036   12.487  5.574   1.00 11.40 ? 1323 LYS A N   1 
ATOM   81   C CA  . LYS A 1 32  ? 4.008   12.045  6.974   1.00 11.50 ? 1323 LYS A CA  1 
ATOM   82   C C   . LYS A 1 32  ? 2.734   11.254  7.283   1.00 10.86 ? 1323 LYS A C   1 
ATOM   83   O O   . LYS A 1 32  ? 2.800   10.302  8.052   1.00 11.48 ? 1323 LYS A O   1 
ATOM   84   C CB  . LYS A 1 32  ? 4.156   13.240  7.918   1.00 14.57 ? 1323 LYS A CB  1 
ATOM   85   C CG  . LYS A 1 32  ? 4.280   12.855  9.372   1.00 22.49 ? 1323 LYS A CG  1 
ATOM   86   C CD  . LYS A 1 32  ? 4.775   14.001  10.286  1.00 27.12 ? 1323 LYS A CD  1 
ATOM   87   C CE  . LYS A 1 32  ? 5.066   13.517  11.693  1.00 33.32 ? 1323 LYS A CE  1 
ATOM   88   N NZ  . LYS A 1 32  ? 6.055   14.386  12.367  1.00 38.34 ? 1323 LYS A NZ  1 
ATOM   89   N N   . GLN A 1 33  ? 1.633   11.632  6.670   1.00 10.50 ? 1324 GLN A N   1 
ATOM   90   C CA  . GLN A 1 33  ? 0.383   10.855  6.868   1.00 10.99 ? 1324 GLN A CA  1 
ATOM   91   C C   . GLN A 1 33  ? 0.575   9.411   6.367   1.00 10.09 ? 1324 GLN A C   1 
ATOM   92   O O   . GLN A 1 33  ? 0.149   8.451   7.028   1.00 11.24 ? 1324 GLN A O   1 
ATOM   93   C CB  . GLN A 1 33  ? -0.793  11.475  6.144   1.00 10.98 ? 1324 GLN A CB  1 
ATOM   94   C CG  . GLN A 1 33  ? -1.201  12.817  6.766   1.00 11.69 ? 1324 GLN A CG  1 
ATOM   95   C CD  . GLN A 1 33  ? -2.056  13.674  5.891   1.00 12.50 ? 1324 GLN A CD  1 
ATOM   96   O OE1 . GLN A 1 33  ? -2.361  13.399  4.752   1.00 14.65 ? 1324 GLN A OE1 1 
ATOM   97   N NE2 . GLN A 1 33  ? -2.379  14.872  6.402   1.00 14.35 ? 1324 GLN A NE2 1 
ATOM   98   N N   . CYS A 1 34  ? 1.271   9.232   5.239   1.00 10.09 ? 1325 CYS A N   1 
ATOM   99   C CA  . CYS A 1 34  ? 1.571   7.883   4.707   1.00 10.02 ? 1325 CYS A CA  1 
ATOM   100  C C   . CYS A 1 34  ? 2.581   7.165   5.584   1.00 10.23 ? 1325 CYS A C   1 
ATOM   101  O O   . CYS A 1 34  ? 2.432   5.945   5.814   1.00 10.83 ? 1325 CYS A O   1 
ATOM   102  C CB  . CYS A 1 34  ? 2.038   7.920   3.268   1.00 9.59  ? 1325 CYS A CB  1 
ATOM   103  S SG  . CYS A 1 34  ? 0.717   8.339   2.074   1.00 10.69 ? 1325 CYS A SG  1 
ATOM   104  N N   . GLU A 1 35  ? 3.577   7.839   6.130   1.00 11.37 ? 1326 GLU A N   1 
ATOM   105  C CA  . GLU A 1 35  ? 4.498   7.192   7.090   1.00 11.63 ? 1326 GLU A CA  1 
ATOM   106  C C   . GLU A 1 35  ? 3.727   6.659   8.280   1.00 11.72 ? 1326 GLU A C   1 
ATOM   107  O O   . GLU A 1 35  ? 4.006   5.521   8.714   1.00 12.82 ? 1326 GLU A O   1 
ATOM   108  C CB  . GLU A 1 35  ? 5.529   8.217   7.569   1.00 13.77 ? 1326 GLU A CB  1 
ATOM   109  C CG  . GLU A 1 35  ? 6.533   8.669   6.553   1.00 16.13 ? 1326 GLU A CG  1 
ATOM   110  C CD  . GLU A 1 35  ? 7.394   9.868   6.940   1.00 19.49 ? 1326 GLU A CD  1 
ATOM   111  O OE1 . GLU A 1 35  ? 7.213   10.423  8.039   1.00 23.54 ? 1326 GLU A OE1 1 
ATOM   112  O OE2 . GLU A 1 35  ? 8.180   10.300  6.077   1.00 19.97 ? 1326 GLU A OE2 1 
ATOM   113  N N   . GLU A 1 36  ? 2.832   7.448   8.826   1.00 12.52 ? 1327 GLU A N   1 
ATOM   114  C CA  . GLU A 1 36  ? 2.057   7.037   10.014  1.00 13.54 ? 1327 GLU A CA  1 
ATOM   115  C C   . GLU A 1 36  ? 1.198   5.842   9.651   1.00 12.52 ? 1327 GLU A C   1 
ATOM   116  O O   . GLU A 1 36  ? 1.056   4.892   10.461  1.00 13.14 ? 1327 GLU A O   1 
ATOM   117  C CB  . GLU A 1 36  ? 1.311   8.254   10.554  1.00 17.05 ? 1327 GLU A CB  1 
ATOM   118  C CG  . GLU A 1 36  ? 2.288   9.237   11.195  1.00 23.03 ? 1327 GLU A CG  1 
ATOM   119  C CD  . GLU A 1 36  ? 1.723   10.581  11.639  1.00 33.16 ? 1327 GLU A CD  1 
ATOM   120  O OE1 . GLU A 1 36  ? 0.470   10.719  11.692  1.00 38.00 ? 1327 GLU A OE1 1 
ATOM   121  O OE2 . GLU A 1 36  ? 2.545   11.491  11.922  1.00 39.73 ? 1327 GLU A OE2 1 
ATOM   122  N N   . LEU A 1 37  ? 0.548   5.873   8.502   1.00 11.86 ? 1328 LEU A N   1 
ATOM   123  C CA  . LEU A 1 37  ? -0.328  4.752   8.089   1.00 11.08 ? 1328 LEU A CA  1 
ATOM   124  C C   . LEU A 1 37  ? 0.513   3.479   7.897   1.00 11.23 ? 1328 LEU A C   1 
ATOM   125  O O   . LEU A 1 37  ? 0.061   2.350   8.325   1.00 11.16 ? 1328 LEU A O   1 
ATOM   126  C CB  . LEU A 1 37  ? -1.165  5.142   6.893   1.00 12.01 ? 1328 LEU A CB  1 
ATOM   127  C CG  . LEU A 1 37  ? -2.025  4.036   6.288   1.00 11.41 ? 1328 LEU A CG  1 
ATOM   128  C CD1 . LEU A 1 37  ? -3.015  3.415   7.306   1.00 12.88 ? 1328 LEU A CD1 1 
ATOM   129  C CD2 . LEU A 1 37  ? -2.767  4.585   5.135   1.00 12.85 ? 1328 LEU A CD2 1 
ATOM   130  N N   . LEU A 1 38  ? 1.710   3.585   7.327   1.00 10.52 ? 1329 LEU A N   1 
ATOM   131  C CA  . LEU A 1 38  ? 2.571   2.406   7.198   1.00 11.35 ? 1329 LEU A CA  1 
ATOM   132  C C   . LEU A 1 38  ? 2.929   1.877   8.589   1.00 12.03 ? 1329 LEU A C   1 
ATOM   133  O O   . LEU A 1 38  ? 3.003   0.643   8.782   1.00 13.95 ? 1329 LEU A O   1 
ATOM   134  C CB  . LEU A 1 38  ? 3.807   2.751   6.364   1.00 12.49 ? 1329 LEU A CB  1 
ATOM   135  C CG  . LEU A 1 38  ? 3.531   2.960   4.877   1.00 12.06 ? 1329 LEU A CG  1 
ATOM   136  C CD1 . LEU A 1 38  ? 4.742   3.588   4.210   1.00 13.66 ? 1329 LEU A CD1 1 
ATOM   137  C CD2 . LEU A 1 38  ? 3.204   1.628   4.190   1.00 15.21 ? 1329 LEU A CD2 1 
ATOM   138  N N   . ASN A 1 39  ? 3.205   2.753   9.539   1.00 13.24 ? 1330 ASN A N   1 
ATOM   139  C CA  . ASN A 1 39  ? 3.477   2.297   10.934  1.00 15.65 ? 1330 ASN A CA  1 
ATOM   140  C C   . ASN A 1 39  ? 2.290   1.491   11.457  1.00 13.28 ? 1330 ASN A C   1 
ATOM   141  O O   . ASN A 1 39  ? 2.489   0.371   12.047  1.00 15.47 ? 1330 ASN A O   1 
ATOM   142  C CB  . ASN A 1 39  ? 3.790   3.490   11.849  1.00 17.20 ? 1330 ASN A CB  1 
ATOM   143  C CG  . ASN A 1 39  ? 5.180   4.049   11.624  1.00 20.30 ? 1330 ASN A CG  1 
ATOM   144  O OD1 . ASN A 1 39  ? 6.032   3.410   11.008  1.00 23.29 ? 1330 ASN A OD1 1 
ATOM   145  N ND2 . ASN A 1 39  ? 5.436   5.269   12.085  1.00 23.80 ? 1330 ASN A ND2 1 
ATOM   146  N N   . LEU A 1 40  ? 1.101   1.925   11.280  1.00 13.13 ? 1331 LEU A N   1 
ATOM   147  C CA  . LEU A 1 40  ? -0.112  1.209   11.745  1.00 14.02 ? 1331 LEU A CA  1 
ATOM   148  C C   . LEU A 1 40  ? -0.227  -0.113  10.999  1.00 13.48 ? 1331 LEU A C   1 
ATOM   149  O O   . LEU A 1 40  ? -0.497  -1.182  11.662  1.00 15.36 ? 1331 LEU A O   1 
ATOM   150  C CB  . LEU A 1 40  ? -1.339  2.030   11.451  1.00 13.70 ? 1331 LEU A CB  1 
ATOM   151  C CG  . LEU A 1 40  ? -1.578  3.267   12.316  1.00 14.95 ? 1331 LEU A CG  1 
ATOM   152  C CD1 . LEU A 1 40  ? -2.813  3.985   11.856  1.00 19.09 ? 1331 LEU A CD1 1 
ATOM   153  C CD2 . LEU A 1 40  ? -1.636  2.953   13.831  1.00 17.83 ? 1331 LEU A CD2 1 
ATOM   154  N N   . ILE A 1 41  ? 0.080   -0.176  9.701   1.00 12.03 ? 1332 ILE A N   1 
ATOM   155  C CA  . ILE A 1 41  ? 0.009   -1.431  8.924   1.00 11.39 ? 1332 ILE A CA  1 
ATOM   156  C C   . ILE A 1 41  ? 1.063   -2.414  9.435   1.00 12.39 ? 1332 ILE A C   1 
ATOM   157  O O   . ILE A 1 41  ? 0.718   -3.609  9.672   1.00 12.61 ? 1332 ILE A O   1 
ATOM   158  C CB  . ILE A 1 41  ? 0.174   -1.144  7.415   1.00 11.75 ? 1332 ILE A CB  1 
ATOM   159  C CG1 . ILE A 1 41  ? -1.083  -0.446  6.889   1.00 12.67 ? 1332 ILE A CG1 1 
ATOM   160  C CG2 . ILE A 1 41  ? 0.533   -2.404  6.620   1.00 10.61 ? 1332 ILE A CG2 1 
ATOM   161  C CD1 . ILE A 1 41  ? -0.978  0.125   5.539   1.00 14.56 ? 1332 ILE A CD1 1 
ATOM   162  N N   . PHE A 1 42  ? 2.243   -1.961  9.803   1.00 13.33 ? 1333 PHE A N   1 
ATOM   163  C CA  . PHE A 1 42  ? 3.279   -2.861  10.373  1.00 15.74 ? 1333 PHE A CA  1 
ATOM   164  C C   . PHE A 1 42  ? 2.838   -3.410  11.757  1.00 16.90 ? 1333 PHE A C   1 
ATOM   165  O O   . PHE A 1 42  ? 3.170   -4.622  12.052  1.00 20.22 ? 1333 PHE A O   1 
ATOM   166  C CB  . PHE A 1 42  ? 4.643   -2.153  10.366  1.00 15.72 ? 1333 PHE A CB  1 
ATOM   167  C CG  . PHE A 1 42  ? 5.405   -2.305  9.061   1.00 15.78 ? 1333 PHE A CG  1 
ATOM   168  C CD1 . PHE A 1 42  ? 6.322   -3.342  8.884   1.00 17.95 ? 1333 PHE A CD1 1 
ATOM   169  C CD2 . PHE A 1 42  ? 5.270   -1.397  8.012   1.00 17.40 ? 1333 PHE A CD2 1 
ATOM   170  C CE1 . PHE A 1 42  ? 7.018   -3.502  7.686   1.00 20.21 ? 1333 PHE A CE1 1 
ATOM   171  C CE2 . PHE A 1 42  ? 5.964   -1.565  6.809   1.00 18.21 ? 1333 PHE A CE2 1 
ATOM   172  C CZ  . PHE A 1 42  ? 6.836   -2.624  6.650   1.00 17.39 ? 1333 PHE A CZ  1 
ATOM   173  N N   . GLN A 1 43  ? 2.019   -2.685  12.537  1.00 16.32 ? 1334 GLN A N   1 
ATOM   174  C CA  . GLN A 1 43  ? 1.479   -3.169  13.865  1.00 16.82 ? 1334 GLN A CA  1 
ATOM   175  C C   . GLN A 1 43  ? 0.341   -4.182  13.688  1.00 18.09 ? 1334 GLN A C   1 
ATOM   176  O O   . GLN A 1 43  ? 0.069   -4.974  14.612  1.00 19.96 ? 1334 GLN A O   1 
ATOM   177  C CB  . GLN A 1 43  ? 0.998   -1.962  14.683  1.00 17.26 ? 1334 GLN A CB  1 
ATOM   178  C CG  . GLN A 1 43  ? 2.089   -0.992  15.119  1.00 19.29 ? 1334 GLN A CG  1 
ATOM   179  N N   A CYS A 1 44  ? -0.342  -4.152  12.549  0.30 16.70 ? 1335 CYS A N   1 
ATOM   180  N N   B CYS A 1 44  ? -0.360  -4.152  12.554  0.30 16.68 ? 1335 CYS A N   1 
ATOM   181  C CA  A CYS A 1 44  ? -1.426  -5.102  12.199  0.30 15.66 ? 1335 CYS A CA  1 
ATOM   182  C CA  B CYS A 1 44  ? -1.467  -5.090  12.228  0.30 15.61 ? 1335 CYS A CA  1 
ATOM   183  C C   A CYS A 1 44  ? -0.810  -6.501  12.058  0.30 15.21 ? 1335 CYS A C   1 
ATOM   184  C C   B CYS A 1 44  ? -0.871  -6.491  12.027  0.30 15.17 ? 1335 CYS A C   1 
ATOM   185  O O   A CYS A 1 44  ? 0.148   -6.678  11.264  0.30 14.73 ? 1335 CYS A O   1 
ATOM   186  O O   B CYS A 1 44  ? -0.012  -6.655  11.134  0.30 14.28 ? 1335 CYS A O   1 
ATOM   187  C CB  A CYS A 1 44  ? -2.141  -4.683  10.918  0.30 15.51 ? 1335 CYS A CB  1 
ATOM   188  C CB  B CYS A 1 44  ? -2.235  -4.685  10.972  0.30 15.74 ? 1335 CYS A CB  1 
ATOM   189  S SG  A CYS A 1 44  ? -3.163  -3.206  11.159  0.30 16.99 ? 1335 CYS A SG  1 
ATOM   190  S SG  B CYS A 1 44  ? -3.840  -5.521  10.818  0.30 17.16 ? 1335 CYS A SG  1 
ATOM   191  N N   . GLU A 1 45  ? -1.339  -7.503  12.765  1.00 15.22 ? 1336 GLU A N   1 
ATOM   192  C CA  . GLU A 1 45  ? -0.849  -8.907  12.525  1.00 14.60 ? 1336 GLU A CA  1 
ATOM   193  C C   . GLU A 1 45  ? -1.125  -9.340  11.072  1.00 12.53 ? 1336 GLU A C   1 
ATOM   194  O O   . GLU A 1 45  ? -0.394  -10.163 10.516  1.00 13.38 ? 1336 GLU A O   1 
ATOM   195  C CB  . GLU A 1 45  ? -1.516  -9.872  13.504  1.00 14.91 ? 1336 GLU A CB  1 
ATOM   196  C CG  . GLU A 1 45  ? -1.106  -9.596  14.953  1.00 17.59 ? 1336 GLU A CG  1 
ATOM   197  C CD  . GLU A 1 45  ? -1.620  -10.557 15.994  1.00 20.39 ? 1336 GLU A CD  1 
ATOM   198  O OE1 . GLU A 1 45  ? -2.425  -11.427 15.647  1.00 23.28 ? 1336 GLU A OE1 1 
ATOM   199  O OE2 . GLU A 1 45  ? -1.184  -10.404 17.151  1.00 23.88 ? 1336 GLU A OE2 1 
ATOM   200  N N   . ASP A 1 46  ? -2.153  -8.778  10.490  1.00 11.72 ? 1337 ASP A N   1 
ATOM   201  C CA  . ASP A 1 46  ? -2.535  -9.132  9.099   1.00 11.95 ? 1337 ASP A CA  1 
ATOM   202  C C   . ASP A 1 46  ? -1.483  -8.669  8.066   1.00 10.98 ? 1337 ASP A C   1 
ATOM   203  O O   . ASP A 1 46  ? -1.558  -9.188  6.919   1.00 11.69 ? 1337 ASP A O   1 
ATOM   204  C CB  . ASP A 1 46  ? -3.892  -8.566  8.721   1.00 12.71 ? 1337 ASP A CB  1 
ATOM   205  C CG  . ASP A 1 46  ? -5.096  -9.256  9.392   1.00 13.44 ? 1337 ASP A CG  1 
ATOM   206  O OD1 . ASP A 1 46  ? -4.931  -10.455 9.792   1.00 15.16 ? 1337 ASP A OD1 1 
ATOM   207  O OD2 . ASP A 1 46  ? -6.170  -8.708  9.377   1.00 13.73 ? 1337 ASP A OD2 1 
ATOM   208  N N   . SER A 1 47  ? -0.519  -7.824  8.426   1.00 10.93 ? 1338 SER A N   1 
ATOM   209  C CA  . SER A 1 47  ? 0.522   -7.457  7.449   1.00 11.16 ? 1338 SER A CA  1 
ATOM   210  C C   . SER A 1 47  ? 1.693   -8.450  7.371   1.00 11.43 ? 1338 SER A C   1 
ATOM   211  O O   . SER A 1 47  ? 2.509   -8.328  6.494   1.00 11.51 ? 1338 SER A O   1 
ATOM   212  C CB  . SER A 1 47  ? 1.050   -6.067  7.701   1.00 11.47 ? 1338 SER A CB  1 
ATOM   213  O OG  . SER A 1 47  ? 1.819   -5.971  8.931   1.00 12.47 ? 1338 SER A OG  1 
ATOM   214  N N   . GLU A 1 48  ? 1.765   -9.401  8.317   1.00 11.57 ? 1339 GLU A N   1 
ATOM   215  C CA  . GLU A 1 48  ? 2.893   -10.367 8.447   1.00 13.21 ? 1339 GLU A CA  1 
ATOM   216  C C   . GLU A 1 48  ? 3.366   -10.875 7.079   1.00 12.64 ? 1339 GLU A C   1 
ATOM   217  O O   . GLU A 1 48  ? 4.562   -10.788 6.758   1.00 14.73 ? 1339 GLU A O   1 
ATOM   218  C CB  . GLU A 1 48  ? 2.559   -11.518 9.414   1.00 14.72 ? 1339 GLU A CB  1 
ATOM   219  C CG  . GLU A 1 48  ? 3.737   -12.471 9.619   1.00 16.45 ? 1339 GLU A CG  1 
ATOM   220  C CD  . GLU A 1 48  ? 3.660   -13.422 10.813  1.00 18.22 ? 1339 GLU A CD  1 
ATOM   221  O OE1 . GLU A 1 48  ? 2.904   -13.152 11.776  1.00 21.21 ? 1339 GLU A OE1 1 
ATOM   222  O OE2 . GLU A 1 48  ? 4.391   -14.433 10.803  1.00 23.87 ? 1339 GLU A OE2 1 
ATOM   223  N N   . PRO A 1 49  ? 2.482   -11.447 6.230   1.00 11.68 ? 1340 PRO A N   1 
ATOM   224  C CA  . PRO A 1 49  ? 2.915   -12.023 4.963   1.00 11.58 ? 1340 PRO A CA  1 
ATOM   225  C C   . PRO A 1 49  ? 3.434   -11.034 3.913   1.00 11.01 ? 1340 PRO A C   1 
ATOM   226  O O   . PRO A 1 49  ? 3.997   -11.464 2.907   1.00 12.43 ? 1340 PRO A O   1 
ATOM   227  C CB  . PRO A 1 49  ? 1.654   -12.657 4.378   1.00 12.36 ? 1340 PRO A CB  1 
ATOM   228  C CG  . PRO A 1 49  ? 0.752   -12.885 5.596   1.00 12.75 ? 1340 PRO A CG  1 
ATOM   229  C CD  . PRO A 1 49  ? 1.041   -11.659 6.450   1.00 11.78 ? 1340 PRO A CD  1 
ATOM   230  N N   . PHE A 1 50  ? 3.276   -9.735  4.173   1.00 10.72 ? 1341 PHE A N   1 
ATOM   231  C CA  . PHE A 1 50  ? 3.472   -8.628  3.191   1.00 10.35 ? 1341 PHE A CA  1 
ATOM   232  C C   . PHE A 1 50  ? 4.524   -7.630  3.686   1.00 10.96 ? 1341 PHE A C   1 
ATOM   233  O O   . PHE A 1 50  ? 4.699   -6.591  3.066   1.00 10.29 ? 1341 PHE A O   1 
ATOM   234  C CB  . PHE A 1 50  ? 2.120   -7.959  2.915   1.00 10.29 ? 1341 PHE A CB  1 
ATOM   235  C CG  . PHE A 1 50  ? 1.020   -8.953  2.616   1.00 10.03 ? 1341 PHE A CG  1 
ATOM   236  C CD1 . PHE A 1 50  ? 1.068   -9.728  1.462   1.00 10.64 ? 1341 PHE A CD1 1 
ATOM   237  C CD2 . PHE A 1 50  ? -0.021  -9.171  3.513   1.00 10.19 ? 1341 PHE A CD2 1 
ATOM   238  C CE1 . PHE A 1 50  ? 0.089   -10.678 1.207   1.00 10.88 ? 1341 PHE A CE1 1 
ATOM   239  C CE2 . PHE A 1 50  ? -0.999  -10.114 3.251   1.00 10.85 ? 1341 PHE A CE2 1 
ATOM   240  C CZ  . PHE A 1 50  ? -0.946  -10.858 2.096   1.00 10.59 ? 1341 PHE A CZ  1 
ATOM   241  N N   . ARG A 1 51  ? 5.232   -7.933  4.775   1.00 11.84 ? 1342 ARG A N   1 
ATOM   242  C CA  . ARG A 1 51  ? 6.198   -6.986  5.386   1.00 12.62 ? 1342 ARG A CA  1 
ATOM   243  C C   . ARG A 1 51  ? 7.529   -6.997  4.626   1.00 13.39 ? 1342 ARG A C   1 
ATOM   244  O O   . ARG A 1 51  ? 8.389   -6.094  4.863   1.00 13.51 ? 1342 ARG A O   1 
ATOM   245  C CB  . ARG A 1 51  ? 6.427   -7.302  6.872   1.00 13.72 ? 1342 ARG A CB  1 
ATOM   246  C CG  . ARG A 1 51  ? 5.246   -6.992  7.780   1.00 14.24 ? 1342 ARG A CG  1 
ATOM   247  C CD  . ARG A 1 51  ? 5.381   -7.594  9.177   1.00 14.26 ? 1342 ARG A CD  1 
ATOM   248  N NE  . ARG A 1 51  ? 4.147   -7.482  9.940   1.00 14.66 ? 1342 ARG A NE  1 
ATOM   249  C CZ  . ARG A 1 51  ? 3.866   -8.149  11.073  1.00 14.16 ? 1342 ARG A CZ  1 
ATOM   250  N NH1 . ARG A 1 51  ? 4.729   -9.019  11.580  1.00 15.90 ? 1342 ARG A NH1 1 
ATOM   251  N NH2 . ARG A 1 51  ? 2.686   -7.995  11.644  1.00 15.28 ? 1342 ARG A NH2 1 
ATOM   252  N N   . GLN A 1 52  ? 7.757   -7.996  3.780   1.00 13.43 ? 1343 GLN A N   1 
ATOM   253  C CA  . GLN A 1 52  ? 9.044   -8.135  3.063   1.00 14.93 ? 1343 GLN A CA  1 
ATOM   254  C C   . GLN A 1 52  ? 8.797   -8.873  1.752   1.00 15.01 ? 1343 GLN A C   1 
ATOM   255  O O   . GLN A 1 52  ? 7.758   -9.525  1.608   1.00 15.25 ? 1343 GLN A O   1 
ATOM   256  C CB  . GLN A 1 52  ? 10.068  -8.841  3.961   1.00 17.56 ? 1343 GLN A CB  1 
ATOM   257  C CG  . GLN A 1 52  ? 10.256  -8.228  5.352   1.00 20.62 ? 1343 GLN A CG  1 
ATOM   258  C CD  . GLN A 1 52  ? 10.880  -6.850  5.383   1.00 23.25 ? 1343 GLN A CD  1 
ATOM   259  O OE1 . GLN A 1 52  ? 11.572  -6.422  4.456   1.00 27.46 ? 1343 GLN A OE1 1 
ATOM   260  N NE2 . GLN A 1 52  ? 10.660  -6.144  6.484   1.00 25.20 ? 1343 GLN A NE2 1 
ATOM   261  N N   . PRO A 1 53  ? 9.716   -8.749  0.765   1.00 17.17 ? 1344 PRO A N   1 
ATOM   262  C CA  . PRO A 1 53  ? 9.566   -9.425  -0.521  1.00 17.87 ? 1344 PRO A CA  1 
ATOM   263  C C   . PRO A 1 53  ? 9.257   -10.913 -0.338  1.00 19.15 ? 1344 PRO A C   1 
ATOM   264  O O   . PRO A 1 53  ? 9.833   -11.548 0.555   1.00 20.11 ? 1344 PRO A O   1 
ATOM   265  C CB  . PRO A 1 53  ? 10.932  -9.250  -1.199  1.00 18.13 ? 1344 PRO A CB  1 
ATOM   266  C CG  . PRO A 1 53  ? 11.445  -7.963  -0.614  1.00 17.71 ? 1344 PRO A CG  1 
ATOM   267  C CD  . PRO A 1 53  ? 10.959  -7.962  0.820   1.00 17.40 ? 1344 PRO A CD  1 
ATOM   268  N N   . VAL A 1 54  ? 8.352   -11.429 -1.171  1.00 19.22 ? 1345 VAL A N   1 
ATOM   269  C CA  . VAL A 1 54  ? 7.929   -12.858 -1.163  1.00 19.69 ? 1345 VAL A CA  1 
ATOM   270  C C   . VAL A 1 54  ? 9.176   -13.741 -1.266  1.00 20.60 ? 1345 VAL A C   1 
ATOM   271  O O   . VAL A 1 54  ? 10.127  -13.383 -2.021  1.00 21.98 ? 1345 VAL A O   1 
ATOM   272  C CB  . VAL A 1 54  ? 6.923   -13.176 -2.282  1.00 20.40 ? 1345 VAL A CB  1 
ATOM   273  C CG1 . VAL A 1 54  ? 6.733   -14.675 -2.434  1.00 20.17 ? 1345 VAL A CG1 1 
ATOM   274  C CG2 . VAL A 1 54  ? 5.590   -12.478 -2.055  1.00 21.44 ? 1345 VAL A CG2 1 
ATOM   275  N N   . ASP A 1 55  ? 9.135   -14.857 -0.527  1.00 20.78 ? 1346 ASP A N   1 
ATOM   276  C CA  . ASP A 1 55  ? 10.196  -15.898 -0.448  1.00 19.99 ? 1346 ASP A CA  1 
ATOM   277  C C   . ASP A 1 55  ? 10.150  -16.757 -1.711  1.00 18.65 ? 1346 ASP A C   1 
ATOM   278  O O   . ASP A 1 55  ? 9.318   -17.665 -1.813  1.00 20.12 ? 1346 ASP A O   1 
ATOM   279  C CB  . ASP A 1 55  ? 10.056  -16.765 0.805   1.00 20.68 ? 1346 ASP A CB  1 
ATOM   280  C CG  . ASP A 1 55  ? 11.276  -17.641 1.074   1.00 21.64 ? 1346 ASP A CG  1 
ATOM   281  O OD1 . ASP A 1 55  ? 11.932  -18.075 0.101   1.00 22.15 ? 1346 ASP A OD1 1 
ATOM   282  O OD2 . ASP A 1 55  ? 11.573  -17.875 2.266   1.00 22.28 ? 1346 ASP A OD2 1 
ATOM   283  N N   . LEU A 1 56  ? 11.071  -16.490 -2.619  1.00 17.58 ? 1347 LEU A N   1 
ATOM   284  C CA  . LEU A 1 56  ? 11.115  -17.156 -3.939  1.00 16.79 ? 1347 LEU A CA  1 
ATOM   285  C C   . LEU A 1 56  ? 11.642  -18.590 -3.784  1.00 16.63 ? 1347 LEU A C   1 
ATOM   286  O O   . LEU A 1 56  ? 11.434  -19.391 -4.710  1.00 17.94 ? 1347 LEU A O   1 
ATOM   287  C CB  . LEU A 1 56  ? 11.961  -16.304 -4.887  1.00 17.47 ? 1347 LEU A CB  1 
ATOM   288  C CG  . LEU A 1 56  ? 11.479  -14.864 -5.082  1.00 17.65 ? 1347 LEU A CG  1 
ATOM   289  C CD1 . LEU A 1 56  ? 12.457  -14.097 -5.971  1.00 17.91 ? 1347 LEU A CD1 1 
ATOM   290  C CD2 . LEU A 1 56  ? 10.070  -14.805 -5.648  1.00 18.39 ? 1347 LEU A CD2 1 
ATOM   291  N N   . LEU A 1 57  ? 12.272  -18.931 -2.655  1.00 18.16 ? 1348 LEU A N   1 
ATOM   292  C CA  . LEU A 1 57  ? 12.710  -20.334 -2.393  1.00 19.08 ? 1348 LEU A CA  1 
ATOM   293  C C   . LEU A 1 57  ? 11.493  -21.196 -2.030  1.00 20.03 ? 1348 LEU A C   1 
ATOM   294  O O   . LEU A 1 57  ? 11.416  -22.346 -2.510  1.00 22.43 ? 1348 LEU A O   1 
ATOM   295  C CB  . LEU A 1 57  ? 13.771  -20.356 -1.287  1.00 20.39 ? 1348 LEU A CB  1 
ATOM   296  C CG  . LEU A 1 57  ? 15.030  -19.544 -1.573  1.00 21.68 ? 1348 LEU A CG  1 
ATOM   297  C CD1 . LEU A 1 57  ? 15.932  -19.505 -0.348  1.00 22.56 ? 1348 LEU A CD1 1 
ATOM   298  C CD2 . LEU A 1 57  ? 15.777  -20.102 -2.775  1.00 22.34 ? 1348 LEU A CD2 1 
ATOM   299  N N   . GLU A 1 58  ? 10.595  -20.668 -1.189  1.00 20.30 ? 1349 GLU A N   1 
ATOM   300  C CA  . GLU A 1 58  ? 9.409   -21.375 -0.637  1.00 21.32 ? 1349 GLU A CA  1 
ATOM   301  C C   . GLU A 1 58  ? 8.323   -21.475 -1.713  1.00 20.23 ? 1349 GLU A C   1 
ATOM   302  O O   . GLU A 1 58  ? 7.529   -22.439 -1.679  1.00 20.82 ? 1349 GLU A O   1 
ATOM   303  C CB  . GLU A 1 58  ? 8.832   -20.608 0.561   1.00 23.13 ? 1349 GLU A CB  1 
ATOM   304  C CG  . GLU A 1 58  ? 9.741   -20.521 1.781   1.00 26.85 ? 1349 GLU A CG  1 
ATOM   305  C CD  . GLU A 1 58  ? 9.202   -19.650 2.911   1.00 30.75 ? 1349 GLU A CD  1 
ATOM   306  O OE1 . GLU A 1 58  ? 8.058   -19.142 2.790   1.00 33.99 ? 1349 GLU A OE1 1 
ATOM   307  O OE2 . GLU A 1 58  ? 9.917   -19.485 3.927   1.00 33.23 ? 1349 GLU A OE2 1 
ATOM   308  N N   . TYR A 1 59  ? 8.237   -20.458 -2.578  1.00 20.31 ? 1350 TYR A N   1 
ATOM   309  C CA  . TYR A 1 59  ? 7.183   -20.291 -3.610  1.00 19.50 ? 1350 TYR A CA  1 
ATOM   310  C C   . TYR A 1 59  ? 7.881   -20.295 -4.962  1.00 18.37 ? 1350 TYR A C   1 
ATOM   311  O O   . TYR A 1 59  ? 8.040   -19.254 -5.591  1.00 16.79 ? 1350 TYR A O   1 
ATOM   312  C CB  . TYR A 1 59  ? 6.378   -19.028 -3.302  1.00 19.66 ? 1350 TYR A CB  1 
ATOM   313  C CG  . TYR A 1 59  ? 5.596   -19.147 -2.016  1.00 19.75 ? 1350 TYR A CG  1 
ATOM   314  C CD1 . TYR A 1 59  ? 4.387   -19.823 -1.982  1.00 21.47 ? 1350 TYR A CD1 1 
ATOM   315  C CD2 . TYR A 1 59  ? 6.083   -18.648 -0.820  1.00 22.05 ? 1350 TYR A CD2 1 
ATOM   316  C CE1 . TYR A 1 59  ? 3.667   -19.969 -0.807  1.00 22.14 ? 1350 TYR A CE1 1 
ATOM   317  C CE2 . TYR A 1 59  ? 5.378   -18.788 0.368   1.00 21.82 ? 1350 TYR A CE2 1 
ATOM   318  C CZ  . TYR A 1 59  ? 4.152   -19.435 0.372   1.00 22.78 ? 1350 TYR A CZ  1 
ATOM   319  O OH  . TYR A 1 59  ? 3.414   -19.576 1.518   1.00 23.79 ? 1350 TYR A OH  1 
ATOM   320  N N   . PRO A 1 60  ? 8.348   -21.481 -5.432  1.00 18.22 ? 1351 PRO A N   1 
ATOM   321  C CA  . PRO A 1 60  ? 9.276   -21.542 -6.562  1.00 17.20 ? 1351 PRO A CA  1 
ATOM   322  C C   . PRO A 1 60  ? 8.651   -21.020 -7.869  1.00 16.13 ? 1351 PRO A C   1 
ATOM   323  O O   . PRO A 1 60  ? 9.362   -20.607 -8.775  1.00 16.90 ? 1351 PRO A O   1 
ATOM   324  C CB  . PRO A 1 60  ? 9.613   -23.040 -6.702  1.00 19.20 ? 1351 PRO A CB  1 
ATOM   325  C CG  . PRO A 1 60  ? 9.174   -23.683 -5.409  1.00 20.42 ? 1351 PRO A CG  1 
ATOM   326  C CD  . PRO A 1 60  ? 8.049   -22.817 -4.881  1.00 19.24 ? 1351 PRO A CD  1 
ATOM   327  N N   . ASP A 1 61  ? 7.323   -21.062 -7.954  1.00 14.64 ? 1352 ASP A N   1 
ATOM   328  C CA  . ASP A 1 61  ? 6.570   -20.639 -9.166  1.00 15.40 ? 1352 ASP A CA  1 
ATOM   329  C C   . ASP A 1 61  ? 6.187   -19.151 -9.091  1.00 14.81 ? 1352 ASP A C   1 
ATOM   330  O O   . ASP A 1 61  ? 5.620   -18.621 -10.086 1.00 15.33 ? 1352 ASP A O   1 
ATOM   331  C CB  . ASP A 1 61  ? 5.318   -21.494 -9.381  1.00 16.24 ? 1352 ASP A CB  1 
ATOM   332  C CG  . ASP A 1 61  ? 4.352   -21.440 -8.219  1.00 17.19 ? 1352 ASP A CG  1 
ATOM   333  O OD1 . ASP A 1 61  ? 4.784   -21.005 -7.112  1.00 20.12 ? 1352 ASP A OD1 1 
ATOM   334  O OD2 . ASP A 1 61  ? 3.188   -21.855 -8.416  1.00 22.33 ? 1352 ASP A OD2 1 
ATOM   335  N N   . TYR A 1 62  ? 6.490   -18.452 -7.997  1.00 12.59 ? 1353 TYR A N   1 
ATOM   336  C CA  . TYR A 1 62  ? 5.892   -17.114 -7.741  1.00 12.90 ? 1353 TYR A CA  1 
ATOM   337  C C   . TYR A 1 62  ? 6.065   -16.184 -8.950  1.00 13.48 ? 1353 TYR A C   1 
ATOM   338  O O   . TYR A 1 62  ? 5.066   -15.565 -9.396  1.00 12.78 ? 1353 TYR A O   1 
ATOM   339  C CB  . TYR A 1 62  ? 6.460   -16.526 -6.447  1.00 12.59 ? 1353 TYR A CB  1 
ATOM   340  C CG  . TYR A 1 62  ? 5.754   -15.271 -5.994  1.00 12.95 ? 1353 TYR A CG  1 
ATOM   341  C CD1 . TYR A 1 62  ? 4.494   -15.363 -5.440  1.00 13.44 ? 1353 TYR A CD1 1 
ATOM   342  C CD2 . TYR A 1 62  ? 6.318   -14.001 -6.130  1.00 12.90 ? 1353 TYR A CD2 1 
ATOM   343  C CE1 . TYR A 1 62  ? 3.807   -14.241 -5.013  1.00 12.93 ? 1353 TYR A CE1 1 
ATOM   344  C CE2 . TYR A 1 62  ? 5.657   -12.865 -5.682  1.00 12.81 ? 1353 TYR A CE2 1 
ATOM   345  C CZ  . TYR A 1 62  ? 4.382   -12.993 -5.160  1.00 12.78 ? 1353 TYR A CZ  1 
ATOM   346  O OH  . TYR A 1 62  ? 3.711   -11.876 -4.762  1.00 12.97 ? 1353 TYR A OH  1 
ATOM   347  N N   . ARG A 1 63  ? 7.286   -16.061 -9.485  1.00 14.09 ? 1354 ARG A N   1 
ATOM   348  C CA  . ARG A 1 63  ? 7.591   -15.113 -10.589 1.00 15.40 ? 1354 ARG A CA  1 
ATOM   349  C C   . ARG A 1 63  ? 7.069   -15.620 -11.940 1.00 15.11 ? 1354 ARG A C   1 
ATOM   350  O O   . ARG A 1 63  ? 7.139   -14.830 -12.912 1.00 16.87 ? 1354 ARG A O   1 
ATOM   351  C CB  . ARG A 1 63  ? 9.092   -14.831 -10.665 1.00 17.16 ? 1354 ARG A CB  1 
ATOM   352  C CG  . ARG A 1 63  ? 9.600   -13.973 -9.515  1.00 20.08 ? 1354 ARG A CG  1 
ATOM   353  C CD  . ARG A 1 63  ? 8.975   -12.588 -9.467  1.00 23.63 ? 1354 ARG A CD  1 
ATOM   354  N NE  . ARG A 1 63  ? 8.888   -11.971 -10.788 1.00 27.51 ? 1354 ARG A NE  1 
ATOM   355  C CZ  . ARG A 1 63  ? 9.822   -11.204 -11.362 1.00 27.71 ? 1354 ARG A CZ  1 
ATOM   356  N NH1 . ARG A 1 63  ? 10.957  -10.917 -10.743 1.00 29.82 ? 1354 ARG A NH1 1 
ATOM   357  N NH2 . ARG A 1 63  ? 9.612   -10.716 -12.570 1.00 29.99 ? 1354 ARG A NH2 1 
ATOM   358  N N   . ASP A 1 64  ? 6.545   -16.851 -12.023 1.00 14.92 ? 1355 ASP A N   1 
ATOM   359  C CA  . ASP A 1 64  ? 5.807   -17.306 -13.236 1.00 15.73 ? 1355 ASP A CA  1 
ATOM   360  C C   . ASP A 1 64  ? 4.462   -16.563 -13.308 1.00 15.11 ? 1355 ASP A C   1 
ATOM   361  O O   . ASP A 1 64  ? 3.991   -16.252 -14.436 1.00 16.75 ? 1355 ASP A O   1 
ATOM   362  C CB  . ASP A 1 64  ? 5.586   -18.824 -13.234 1.00 16.03 ? 1355 ASP A CB  1 
ATOM   363  C CG  . ASP A 1 64  ? 6.835   -19.680 -13.055 1.00 17.48 ? 1355 ASP A CG  1 
ATOM   364  O OD1 . ASP A 1 64  ? 7.951   -19.177 -13.297 1.00 18.55 ? 1355 ASP A OD1 1 
ATOM   365  O OD2 . ASP A 1 64  ? 6.676   -20.859 -12.662 1.00 20.67 ? 1355 ASP A OD2 1 
ATOM   366  N N   . ILE A 1 65  ? 3.860   -16.324 -12.134 1.00 13.88 ? 1356 ILE A N   1 
ATOM   367  C CA  . ILE A 1 65  ? 2.472   -15.811 -11.934 1.00 13.44 ? 1356 ILE A CA  1 
ATOM   368  C C   . ILE A 1 65  ? 2.463   -14.280 -11.790 1.00 12.62 ? 1356 ILE A C   1 
ATOM   369  O O   . ILE A 1 65  ? 1.520   -13.658 -12.331 1.00 14.37 ? 1356 ILE A O   1 
ATOM   370  C CB  . ILE A 1 65  ? 1.829   -16.487 -10.705 1.00 14.07 ? 1356 ILE A CB  1 
ATOM   371  C CG1 . ILE A 1 65  ? 1.968   -18.013 -10.721 1.00 14.30 ? 1356 ILE A CG1 1 
ATOM   372  C CG2 . ILE A 1 65  ? 0.378   -16.076 -10.538 1.00 13.99 ? 1356 ILE A CG2 1 
ATOM   373  C CD1 . ILE A 1 65  ? 1.327   -18.717 -11.899 1.00 15.34 ? 1356 ILE A CD1 1 
ATOM   374  N N   . ILE A 1 66  ? 3.478   -13.714 -11.121 1.00 12.18 ? 1357 ILE A N   1 
ATOM   375  C CA  . ILE A 1 66  ? 3.539   -12.299 -10.668 1.00 13.14 ? 1357 ILE A CA  1 
ATOM   376  C C   . ILE A 1 66  ? 4.633   -11.565 -11.428 1.00 13.42 ? 1357 ILE A C   1 
ATOM   377  O O   . ILE A 1 66  ? 5.804   -11.864 -11.216 1.00 15.58 ? 1357 ILE A O   1 
ATOM   378  C CB  . ILE A 1 66  ? 3.718   -12.256 -9.144  1.00 12.15 ? 1357 ILE A CB  1 
ATOM   379  C CG1 . ILE A 1 66  ? 2.522   -12.929 -8.445  1.00 13.76 ? 1357 ILE A CG1 1 
ATOM   380  C CG2 . ILE A 1 66  ? 3.927   -10.815 -8.686  1.00 12.79 ? 1357 ILE A CG2 1 
ATOM   381  C CD1 . ILE A 1 66  ? 1.156   -12.415 -8.798  1.00 14.22 ? 1357 ILE A CD1 1 
ATOM   382  N N   . ASP A 1 67  ? 4.218   -10.611 -12.256 1.00 15.48 ? 1358 ASP A N   1 
ATOM   383  C CA  . ASP A 1 67  ? 5.194   -9.849  -13.074 1.00 18.44 ? 1358 ASP A CA  1 
ATOM   384  C C   . ASP A 1 67  ? 5.929   -8.810  -12.224 1.00 16.81 ? 1358 ASP A C   1 
ATOM   385  O O   . ASP A 1 67  ? 7.078   -8.446  -12.546 1.00 18.42 ? 1358 ASP A O   1 
ATOM   386  C CB  . ASP A 1 67  ? 4.524   -9.065  -14.197 1.00 22.22 ? 1358 ASP A CB  1 
ATOM   387  C CG  . ASP A 1 67  ? 3.785   -9.897  -15.230 1.00 29.90 ? 1358 ASP A CG  1 
ATOM   388  O OD1 . ASP A 1 67  ? 4.195   -11.051 -15.437 1.00 33.77 ? 1358 ASP A OD1 1 
ATOM   389  O OD2 . ASP A 1 67  ? 2.794   -9.386  -15.799 1.00 33.44 ? 1358 ASP A OD2 1 
ATOM   390  N N   . THR A 1 68  ? 5.273   -8.202  -11.201 1.00 14.77 ? 1359 THR A N   1 
ATOM   391  C CA  . THR A 1 68  ? 5.880   -7.057  -10.462 1.00 15.29 ? 1359 THR A CA  1 
ATOM   392  C C   . THR A 1 68  ? 5.688   -7.302  -8.969  1.00 12.64 ? 1359 THR A C   1 
ATOM   393  O O   . THR A 1 68  ? 4.637   -6.894  -8.408  1.00 13.62 ? 1359 THR A O   1 
ATOM   394  C CB  . THR A 1 68  ? 5.265   -5.704  -10.839 1.00 15.43 ? 1359 THR A CB  1 
ATOM   395  O OG1 . THR A 1 68  ? 5.392   -5.574  -12.259 1.00 19.25 ? 1359 THR A OG1 1 
ATOM   396  C CG2 . THR A 1 68  ? 5.976   -4.554  -10.154 1.00 17.45 ? 1359 THR A CG2 1 
ATOM   397  N N   . PRO A 1 69  ? 6.607   -7.978  -8.283  1.00 13.22 ? 1360 PRO A N   1 
ATOM   398  C CA  . PRO A 1 69  ? 6.497   -8.172  -6.827  1.00 13.46 ? 1360 PRO A CA  1 
ATOM   399  C C   . PRO A 1 69  ? 6.412   -6.800  -6.132  1.00 11.77 ? 1360 PRO A C   1 
ATOM   400  O O   . PRO A 1 69  ? 7.003   -5.826  -6.523  1.00 12.99 ? 1360 PRO A O   1 
ATOM   401  C CB  . PRO A 1 69  ? 7.769   -8.941  -6.473  1.00 14.20 ? 1360 PRO A CB  1 
ATOM   402  C CG  . PRO A 1 69  ? 8.074   -9.687  -7.761  1.00 16.99 ? 1360 PRO A CG  1 
ATOM   403  C CD  . PRO A 1 69  ? 7.832   -8.630  -8.823  1.00 15.03 ? 1360 PRO A CD  1 
ATOM   404  N N   . MET A 1 70  ? 5.705   -6.779  -4.996  1.00 11.69 ? 1361 MET A N   1 
ATOM   405  C CA  . MET A 1 70  ? 5.658   -5.557  -4.145  1.00 10.98 ? 1361 MET A CA  1 
ATOM   406  C C   . MET A 1 70  ? 5.397   -5.968  -2.710  1.00 10.52 ? 1361 MET A C   1 
ATOM   407  O O   . MET A 1 70  ? 4.740   -6.973  -2.462  1.00 11.09 ? 1361 MET A O   1 
ATOM   408  C CB  . MET A 1 70  ? 4.592   -4.586  -4.654  1.00 10.61 ? 1361 MET A CB  1 
ATOM   409  C CG  . MET A 1 70  ? 4.618   -3.209  -3.983  1.00 10.57 ? 1361 MET A CG  1 
ATOM   410  S SD  . MET A 1 70  ? 6.168   -2.325  -3.995  1.00 11.46 ? 1361 MET A SD  1 
ATOM   411  C CE  . MET A 1 70  ? 6.602   -2.206  -5.736  1.00 13.64 ? 1361 MET A CE  1 
ATOM   412  N N   . ASP A 1 71  ? 5.907   -5.189  -1.761  1.00 10.57 ? 1362 ASP A N   1 
ATOM   413  C CA  . ASP A 1 71  ? 5.752   -5.465  -0.328  1.00 10.13 ? 1362 ASP A CA  1 
ATOM   414  C C   . ASP A 1 71  ? 5.828   -4.139  0.411   1.00 9.12  ? 1362 ASP A C   1 
ATOM   415  O O   . ASP A 1 71  ? 6.268   -3.111  -0.125  1.00 9.93  ? 1362 ASP A O   1 
ATOM   416  C CB  . ASP A 1 71  ? 6.826   -6.453  0.132   1.00 11.26 ? 1362 ASP A CB  1 
ATOM   417  C CG  . ASP A 1 71  ? 8.188   -5.816  0.016   1.00 12.67 ? 1362 ASP A CG  1 
ATOM   418  O OD1 . ASP A 1 71  ? 8.741   -5.796  -1.090  1.00 14.44 ? 1362 ASP A OD1 1 
ATOM   419  O OD2 . ASP A 1 71  ? 8.589   -5.183  0.986   1.00 13.28 ? 1362 ASP A OD2 1 
ATOM   420  N N   . PHE A 1 72  ? 5.452   -4.135  1.684   1.00 9.50  ? 1363 PHE A N   1 
ATOM   421  C CA  . PHE A 1 72  ? 5.387   -2.874  2.457   1.00 8.93  ? 1363 PHE A CA  1 
ATOM   422  C C   . PHE A 1 72  ? 6.746   -2.283  2.798   1.00 10.41 ? 1363 PHE A C   1 
ATOM   423  O O   . PHE A 1 72  ? 6.846   -1.087  2.969   1.00 9.98  ? 1363 PHE A O   1 
ATOM   424  C CB  . PHE A 1 72  ? 4.529   -3.028  3.708   1.00 9.61  ? 1363 PHE A CB  1 
ATOM   425  C CG  . PHE A 1 72  ? 3.047   -3.066  3.398   1.00 9.49  ? 1363 PHE A CG  1 
ATOM   426  C CD1 . PHE A 1 72  ? 2.369   -1.944  3.032   1.00 9.51  ? 1363 PHE A CD1 1 
ATOM   427  C CD2 . PHE A 1 72  ? 2.309   -4.237  3.492   1.00 10.52 ? 1363 PHE A CD2 1 
ATOM   428  C CE1 . PHE A 1 72  ? 1.025   -1.958  2.759   1.00 10.07 ? 1363 PHE A CE1 1 
ATOM   429  C CE2 . PHE A 1 72  ? 0.967   -4.287  3.187   1.00 10.52 ? 1363 PHE A CE2 1 
ATOM   430  C CZ  . PHE A 1 72  ? 0.343   -3.134  2.814   1.00 10.45 ? 1363 PHE A CZ  1 
ATOM   431  N N   . ALA A 1 73  ? 7.770   -3.129  2.954   1.00 10.38 ? 1364 ALA A N   1 
ATOM   432  C CA  . ALA A 1 73  ? 9.120   -2.585  3.175   1.00 10.53 ? 1364 ALA A CA  1 
ATOM   433  C C   . ALA A 1 73  ? 9.615   -1.844  1.923   1.00 10.84 ? 1364 ALA A C   1 
ATOM   434  O O   . ALA A 1 73  ? 10.162  -0.713  2.059   1.00 10.83 ? 1364 ALA A O   1 
ATOM   435  C CB  . ALA A 1 73  ? 10.114  -3.668  3.590   1.00 11.94 ? 1364 ALA A CB  1 
ATOM   436  N N   . THR A 1 74  ? 9.348   -2.356  0.743   1.00 10.10 ? 1365 THR A N   1 
ATOM   437  C CA  . THR A 1 74  ? 9.676   -1.633  -0.498  1.00 10.16 ? 1365 THR A CA  1 
ATOM   438  C C   . THR A 1 74  ? 8.910   -0.315  -0.578  1.00 9.21  ? 1365 THR A C   1 
ATOM   439  O O   . THR A 1 74  ? 9.501   0.719   -0.913  1.00 10.05 ? 1365 THR A O   1 
ATOM   440  C CB  . THR A 1 74  ? 9.434   -2.513  -1.707  1.00 11.34 ? 1365 THR A CB  1 
ATOM   441  O OG1 . THR A 1 74  ? 10.301  -3.670  -1.579  1.00 13.67 ? 1365 THR A OG1 1 
ATOM   442  C CG2 . THR A 1 74  ? 9.703   -1.816  -3.023  1.00 11.61 ? 1365 THR A CG2 1 
ATOM   443  N N   . VAL A 1 75  ? 7.619   -0.324  -0.263  1.00 9.01  ? 1366 VAL A N   1 
ATOM   444  C CA  . VAL A 1 75  ? 6.823   0.936   -0.261  1.00 9.13  ? 1366 VAL A CA  1 
ATOM   445  C C   . VAL A 1 75  ? 7.429   1.953   0.710   1.00 9.18  ? 1366 VAL A C   1 
ATOM   446  O O   . VAL A 1 75  ? 7.631   3.130   0.344   1.00 9.22  ? 1366 VAL A O   1 
ATOM   447  C CB  . VAL A 1 75  ? 5.334   0.657   0.049   1.00 9.44  ? 1366 VAL A CB  1 
ATOM   448  C CG1 . VAL A 1 75  ? 4.591   1.966   0.211   1.00 9.87  ? 1366 VAL A CG1 1 
ATOM   449  C CG2 . VAL A 1 75  ? 4.695   -0.207  -1.034  1.00 10.23 ? 1366 VAL A CG2 1 
ATOM   450  N N   . ARG A 1 76  ? 7.737   1.537   1.937   1.00 9.34  ? 1367 ARG A N   1 
ATOM   451  C CA  . ARG A 1 76  ? 8.343   2.465   2.930   1.00 10.74 ? 1367 ARG A CA  1 
ATOM   452  C C   . ARG A 1 76  ? 9.706   3.003   2.439   1.00 9.82  ? 1367 ARG A C   1 
ATOM   453  O O   . ARG A 1 76  ? 9.964   4.227   2.625   1.00 10.54 ? 1367 ARG A O   1 
ATOM   454  C CB  . ARG A 1 76  ? 8.520   1.694   4.242   1.00 11.45 ? 1367 ARG A CB  1 
ATOM   455  C CG  . ARG A 1 76  ? 9.083   2.539   5.379   1.00 16.08 ? 1367 ARG A CG  1 
ATOM   456  C CD  . ARG A 1 76  ? 9.221   1.674   6.627   1.00 19.35 ? 1367 ARG A CD  1 
ATOM   457  N NE  . ARG A 1 76  ? 8.075   1.758   7.475   1.00 21.68 ? 1367 ARG A NE  1 
ATOM   458  C CZ  . ARG A 1 76  ? 7.806   0.940   8.499   1.00 23.18 ? 1367 ARG A CZ  1 
ATOM   459  N NH1 . ARG A 1 76  ? 8.516   -0.156  8.692   1.00 21.26 ? 1367 ARG A NH1 1 
ATOM   460  N NH2 . ARG A 1 76  ? 6.809   1.241   9.296   1.00 25.87 ? 1367 ARG A NH2 1 
ATOM   461  N N   . GLU A 1 77  ? 10.535  2.130   1.892   1.00 9.56  ? 1368 GLU A N   1 
ATOM   462  C CA  . GLU A 1 77  ? 11.854  2.590   1.409   1.00 10.67 ? 1368 GLU A CA  1 
ATOM   463  C C   . GLU A 1 77  ? 11.667  3.568   0.246   1.00 10.60 ? 1368 GLU A C   1 
ATOM   464  O O   . GLU A 1 77  ? 12.446  4.535   0.134   1.00 11.09 ? 1368 GLU A O   1 
ATOM   465  C CB  . GLU A 1 77  ? 12.602  1.361   0.954   1.00 12.98 ? 1368 GLU A CB  1 
ATOM   466  C CG  . GLU A 1 77  ? 13.090  0.506   2.089   1.00 17.02 ? 1368 GLU A CG  1 
ATOM   467  C CD  . GLU A 1 77  ? 13.558  -0.912  1.770   1.00 23.76 ? 1368 GLU A CD  1 
ATOM   468  O OE1 . GLU A 1 77  ? 13.655  -1.290  0.574   1.00 26.39 ? 1368 GLU A OE1 1 
ATOM   469  O OE2 . GLU A 1 77  ? 13.819  -1.654  2.758   1.00 32.99 ? 1368 GLU A OE2 1 
ATOM   470  N N   . THR A 1 78  ? 10.732  3.343   -0.665  1.00 9.99  ? 1369 THR A N   1 
ATOM   471  C CA  . THR A 1 78  ? 10.491  4.250   -1.814  1.00 9.44  ? 1369 THR A CA  1 
ATOM   472  C C   . THR A 1 78  ? 10.054  5.594   -1.286  1.00 9.87  ? 1369 THR A C   1 
ATOM   473  O O   . THR A 1 78  ? 10.547  6.688   -1.787  1.00 10.95 ? 1369 THR A O   1 
ATOM   474  C CB  . THR A 1 78  ? 9.454   3.623   -2.762  1.00 9.94  ? 1369 THR A CB  1 
ATOM   475  O OG1 . THR A 1 78  ? 9.914   2.360   -3.233  1.00 11.08 ? 1369 THR A OG1 1 
ATOM   476  C CG2 . THR A 1 78  ? 9.180   4.503   -3.951  1.00 10.53 ? 1369 THR A CG2 1 
ATOM   477  N N   . LEU A 1 79  ? 9.153   5.608   -0.295  1.00 8.78  ? 1370 LEU A N   1 
ATOM   478  C CA  . LEU A 1 79  ? 8.719   6.868   0.320   1.00 9.64  ? 1370 LEU A CA  1 
ATOM   479  C C   . LEU A 1 79  ? 9.883   7.607   0.954   1.00 10.09 ? 1370 LEU A C   1 
ATOM   480  O O   . LEU A 1 79  ? 10.057  8.848   0.749   1.00 10.55 ? 1370 LEU A O   1 
ATOM   481  C CB  . LEU A 1 79  ? 7.593   6.533   1.321   1.00 9.53  ? 1370 LEU A CB  1 
ATOM   482  C CG  . LEU A 1 79  ? 6.890   7.731   1.986   1.00 10.13 ? 1370 LEU A CG  1 
ATOM   483  C CD1 . LEU A 1 79  ? 6.099   8.535   0.968   1.00 10.58 ? 1370 LEU A CD1 1 
ATOM   484  C CD2 . LEU A 1 79  ? 5.984   7.241   3.093   1.00 11.08 ? 1370 LEU A CD2 1 
ATOM   485  N N   . GLU A 1 80  ? 10.653  6.931   1.800   1.00 10.47 ? 1371 GLU A N   1 
ATOM   486  C CA  . GLU A 1 80  ? 11.792  7.599   2.498   1.00 11.41 ? 1371 GLU A CA  1 
ATOM   487  C C   . GLU A 1 80  ? 12.866  8.067   1.499   1.00 11.28 ? 1371 GLU A C   1 
ATOM   488  O O   . GLU A 1 80  ? 13.529  9.107   1.724   1.00 11.58 ? 1371 GLU A O   1 
ATOM   489  C CB  . GLU A 1 80  ? 12.360  6.660   3.562   1.00 12.51 ? 1371 GLU A CB  1 
ATOM   490  C CG  . GLU A 1 80  ? 13.478  7.286   4.387   1.00 14.85 ? 1371 GLU A CG  1 
ATOM   491  C CD  . GLU A 1 80  ? 13.102  8.522   5.191   1.00 17.30 ? 1371 GLU A CD  1 
ATOM   492  O OE1 . GLU A 1 80  ? 11.900  8.771   5.400   1.00 19.18 ? 1371 GLU A OE1 1 
ATOM   493  O OE2 . GLU A 1 80  ? 14.029  9.281   5.571   1.00 20.46 ? 1371 GLU A OE2 1 
ATOM   494  N N   . ALA A 1 81  ? 13.069  7.344   0.418   1.00 11.09 ? 1372 ALA A N   1 
ATOM   495  C CA  . ALA A 1 81  ? 14.053  7.782   -0.604  1.00 12.04 ? 1372 ALA A CA  1 
ATOM   496  C C   . ALA A 1 81  ? 13.611  9.085   -1.283  1.00 12.44 ? 1372 ALA A C   1 
ATOM   497  O O   . ALA A 1 81  ? 14.378  9.711   -2.053  1.00 13.19 ? 1372 ALA A O   1 
ATOM   498  C CB  . ALA A 1 81  ? 14.271  6.714   -1.600  1.00 12.58 ? 1372 ALA A CB  1 
ATOM   499  N N   . GLY A 1 82  ? 12.349  9.518   -1.119  1.00 11.66 ? 1373 GLY A N   1 
ATOM   500  C CA  . GLY A 1 82  ? 11.820  10.643  -1.895  1.00 11.42 ? 1373 GLY A CA  1 
ATOM   501  C C   . GLY A 1 82  ? 11.571  10.263  -3.314  1.00 10.97 ? 1373 GLY A C   1 
ATOM   502  O O   . GLY A 1 82  ? 11.748  11.054  -4.218  1.00 11.87 ? 1373 GLY A O   1 
ATOM   503  N N   . ASN A 1 83  ? 11.074  9.040   -3.545  1.00 10.35 ? 1374 ASN A N   1 
ATOM   504  C CA  . ASN A 1 83  ? 10.822  8.523   -4.889  1.00 11.28 ? 1374 ASN A CA  1 
ATOM   505  C C   . ASN A 1 83  ? 9.327   8.294   -5.200  1.00 10.14 ? 1374 ASN A C   1 
ATOM   506  O O   . ASN A 1 83  ? 8.972   7.751   -6.235  1.00 10.87 ? 1374 ASN A O   1 
ATOM   507  C CB  . ASN A 1 83  ? 11.630  7.259   -5.155  1.00 12.17 ? 1374 ASN A CB  1 
ATOM   508  C CG  . ASN A 1 83  ? 13.134  7.480   -5.277  1.00 13.33 ? 1374 ASN A CG  1 
ATOM   509  O OD1 . ASN A 1 83  ? 13.836  6.451   -5.387  1.00 16.06 ? 1374 ASN A OD1 1 
ATOM   510  N ND2 . ASN A 1 83  ? 13.646  8.700   -5.295  1.00 13.65 ? 1374 ASN A ND2 1 
ATOM   511  N N   . TYR A 1 84  ? 8.445   8.802   -4.320  1.00 10.50 ? 1375 TYR A N   1 
ATOM   512  C CA  . TYR A 1 84  ? 7.036   9.028   -4.665  1.00 10.40 ? 1375 TYR A CA  1 
ATOM   513  C C   . TYR A 1 84  ? 6.807   10.549  -4.820  1.00 10.63 ? 1375 TYR A C   1 
ATOM   514  O O   . TYR A 1 84  ? 7.212   11.311  -3.945  1.00 12.08 ? 1375 TYR A O   1 
ATOM   515  C CB  . TYR A 1 84  ? 6.077   8.462   -3.611  1.00 10.21 ? 1375 TYR A CB  1 
ATOM   516  C CG  . TYR A 1 84  ? 5.982   6.961   -3.532  1.00 8.91  ? 1375 TYR A CG  1 
ATOM   517  C CD1 . TYR A 1 84  ? 5.720   6.191   -4.660  1.00 9.97  ? 1375 TYR A CD1 1 
ATOM   518  C CD2 . TYR A 1 84  ? 6.195   6.298   -2.345  1.00 8.93  ? 1375 TYR A CD2 1 
ATOM   519  C CE1 . TYR A 1 84  ? 5.602   4.809   -4.569  1.00 9.54  ? 1375 TYR A CE1 1 
ATOM   520  C CE2 . TYR A 1 84  ? 6.103   4.932   -2.256  1.00 9.57  ? 1375 TYR A CE2 1 
ATOM   521  C CZ  . TYR A 1 84  ? 5.794   4.176   -3.354  1.00 9.75  ? 1375 TYR A CZ  1 
ATOM   522  O OH  . TYR A 1 84  ? 5.729   2.816   -3.216  1.00 10.54 ? 1375 TYR A OH  1 
ATOM   523  N N   . GLU A 1 85  ? 6.147   10.957  -5.911  1.00 11.32 ? 1376 GLU A N   1 
ATOM   524  C CA  . GLU A 1 85  ? 5.756   12.380  -6.070  1.00 12.66 ? 1376 GLU A CA  1 
ATOM   525  C C   . GLU A 1 85  ? 4.378   12.667  -5.460  1.00 12.05 ? 1376 GLU A C   1 
ATOM   526  O O   . GLU A 1 85  ? 4.108   13.842  -5.104  1.00 16.78 ? 1376 GLU A O   1 
ATOM   527  C CB  . GLU A 1 85  ? 5.703   12.761  -7.544  1.00 15.71 ? 1376 GLU A CB  1 
ATOM   528  C CG  . GLU A 1 85  ? 5.499   14.267  -7.675  1.00 20.50 ? 1376 GLU A CG  1 
ATOM   529  C CD  . GLU A 1 85  ? 5.486   14.746  -9.109  1.00 24.63 ? 1376 GLU A CD  1 
ATOM   530  O OE1 . GLU A 1 85  ? 5.436   13.877  -10.014 1.00 31.76 ? 1376 GLU A OE1 1 
ATOM   531  O OE2 . GLU A 1 85  ? 5.621   15.996  -9.323  1.00 29.12 ? 1376 GLU A OE2 1 
ATOM   532  N N   . SER A 1 86  ? 3.529   11.663  -5.246  1.00 11.36 ? 1377 SER A N   1 
ATOM   533  C CA  . SER A 1 86  ? 2.149   11.868  -4.767  1.00 11.68 ? 1377 SER A CA  1 
ATOM   534  C C   . SER A 1 86  ? 1.670   10.643  -4.019  1.00 10.39 ? 1377 SER A C   1 
ATOM   535  O O   . SER A 1 86  ? 2.223   9.545   -4.175  1.00 10.31 ? 1377 SER A O   1 
ATOM   536  C CB  . SER A 1 86  ? 1.222   12.107  -5.936  1.00 11.99 ? 1377 SER A CB  1 
ATOM   537  O OG  . SER A 1 86  ? 1.037   10.906  -6.650  1.00 12.95 ? 1377 SER A OG  1 
ATOM   538  N N   . PRO A 1 87  ? 0.629   10.816  -3.183  1.00 10.13 ? 1378 PRO A N   1 
ATOM   539  C CA  . PRO A 1 87  ? 0.087   9.659   -2.504  1.00 9.52  ? 1378 PRO A CA  1 
ATOM   540  C C   . PRO A 1 87  ? -0.632  8.707   -3.471  1.00 9.54  ? 1378 PRO A C   1 
ATOM   541  O O   . PRO A 1 87  ? -0.775  7.532   -3.129  1.00 10.14 ? 1378 PRO A O   1 
ATOM   542  C CB  . PRO A 1 87  ? -0.914  10.245  -1.495  1.00 10.08 ? 1378 PRO A CB  1 
ATOM   543  C CG  . PRO A 1 87  ? -1.307  11.598  -2.103  1.00 10.58 ? 1378 PRO A CG  1 
ATOM   544  C CD  . PRO A 1 87  ? -0.026  12.088  -2.753  1.00 10.07 ? 1378 PRO A CD  1 
ATOM   545  N N   . MET A 1 88  ? -1.062  9.173   -4.642  1.00 9.26  ? 1379 MET A N   1 
ATOM   546  C CA  . MET A 1 88  ? -1.629  8.261   -5.656  1.00 10.26 ? 1379 MET A CA  1 
ATOM   547  C C   . MET A 1 88  ? -0.614  7.210   -6.092  1.00 9.20  ? 1379 MET A C   1 
ATOM   548  O O   . MET A 1 88  ? -0.974  6.047   -6.287  1.00 9.51  ? 1379 MET A O   1 
ATOM   549  C CB  . MET A 1 88  ? -2.157  9.023   -6.880  1.00 10.42 ? 1379 MET A CB  1 
ATOM   550  C CG  . MET A 1 88  ? -3.315  9.974   -6.548  1.00 10.81 ? 1379 MET A CG  1 
ATOM   551  S SD  . MET A 1 88  ? -2.854  11.601  -5.895  1.00 12.94 ? 1379 MET A SD  1 
ATOM   552  C CE  . MET A 1 88  ? -2.361  12.409  -7.427  1.00 14.68 ? 1379 MET A CE  1 
ATOM   553  N N   . GLU A 1 89  ? 0.653   7.612   -6.225  1.00 9.65  ? 1380 GLU A N   1 
ATOM   554  C CA  . GLU A 1 89  ? 1.659   6.617   -6.622  1.00 9.74  ? 1380 GLU A CA  1 
ATOM   555  C C   . GLU A 1 89  ? 1.869   5.570   -5.509  1.00 9.04  ? 1380 GLU A C   1 
ATOM   556  O O   . GLU A 1 89  ? 2.030   4.373   -5.803  1.00 9.76  ? 1380 GLU A O   1 
ATOM   557  C CB  . GLU A 1 89  ? 2.984   7.280   -6.943  1.00 10.74 ? 1380 GLU A CB  1 
ATOM   558  C CG  . GLU A 1 89  ? 2.979   8.186   -8.154  1.00 11.97 ? 1380 GLU A CG  1 
ATOM   559  C CD  . GLU A 1 89  ? 4.302   8.901   -8.359  1.00 12.56 ? 1380 GLU A CD  1 
ATOM   560  O OE1 . GLU A 1 89  ? 5.134   8.888   -7.496  1.00 13.25 ? 1380 GLU A OE1 1 
ATOM   561  O OE2 . GLU A 1 89  ? 4.445   9.501   -9.511  1.00 17.72 ? 1380 GLU A OE2 1 
ATOM   562  N N   . LEU A 1 90  ? 1.943   6.006   -4.253  1.00 9.14  ? 1381 LEU A N   1 
ATOM   563  C CA  . LEU A 1 90  ? 2.080   5.066   -3.144  1.00 8.91  ? 1381 LEU A CA  1 
ATOM   564  C C   . LEU A 1 90  ? 0.883   4.118   -3.117  1.00 9.29  ? 1381 LEU A C   1 
ATOM   565  O O   . LEU A 1 90  ? 1.041   2.903   -2.901  1.00 9.16  ? 1381 LEU A O   1 
ATOM   566  C CB  . LEU A 1 90  ? 2.232   5.863   -1.833  1.00 9.33  ? 1381 LEU A CB  1 
ATOM   567  C CG  . LEU A 1 90  ? 2.296   5.004   -0.556  1.00 9.97  ? 1381 LEU A CG  1 
ATOM   568  C CD1 . LEU A 1 90  ? 3.273   5.629   0.443   1.00 10.20 ? 1381 LEU A CD1 1 
ATOM   569  C CD2 . LEU A 1 90  ? 0.950   4.757   0.095   1.00 9.96  ? 1381 LEU A CD2 1 
ATOM   570  N N   A CYS A 1 91  ? -0.315  4.671   -3.309  0.35 9.26  ? 1382 CYS A N   1 
ATOM   571  N N   B CYS A 1 91  ? -0.329  4.638   -3.314  0.15 9.47  ? 1382 CYS A N   1 
ATOM   572  C CA  A CYS A 1 91  ? -1.575  3.894   -3.279  0.35 9.42  ? 1382 CYS A CA  1 
ATOM   573  C CA  B CYS A 1 91  ? -1.556  3.802   -3.350  0.15 9.68  ? 1382 CYS A CA  1 
ATOM   574  C C   A CYS A 1 91  ? -1.546  2.824   -4.395  0.35 10.04 ? 1382 CYS A C   1 
ATOM   575  C C   B CYS A 1 91  ? -1.449  2.725   -4.407  0.15 10.03 ? 1382 CYS A C   1 
ATOM   576  O O   A CYS A 1 91  ? -2.000  1.685   -4.127  0.35 10.58 ? 1382 CYS A O   1 
ATOM   577  O O   B CYS A 1 91  ? -1.839  1.566   -4.143  0.15 10.10 ? 1382 CYS A O   1 
ATOM   578  C CB  A CYS A 1 91  ? -2.765  4.855   -3.334  0.35 10.24 ? 1382 CYS A CB  1 
ATOM   579  C CB  B CYS A 1 91  ? -2.784  4.597   -3.738  0.15 10.08 ? 1382 CYS A CB  1 
ATOM   580  S SG  A CYS A 1 91  ? -4.383  4.070   -3.143  0.35 11.34 ? 1382 CYS A SG  1 
ATOM   581  S SG  B CYS A 1 91  ? -3.359  5.482   -2.290  0.15 10.82 ? 1382 CYS A SG  1 
ATOM   582  N N   . LYS A 1 92  ? -1.026  3.130   -5.593  1.00 10.40 ? 1383 LYS A N   1 
ATOM   583  C CA  . LYS A 1 92  ? -0.936  2.157   -6.661  1.00 10.60 ? 1383 LYS A CA  1 
ATOM   584  C C   . LYS A 1 92  ? -0.043  0.992   -6.220  1.00 9.92  ? 1383 LYS A C   1 
ATOM   585  O O   . LYS A 1 92  ? -0.368  -0.162  -6.478  1.00 10.58 ? 1383 LYS A O   1 
ATOM   586  C CB  . LYS A 1 92  ? -0.408  2.877   -7.904  1.00 13.14 ? 1383 LYS A CB  1 
ATOM   587  C CG  . LYS A 1 92  ? -0.278  1.989   -9.109  1.00 14.83 ? 1383 LYS A CG  1 
ATOM   588  C CD  . LYS A 1 92  ? 0.040   2.772   -10.375 1.00 19.44 ? 1383 LYS A CD  1 
ATOM   589  C CE  . LYS A 1 92  ? 0.587   1.871   -11.469 1.00 25.31 ? 1383 LYS A CE  1 
ATOM   590  N NZ  . LYS A 1 92  ? 0.837   2.577   -12.763 1.00 32.25 ? 1383 LYS A NZ  1 
ATOM   591  N N   . ASP A 1 93  ? 1.113   1.273   -5.612  1.00 9.38  ? 1384 ASP A N   1 
ATOM   592  C CA  . ASP A 1 93  ? 1.998   0.189   -5.173  1.00 9.45  ? 1384 ASP A CA  1 
ATOM   593  C C   . ASP A 1 93  ? 1.353   -0.659  -4.069  1.00 8.02  ? 1384 ASP A C   1 
ATOM   594  O O   . ASP A 1 93  ? 1.497   -1.878  -4.056  1.00 8.93  ? 1384 ASP A O   1 
ATOM   595  C CB  . ASP A 1 93  ? 3.354   0.713   -4.730  1.00 9.66  ? 1384 ASP A CB  1 
ATOM   596  C CG  . ASP A 1 93  ? 4.300   1.059   -5.852  1.00 12.03 ? 1384 ASP A CG  1 
ATOM   597  O OD1 . ASP A 1 93  ? 3.952   0.767   -7.034  1.00 15.84 ? 1384 ASP A OD1 1 
ATOM   598  O OD2 . ASP A 1 93  ? 5.376   1.643   -5.576  1.00 12.01 ? 1384 ASP A OD2 1 
ATOM   599  N N   . VAL A 1 94  ? 0.665   -0.029  -3.117  1.00 8.33  ? 1385 VAL A N   1 
ATOM   600  C CA  . VAL A 1 94  ? 0.025   -0.815  -2.020  1.00 8.41  ? 1385 VAL A CA  1 
ATOM   601  C C   . VAL A 1 94  ? -1.073  -1.691  -2.648  1.00 8.89  ? 1385 VAL A C   1 
ATOM   602  O O   . VAL A 1 94  ? -1.174  -2.879  -2.287  1.00 9.00  ? 1385 VAL A O   1 
ATOM   603  C CB  . VAL A 1 94  ? -0.526  0.093   -0.906  1.00 8.36  ? 1385 VAL A CB  1 
ATOM   604  C CG1 . VAL A 1 94  ? -1.411  -0.687  0.036   1.00 9.18  ? 1385 VAL A CG1 1 
ATOM   605  C CG2 . VAL A 1 94  ? 0.602   0.806   -0.181  1.00 9.00  ? 1385 VAL A CG2 1 
ATOM   606  N N   . ARG A 1 95  ? -1.849  -1.151  -3.591  1.00 8.62  ? 1386 ARG A N   1 
ATOM   607  C CA  . ARG A 1 95  ? -2.889  -1.948  -4.230  1.00 8.83  ? 1386 ARG A CA  1 
ATOM   608  C C   . ARG A 1 95  ? -2.268  -3.126  -4.991  1.00 9.28  ? 1386 ARG A C   1 
ATOM   609  O O   . ARG A 1 95  ? -2.915  -4.201  -5.088  1.00 10.04 ? 1386 ARG A O   1 
ATOM   610  C CB  . ARG A 1 95  ? -3.763  -1.052  -5.094  1.00 9.64  ? 1386 ARG A CB  1 
ATOM   611  C CG  . ARG A 1 95  ? -4.681  -0.201  -4.232  1.00 10.19 ? 1386 ARG A CG  1 
ATOM   612  C CD  . ARG A 1 95  ? -5.370  0.848   -5.074  1.00 11.39 ? 1386 ARG A CD  1 
ATOM   613  N NE  . ARG A 1 95  ? -6.305  1.634   -4.281  1.00 13.12 ? 1386 ARG A NE  1 
ATOM   614  C CZ  . ARG A 1 95  ? -7.010  2.675   -4.747  1.00 15.19 ? 1386 ARG A CZ  1 
ATOM   615  N NH1 . ARG A 1 95  ? -6.816  3.166   -5.971  1.00 17.26 ? 1386 ARG A NH1 1 
ATOM   616  N NH2 . ARG A 1 95  ? -7.864  3.284   -3.936  1.00 17.93 ? 1386 ARG A NH2 1 
ATOM   617  N N   . LEU A 1 96  ? -1.069  -2.967  -5.524  1.00 9.13  ? 1387 LEU A N   1 
ATOM   618  C CA  . LEU A 1 96  ? -0.348  -4.075  -6.198  1.00 9.35  ? 1387 LEU A CA  1 
ATOM   619  C C   . LEU A 1 96  ? -0.028  -5.193  -5.212  1.00 9.03  ? 1387 LEU A C   1 
ATOM   620  O O   . LEU A 1 96  ? -0.094  -6.394  -5.593  1.00 9.92  ? 1387 LEU A O   1 
ATOM   621  C CB  . LEU A 1 96  ? 0.908   -3.508  -6.858  1.00 10.34 ? 1387 LEU A CB  1 
ATOM   622  C CG  . LEU A 1 96  ? 1.807   -4.471  -7.609  1.00 11.75 ? 1387 LEU A CG  1 
ATOM   623  C CD1 . LEU A 1 96  ? 1.092   -5.131  -8.750  1.00 13.22 ? 1387 LEU A CD1 1 
ATOM   624  C CD2 . LEU A 1 96  ? 3.012   -3.701  -8.113  1.00 12.33 ? 1387 LEU A CD2 1 
ATOM   625  N N   . ILE A 1 97  ? 0.330   -4.871  -3.972  1.00 9.55  ? 1388 ILE A N   1 
ATOM   626  C CA  . ILE A 1 97  ? 0.549   -5.938  -2.946  1.00 9.33  ? 1388 ILE A CA  1 
ATOM   627  C C   . ILE A 1 97  ? -0.709  -6.825  -2.917  1.00 9.60  ? 1388 ILE A C   1 
ATOM   628  O O   . ILE A 1 97  ? -0.627  -8.068  -2.925  1.00 10.04 ? 1388 ILE A O   1 
ATOM   629  C CB  . ILE A 1 97  ? 0.860   -5.328  -1.567  1.00 9.46  ? 1388 ILE A CB  1 
ATOM   630  C CG1 . ILE A 1 97  ? 2.152   -4.494  -1.618  1.00 9.41  ? 1388 ILE A CG1 1 
ATOM   631  C CG2 . ILE A 1 97  ? 0.909   -6.407  -0.508  1.00 10.09 ? 1388 ILE A CG2 1 
ATOM   632  C CD1 . ILE A 1 97  ? 2.420   -3.664  -0.337  1.00 9.91  ? 1388 ILE A CD1 1 
ATOM   633  N N   . PHE A 1 98  ? -1.871  -6.191  -2.865  1.00 9.06  ? 1389 PHE A N   1 
ATOM   634  C CA  . PHE A 1 98  ? -3.149  -6.924  -2.694  1.00 9.56  ? 1389 PHE A CA  1 
ATOM   635  C C   . PHE A 1 98  ? -3.542  -7.646  -3.989  1.00 9.56  ? 1389 PHE A C   1 
ATOM   636  O O   . PHE A 1 98  ? -4.007  -8.813  -3.911  1.00 10.43 ? 1389 PHE A O   1 
ATOM   637  C CB  . PHE A 1 98  ? -4.246  -5.995  -2.180  1.00 10.07 ? 1389 PHE A CB  1 
ATOM   638  C CG  . PHE A 1 98  ? -3.916  -5.304  -0.882  1.00 10.52 ? 1389 PHE A CG  1 
ATOM   639  C CD1 . PHE A 1 98  ? -3.379  -5.965  0.204   1.00 11.97 ? 1389 PHE A CD1 1 
ATOM   640  C CD2 . PHE A 1 98  ? -4.121  -3.947  -0.724  1.00 11.14 ? 1389 PHE A CD2 1 
ATOM   641  C CE1 . PHE A 1 98  ? -3.058  -5.312  1.420   1.00 13.30 ? 1389 PHE A CE1 1 
ATOM   642  C CE2 . PHE A 1 98  ? -3.791  -3.338  0.493   1.00 12.64 ? 1389 PHE A CE2 1 
ATOM   643  C CZ  . PHE A 1 98  ? -3.288  -4.013  1.516   1.00 12.82 ? 1389 PHE A CZ  1 
ATOM   644  N N   . SER A 1 99  ? -3.365  -7.027  -5.141  1.00 9.98  ? 1390 SER A N   1 
ATOM   645  C CA  . SER A 1 99  ? -3.699  -7.763  -6.391  1.00 10.30 ? 1390 SER A CA  1 
ATOM   646  C C   . SER A 1 99  ? -2.738  -8.914  -6.588  1.00 10.10 ? 1390 SER A C   1 
ATOM   647  O O   . SER A 1 99  ? -3.182  -9.980  -7.108  1.00 10.58 ? 1390 SER A O   1 
ATOM   648  C CB  . SER A 1 99  ? -3.754  -6.813  -7.551  1.00 12.05 ? 1390 SER A CB  1 
ATOM   649  O OG  . SER A 1 99  ? -2.546  -6.214  -7.791  1.00 13.50 ? 1390 SER A OG  1 
ATOM   650  N N   . ASN A 1 100 ? -1.463  -8.798  -6.237  1.00 9.79  ? 1391 ASN A N   1 
ATOM   651  C CA  . ASN A 1 100 ? -0.545  -9.948  -6.338  1.00 10.32 ? 1391 ASN A CA  1 
ATOM   652  C C   . ASN A 1 100 ? -1.059  -11.071 -5.461  1.00 10.20 ? 1391 ASN A C   1 
ATOM   653  O O   . ASN A 1 100 ? -1.019  -12.283 -5.889  1.00 11.36 ? 1391 ASN A O   1 
ATOM   654  C CB  . ASN A 1 100 ? 0.865   -9.554  -5.965  1.00 10.29 ? 1391 ASN A CB  1 
ATOM   655  C CG  . ASN A 1 100 ? 1.577   -8.702  -6.983  1.00 10.31 ? 1391 ASN A CG  1 
ATOM   656  O OD1 . ASN A 1 100 ? 1.139   -8.570  -8.129  1.00 11.33 ? 1391 ASN A OD1 1 
ATOM   657  N ND2 . ASN A 1 100 ? 2.708   -8.182  -6.595  1.00 10.65 ? 1391 ASN A ND2 1 
ATOM   658  N N   . SER A 1 101 ? -1.483  -10.800 -4.227  1.00 10.34 ? 1392 SER A N   1 
ATOM   659  C CA  . SER A 1 101 ? -1.960  -11.870 -3.316  1.00 9.93  ? 1392 SER A CA  1 
ATOM   660  C C   . SER A 1 101 ? -3.180  -12.560 -3.954  1.00 9.63  ? 1392 SER A C   1 
ATOM   661  O O   . SER A 1 101 ? -3.288  -13.801 -3.925  1.00 10.47 ? 1392 SER A O   1 
ATOM   662  C CB  . SER A 1 101 ? -2.221  -11.277 -1.953  1.00 9.70  ? 1392 SER A CB  1 
ATOM   663  O OG  . SER A 1 101 ? -2.689  -12.308 -1.066  1.00 12.19 ? 1392 SER A OG  1 
ATOM   664  N N   . LYS A 1 102 ? -4.087  -11.796 -4.521  1.00 11.05 ? 1393 LYS A N   1 
ATOM   665  C CA  . LYS A 1 102 ? -5.287  -12.384 -5.171  1.00 11.62 ? 1393 LYS A CA  1 
ATOM   666  C C   . LYS A 1 102 ? -4.922  -13.234 -6.374  1.00 12.13 ? 1393 LYS A C   1 
ATOM   667  O O   . LYS A 1 102 ? -5.552  -14.316 -6.599  1.00 12.99 ? 1393 LYS A O   1 
ATOM   668  C CB  . LYS A 1 102 ? -6.225  -11.271 -5.567  1.00 12.29 ? 1393 LYS A CB  1 
ATOM   669  C CG  . LYS A 1 102 ? -7.601  -11.726 -6.064  1.00 13.42 ? 1393 LYS A CG  1 
ATOM   670  C CD  . LYS A 1 102 ? -8.544  -10.594 -6.244  1.00 14.86 ? 1393 LYS A CD  1 
ATOM   671  C CE  . LYS A 1 102 ? -9.961  -11.064 -6.526  1.00 16.84 ? 1393 LYS A CE  1 
ATOM   672  N NZ  . LYS A 1 102 ? -10.933 -9.959  -6.549  1.00 17.95 ? 1393 LYS A NZ  1 
ATOM   673  N N   . ALA A 1 103 ? -3.903  -12.849 -7.123  1.00 12.25 ? 1394 ALA A N   1 
ATOM   674  C CA  . ALA A 1 103 ? -3.436  -13.630 -8.293  1.00 12.23 ? 1394 ALA A CA  1 
ATOM   675  C C   . ALA A 1 103 ? -2.791  -14.940 -7.841  1.00 12.82 ? 1394 ALA A C   1 
ATOM   676  O O   . ALA A 1 103 ? -2.953  -15.956 -8.535  1.00 13.06 ? 1394 ALA A O   1 
ATOM   677  C CB  . ALA A 1 103 ? -2.483  -12.782 -9.101  1.00 13.14 ? 1394 ALA A CB  1 
ATOM   678  N N   . TYR A 1 104 ? -2.009  -14.924 -6.770  1.00 11.81 ? 1395 TYR A N   1 
ATOM   679  C CA  . TYR A 1 104 ? -1.203  -16.090 -6.345  1.00 12.53 ? 1395 TYR A CA  1 
ATOM   680  C C   . TYR A 1 104 ? -2.033  -17.097 -5.532  1.00 12.46 ? 1395 TYR A C   1 
ATOM   681  O O   . TYR A 1 104 ? -1.558  -18.242 -5.403  1.00 13.07 ? 1395 TYR A O   1 
ATOM   682  C CB  . TYR A 1 104 ? 0.067   -15.630 -5.626  1.00 13.04 ? 1395 TYR A CB  1 
ATOM   683  C CG  . TYR A 1 104 ? 1.039   -16.770 -5.468  1.00 13.46 ? 1395 TYR A CG  1 
ATOM   684  C CD1 . TYR A 1 104 ? 1.678   -17.336 -6.560  1.00 14.01 ? 1395 TYR A CD1 1 
ATOM   685  C CD2 . TYR A 1 104 ? 1.251   -17.333 -4.225  1.00 15.25 ? 1395 TYR A CD2 1 
ATOM   686  C CE1 . TYR A 1 104 ? 2.499   -18.439 -6.416  1.00 13.67 ? 1395 TYR A CE1 1 
ATOM   687  C CE2 . TYR A 1 104 ? 2.065   -18.436 -4.063  1.00 14.59 ? 1395 TYR A CE2 1 
ATOM   688  C CZ  . TYR A 1 104 ? 2.709   -18.977 -5.162  1.00 13.30 ? 1395 TYR A CZ  1 
ATOM   689  O OH  . TYR A 1 104 ? 3.507   -20.068 -5.032  1.00 14.07 ? 1395 TYR A OH  1 
ATOM   690  N N   . THR A 1 105 ? -3.196  -16.736 -4.982  1.00 14.16 ? 1396 THR A N   1 
ATOM   691  C CA  . THR A 1 105 ? -3.925  -17.616 -4.030  1.00 14.78 ? 1396 THR A CA  1 
ATOM   692  C C   . THR A 1 105 ? -4.493  -18.844 -4.759  1.00 15.39 ? 1396 THR A C   1 
ATOM   693  O O   . THR A 1 105 ? -5.113  -18.727 -5.817  1.00 16.08 ? 1396 THR A O   1 
ATOM   694  C CB  . THR A 1 105 ? -4.961  -16.814 -3.224  1.00 15.13 ? 1396 THR A CB  1 
ATOM   695  O OG1 . THR A 1 105 ? -5.487  -17.644 -2.189  1.00 14.84 ? 1396 THR A OG1 1 
ATOM   696  C CG2 . THR A 1 105 ? -6.092  -16.262 -4.058  1.00 15.64 ? 1396 THR A CG2 1 
ATOM   697  N N   . PRO A 1 106 ? -4.322  -20.064 -4.197  1.00 15.93 ? 1397 PRO A N   1 
ATOM   698  C CA  . PRO A 1 106 ? -4.929  -21.260 -4.784  1.00 16.34 ? 1397 PRO A CA  1 
ATOM   699  C C   . PRO A 1 106 ? -6.442  -21.316 -4.558  1.00 17.48 ? 1397 PRO A C   1 
ATOM   700  O O   . PRO A 1 106 ? -7.102  -22.130 -5.186  1.00 16.35 ? 1397 PRO A O   1 
ATOM   701  C CB  . PRO A 1 106 ? -4.259  -22.411 -4.017  1.00 17.45 ? 1397 PRO A CB  1 
ATOM   702  C CG  . PRO A 1 106 ? -3.882  -21.808 -2.682  1.00 17.93 ? 1397 PRO A CG  1 
ATOM   703  C CD  . PRO A 1 106 ? -3.527  -20.374 -3.000  1.00 16.91 ? 1397 PRO A CD  1 
ATOM   704  N N   . SER A 1 107 ? -6.954  -20.495 -3.636  1.00 17.93 ? 1398 SER A N   1 
ATOM   705  C CA  . SER A 1 107 ? -8.398  -20.395 -3.327  1.00 19.09 ? 1398 SER A CA  1 
ATOM   706  C C   . SER A 1 107 ? -8.694  -19.085 -2.593  1.00 20.41 ? 1398 SER A C   1 
ATOM   707  O O   . SER A 1 107 ? -7.773  -18.527 -1.951  1.00 20.43 ? 1398 SER A O   1 
ATOM   708  C CB  . SER A 1 107 ? -8.828  -21.587 -2.524  1.00 19.62 ? 1398 SER A CB  1 
ATOM   709  O OG  . SER A 1 107 ? -9.962  -21.281 -1.737  1.00 21.60 ? 1398 SER A OG  1 
ATOM   710  N N   . LYS A 1 108 ? -9.949  -18.632 -2.631  1.00 22.94 ? 1399 LYS A N   1 
ATOM   711  C CA  . LYS A 1 108 ? -10.386 -17.415 -1.899  1.00 25.67 ? 1399 LYS A CA  1 
ATOM   712  C C   . LYS A 1 108 ? -10.475 -17.748 -0.404  1.00 27.09 ? 1399 LYS A C   1 
ATOM   713  O O   . LYS A 1 108 ? -10.456 -16.802 0.409   1.00 26.99 ? 1399 LYS A O   1 
ATOM   714  C CB  . LYS A 1 108 ? -11.705 -16.885 -2.465  1.00 29.01 ? 1399 LYS A CB  1 
ATOM   715  C CG  . LYS A 1 108 ? -11.681 -16.519 -3.949  1.00 30.87 ? 1399 LYS A CG  1 
ATOM   716  C CD  . LYS A 1 108 ? -10.470 -15.700 -4.382  1.00 32.64 ? 1399 LYS A CD  1 
ATOM   717  C CE  . LYS A 1 108 ? -10.804 -14.516 -5.265  1.00 34.09 ? 1399 LYS A CE  1 
ATOM   718  N NZ  . LYS A 1 108 ? -10.735 -14.858 -6.706  1.00 34.66 ? 1399 LYS A NZ  1 
ATOM   719  N N   . ARG A 1 109 ? -10.546 -19.039 -0.061  1.00 27.25 ? 1400 ARG A N   1 
ATOM   720  C CA  . ARG A 1 109 ? -10.572 -19.545 1.336   1.00 29.84 ? 1400 ARG A CA  1 
ATOM   721  C C   . ARG A 1 109 ? -9.147  -19.933 1.737   1.00 28.88 ? 1400 ARG A C   1 
ATOM   722  O O   . ARG A 1 109 ? -8.912  -21.101 2.121   1.00 32.38 ? 1400 ARG A O   1 
ATOM   723  C CB  . ARG A 1 109 ? -11.545 -20.722 1.456   1.00 32.06 ? 1400 ARG A CB  1 
ATOM   724  C CG  . ARG A 1 109 ? -12.930 -20.443 0.885   1.00 35.01 ? 1400 ARG A CG  1 
ATOM   725  C CD  . ARG A 1 109 ? -13.898 -21.589 1.121   1.00 37.12 ? 1400 ARG A CD  1 
ATOM   726  N NE  . ARG A 1 109 ? -13.863 -22.028 2.512   1.00 39.49 ? 1400 ARG A NE  1 
ATOM   727  C CZ  . ARG A 1 109 ? -13.123 -23.032 2.993   1.00 40.37 ? 1400 ARG A CZ  1 
ATOM   728  N NH1 . ARG A 1 109 ? -13.166 -23.317 4.284   1.00 41.28 ? 1400 ARG A NH1 1 
ATOM   729  N NH2 . ARG A 1 109 ? -12.341 -23.745 2.197   1.00 43.23 ? 1400 ARG A NH2 1 
ATOM   730  N N   . SER A 1 110 ? -8.219  -18.982 1.619   1.00 24.98 ? 1401 SER A N   1 
ATOM   731  C CA  . SER A 1 110 ? -6.801  -19.148 2.016   1.00 20.31 ? 1401 SER A CA  1 
ATOM   732  C C   . SER A 1 110 ? -6.437  -18.126 3.094   1.00 17.24 ? 1401 SER A C   1 
ATOM   733  O O   . SER A 1 110 ? -7.005  -17.019 3.107   1.00 15.92 ? 1401 SER A O   1 
ATOM   734  C CB  . SER A 1 110 ? -5.905  -19.046 0.819   1.00 20.81 ? 1401 SER A CB  1 
ATOM   735  O OG  . SER A 1 110 ? -6.251  -20.044 -0.136  1.00 23.83 ? 1401 SER A OG  1 
ATOM   736  N N   . ARG A 1 111 ? -5.539  -18.521 3.995   1.00 15.49 ? 1402 ARG A N   1 
ATOM   737  C CA  . ARG A 1 111 ? -5.097  -17.683 5.135   1.00 16.29 ? 1402 ARG A CA  1 
ATOM   738  C C   . ARG A 1 111 ? -4.456  -16.395 4.626   1.00 15.09 ? 1402 ARG A C   1 
ATOM   739  O O   . ARG A 1 111 ? -4.783  -15.319 5.139   1.00 14.09 ? 1402 ARG A O   1 
ATOM   740  C CB  . ARG A 1 111 ? -4.076  -18.460 5.969   1.00 16.92 ? 1402 ARG A CB  1 
ATOM   741  C CG  . ARG A 1 111 ? -3.530  -17.677 7.152   1.00 17.49 ? 1402 ARG A CG  1 
ATOM   742  C CD  . ARG A 1 111 ? -4.569  -17.488 8.244   1.00 18.40 ? 1402 ARG A CD  1 
ATOM   743  N NE  . ARG A 1 111 ? -4.222  -16.444 9.202   1.00 20.98 ? 1402 ARG A NE  1 
ATOM   744  C CZ  . ARG A 1 111 ? -3.455  -16.598 10.283  1.00 20.60 ? 1402 ARG A CZ  1 
ATOM   745  N NH1 . ARG A 1 111 ? -2.906  -17.764 10.570  1.00 22.31 ? 1402 ARG A NH1 1 
ATOM   746  N NH2 . ARG A 1 111 ? -3.209  -15.561 11.067  1.00 22.15 ? 1402 ARG A NH2 1 
ATOM   747  N N   . ILE A 1 112 ? -3.480  -16.489 3.749   1.00 13.41 ? 1403 ILE A N   1 
ATOM   748  C CA  . ILE A 1 112 ? -2.711  -15.268 3.364   1.00 12.83 ? 1403 ILE A CA  1 
ATOM   749  C C   . ILE A 1 112 ? -3.622  -14.341 2.545   1.00 12.57 ? 1403 ILE A C   1 
ATOM   750  O O   . ILE A 1 112 ? -3.696  -13.122 2.835   1.00 11.31 ? 1403 ILE A O   1 
ATOM   751  C CB  . ILE A 1 112 ? -1.389  -15.642 2.671   1.00 13.67 ? 1403 ILE A CB  1 
ATOM   752  C CG1 . ILE A 1 112 ? -0.450  -16.332 3.664   1.00 14.21 ? 1403 ILE A CG1 1 
ATOM   753  C CG2 . ILE A 1 112 ? -0.732  -14.418 2.046   1.00 14.56 ? 1403 ILE A CG2 1 
ATOM   754  C CD1 . ILE A 1 112 ? 0.720   -17.052 3.023   1.00 15.08 ? 1403 ILE A CD1 1 
ATOM   755  N N   . TYR A 1 113 ? -4.412  -14.867 1.613   1.00 11.34 ? 1404 TYR A N   1 
ATOM   756  C CA  . TYR A 1 113 ? -5.345  -14.028 0.838   1.00 11.74 ? 1404 TYR A CA  1 
ATOM   757  C C   . TYR A 1 113 ? -6.361  -13.407 1.781   1.00 11.40 ? 1404 TYR A C   1 
ATOM   758  O O   . TYR A 1 113 ? -6.699  -12.247 1.653   1.00 11.99 ? 1404 TYR A O   1 
ATOM   759  C CB  . TYR A 1 113 ? -5.999  -14.826 -0.295  1.00 12.80 ? 1404 TYR A CB  1 
ATOM   760  C CG  . TYR A 1 113 ? -7.050  -14.056 -1.056  1.00 11.46 ? 1404 TYR A CG  1 
ATOM   761  C CD1 . TYR A 1 113 ? -6.752  -12.923 -1.814  1.00 13.38 ? 1404 TYR A CD1 1 
ATOM   762  C CD2 . TYR A 1 113 ? -8.400  -14.444 -1.004  1.00 12.38 ? 1404 TYR A CD2 1 
ATOM   763  C CE1 . TYR A 1 113 ? -7.758  -12.226 -2.489  1.00 13.28 ? 1404 TYR A CE1 1 
ATOM   764  C CE2 . TYR A 1 113 ? -9.390  -13.773 -1.704  1.00 13.96 ? 1404 TYR A CE2 1 
ATOM   765  C CZ  . TYR A 1 113 ? -9.062  -12.661 -2.454  1.00 14.04 ? 1404 TYR A CZ  1 
ATOM   766  O OH  . TYR A 1 113 ? -10.034 -11.956 -3.135  1.00 15.98 ? 1404 TYR A OH  1 
ATOM   767  N N   A SER A 1 114 ? -6.868  -14.191 2.734   0.30 11.89 ? 1405 SER A N   1 
ATOM   768  N N   B SER A 1 114 ? -6.875  -14.181 2.731   0.30 12.39 ? 1405 SER A N   1 
ATOM   769  C CA  A SER A 1 114 ? -7.866  -13.683 3.712   0.30 12.82 ? 1405 SER A CA  1 
ATOM   770  C CA  B SER A 1 114 ? -7.891  -13.652 3.675   0.30 13.63 ? 1405 SER A CA  1 
ATOM   771  C C   A SER A 1 114 ? -7.292  -12.501 4.513   0.30 11.73 ? 1405 SER A C   1 
ATOM   772  C C   B SER A 1 114 ? -7.304  -12.509 4.534   0.30 12.16 ? 1405 SER A C   1 
ATOM   773  O O   A SER A 1 114 ? -8.022  -11.519 4.776   0.30 12.01 ? 1405 SER A O   1 
ATOM   774  O O   B SER A 1 114 ? -8.025  -11.533 4.829   0.30 12.35 ? 1405 SER A O   1 
ATOM   775  C CB  A SER A 1 114 ? -8.375  -14.761 4.646   0.30 14.27 ? 1405 SER A CB  1 
ATOM   776  C CB  B SER A 1 114 ? -8.496  -14.758 4.508   0.30 15.76 ? 1405 SER A CB  1 
ATOM   777  O OG  A SER A 1 114 ? -7.425  -15.085 5.642   0.30 14.09 ? 1405 SER A OG  1 
ATOM   778  O OG  B SER A 1 114 ? -9.154  -15.699 3.666   0.30 17.60 ? 1405 SER A OG  1 
ATOM   779  N N   . MET A 1 115 ? -6.034  -12.598 4.934   1.00 11.36 ? 1406 MET A N   1 
ATOM   780  C CA  . MET A 1 115 ? -5.327  -11.501 5.640   1.00 11.11 ? 1406 MET A CA  1 
ATOM   781  C C   . MET A 1 115 ? -5.238  -10.299 4.697   1.00 9.70  ? 1406 MET A C   1 
ATOM   782  O O   . MET A 1 115 ? -5.445  -9.151  5.167   1.00 10.39 ? 1406 MET A O   1 
ATOM   783  C CB  . MET A 1 115 ? -3.949  -11.945 6.099   1.00 11.22 ? 1406 MET A CB  1 
ATOM   784  C CG  . MET A 1 115 ? -3.993  -13.012 7.170   1.00 12.53 ? 1406 MET A CG  1 
ATOM   785  S SD  . MET A 1 115 ? -2.497  -13.912 7.402   1.00 16.79 ? 1406 MET A SD  1 
ATOM   786  C CE  . MET A 1 115 ? -1.741  -12.805 8.415   1.00 15.37 ? 1406 MET A CE  1 
ATOM   787  N N   . SER A 1 116 ? -4.941  -10.530 3.427   1.00 9.96  ? 1407 SER A N   1 
ATOM   788  C CA  . SER A 1 116 ? -4.841  -9.442  2.445   1.00 10.29 ? 1407 SER A CA  1 
ATOM   789  C C   . SER A 1 116 ? -6.151  -8.660  2.346   1.00 9.68  ? 1407 SER A C   1 
ATOM   790  O O   . SER A 1 116 ? -6.143  -7.452  2.194   1.00 10.65 ? 1407 SER A O   1 
ATOM   791  C CB  . SER A 1 116 ? -4.386  -9.919  1.060   1.00 11.27 ? 1407 SER A CB  1 
ATOM   792  O OG  . SER A 1 116 ? -5.453  -10.360 0.246   1.00 11.82 ? 1407 SER A OG  1 
ATOM   793  N N   . LEU A 1 117 ? -7.299  -9.356  2.413   1.00 9.92  ? 1408 LEU A N   1 
ATOM   794  C CA  . LEU A 1 117 ? -8.583  -8.663  2.225   1.00 10.77 ? 1408 LEU A CA  1 
ATOM   795  C C   . LEU A 1 117 ? -8.889  -7.764  3.409   1.00 9.97  ? 1408 LEU A C   1 
ATOM   796  O O   . LEU A 1 117 ? -9.375  -6.639  3.253   1.00 10.99 ? 1408 LEU A O   1 
ATOM   797  C CB  . LEU A 1 117 ? -9.728  -9.641  1.983   1.00 12.25 ? 1408 LEU A CB  1 
ATOM   798  C CG  . LEU A 1 117 ? -9.701  -10.416 0.678   1.00 13.37 ? 1408 LEU A CG  1 
ATOM   799  C CD1 . LEU A 1 117 ? -10.908 -11.344 0.642   1.00 16.09 ? 1408 LEU A CD1 1 
ATOM   800  C CD2 . LEU A 1 117 ? -9.675  -9.506  -0.540  1.00 15.51 ? 1408 LEU A CD2 1 
ATOM   801  N N   . ARG A 1 118 ? -8.589  -8.229  4.632   1.00 9.76  ? 1409 ARG A N   1 
ATOM   802  C CA  . ARG A 1 118 ? -8.840  -7.376  5.824   1.00 10.00 ? 1409 ARG A CA  1 
ATOM   803  C C   . ARG A 1 118 ? -7.859  -6.215  5.772   1.00 9.68  ? 1409 ARG A C   1 
ATOM   804  O O   . ARG A 1 118 ? -8.259  -5.054  6.069   1.00 10.04 ? 1409 ARG A O   1 
ATOM   805  C CB  . ARG A 1 118 ? -8.656  -8.157  7.117   1.00 10.51 ? 1409 ARG A CB  1 
ATOM   806  C CG  . ARG A 1 118 ? -9.725  -9.234  7.388   1.00 11.08 ? 1409 ARG A CG  1 
ATOM   807  C CD  . ARG A 1 118 ? -9.604  -9.816  8.783   1.00 11.39 ? 1409 ARG A CD  1 
ATOM   808  N NE  . ARG A 1 118 ? -8.376  -10.526 8.986   1.00 11.15 ? 1409 ARG A NE  1 
ATOM   809  C CZ  . ARG A 1 118 ? -8.230  -11.839 8.954   1.00 13.39 ? 1409 ARG A CZ  1 
ATOM   810  N NH1 . ARG A 1 118 ? -9.240  -12.634 8.672   1.00 15.93 ? 1409 ARG A NH1 1 
ATOM   811  N NH2 . ARG A 1 118 ? -7.008  -12.337 9.176   1.00 15.97 ? 1409 ARG A NH2 1 
ATOM   812  N N   . LEU A 1 119 ? -6.607  -6.462  5.464   1.00 9.22  ? 1410 LEU A N   1 
ATOM   813  C CA  . LEU A 1 119 ? -5.634  -5.361  5.459   1.00 9.27  ? 1410 LEU A CA  1 
ATOM   814  C C   . LEU A 1 119 ? -5.958  -4.331  4.375   1.00 9.31  ? 1410 LEU A C   1 
ATOM   815  O O   . LEU A 1 119 ? -5.780  -3.109  4.593   1.00 9.95  ? 1410 LEU A O   1 
ATOM   816  C CB  . LEU A 1 119 ? -4.235  -5.932  5.313   1.00 11.05 ? 1410 LEU A CB  1 
ATOM   817  C CG  . LEU A 1 119 ? -3.093  -4.963  5.625   1.00 11.51 ? 1410 LEU A CG  1 
ATOM   818  C CD1 . LEU A 1 119 ? -3.120  -4.576  7.118   1.00 12.87 ? 1410 LEU A CD1 1 
ATOM   819  C CD2 . LEU A 1 119 ? -1.760  -5.605  5.253   1.00 11.13 ? 1410 LEU A CD2 1 
ATOM   820  N N   . SER A 1 120 ? -6.459  -4.778  3.216   1.00 9.39  ? 1411 SER A N   1 
ATOM   821  C CA  . SER A 1 120 ? -6.884  -3.870  2.128   1.00 10.02 ? 1411 SER A CA  1 
ATOM   822  C C   . SER A 1 120 ? -8.009  -2.978  2.630   1.00 10.09 ? 1411 SER A C   1 
ATOM   823  O O   . SER A 1 120 ? -8.031  -1.759  2.346   1.00 9.83  ? 1411 SER A O   1 
ATOM   824  C CB  . SER A 1 120 ? -7.302  -4.689  0.918   1.00 9.91  ? 1411 SER A CB  1 
ATOM   825  O OG  . SER A 1 120 ? -7.875  -3.844  -0.088  1.00 11.61 ? 1411 SER A OG  1 
ATOM   826  N N   . ALA A 1 121 ? -9.024  -3.548  3.314   1.00 9.80  ? 1412 ALA A N   1 
ATOM   827  C CA  . ALA A 1 121 ? -10.136 -2.729  3.845   1.00 9.92  ? 1412 ALA A CA  1 
ATOM   828  C C   . ALA A 1 121 ? -9.604  -1.671  4.794   1.00 8.83  ? 1412 ALA A C   1 
ATOM   829  O O   . ALA A 1 121 ? -10.048 -0.535  4.746   1.00 10.04 ? 1412 ALA A O   1 
ATOM   830  C CB  . ALA A 1 121 ? -11.189 -3.616  4.514   1.00 10.78 ? 1412 ALA A CB  1 
ATOM   831  N N   . PHE A 1 122 ? -8.696  -2.071  5.681   1.00 9.75  ? 1413 PHE A N   1 
ATOM   832  C CA  . PHE A 1 122 ? -8.079  -1.107  6.640   1.00 9.30  ? 1413 PHE A CA  1 
ATOM   833  C C   . PHE A 1 122 ? -7.354  0.018   5.884   1.00 10.02 ? 1413 PHE A C   1 
ATOM   834  O O   . PHE A 1 122 ? -7.509  1.206   6.197   1.00 9.92  ? 1413 PHE A O   1 
ATOM   835  C CB  . PHE A 1 122 ? -7.156  -1.864  7.581   1.00 10.27 ? 1413 PHE A CB  1 
ATOM   836  C CG  . PHE A 1 122 ? -6.433  -0.989  8.546   1.00 11.08 ? 1413 PHE A CG  1 
ATOM   837  C CD1 . PHE A 1 122 ? -7.022  -0.542  9.739   1.00 13.83 ? 1413 PHE A CD1 1 
ATOM   838  C CD2 . PHE A 1 122 ? -5.139  -0.565  8.309   1.00 11.75 ? 1413 PHE A CD2 1 
ATOM   839  C CE1 . PHE A 1 122 ? -6.371  0.357   10.594  1.00 14.85 ? 1413 PHE A CE1 1 
ATOM   840  C CE2 . PHE A 1 122 ? -4.472  0.271   9.204   1.00 14.23 ? 1413 PHE A CE2 1 
ATOM   841  C CZ  . PHE A 1 122 ? -5.073  0.712   10.366  1.00 14.61 ? 1413 PHE A CZ  1 
ATOM   842  N N   . PHE A 1 123 ? -6.505  -0.373  4.910   1.00 9.54  ? 1414 PHE A N   1 
ATOM   843  C CA  . PHE A 1 123 ? -5.764  0.612   4.102   1.00 9.07  ? 1414 PHE A CA  1 
ATOM   844  C C   . PHE A 1 123 ? -6.706  1.575   3.392   1.00 9.62  ? 1414 PHE A C   1 
ATOM   845  O O   . PHE A 1 123 ? -6.488  2.818   3.452   1.00 10.31 ? 1414 PHE A O   1 
ATOM   846  C CB  . PHE A 1 123 ? -4.854  -0.115  3.110   1.00 9.86  ? 1414 PHE A CB  1 
ATOM   847  C CG  . PHE A 1 123 ? -4.123  0.819   2.170   1.00 9.91  ? 1414 PHE A CG  1 
ATOM   848  C CD1 . PHE A 1 123 ? -3.094  1.625   2.616   1.00 10.33 ? 1414 PHE A CD1 1 
ATOM   849  C CD2 . PHE A 1 123 ? -4.583  0.987   0.861   1.00 10.45 ? 1414 PHE A CD2 1 
ATOM   850  C CE1 . PHE A 1 123 ? -2.476  2.528   1.744   1.00 10.73 ? 1414 PHE A CE1 1 
ATOM   851  C CE2 . PHE A 1 123 ? -3.970  1.902   0.002   1.00 10.89 ? 1414 PHE A CE2 1 
ATOM   852  C CZ  . PHE A 1 123 ? -2.942  2.644   0.472   1.00 11.20 ? 1414 PHE A CZ  1 
ATOM   853  N N   . GLU A 1 124 ? -7.710  1.042   2.709   1.00 9.13  ? 1415 GLU A N   1 
ATOM   854  C CA  . GLU A 1 124 ? -8.616  1.914   1.931   1.00 10.63 ? 1415 GLU A CA  1 
ATOM   855  C C   . GLU A 1 124 ? -9.337  2.880   2.867   1.00 10.50 ? 1415 GLU A C   1 
ATOM   856  O O   . GLU A 1 124 ? -9.544  4.065   2.502   1.00 11.78 ? 1415 GLU A O   1 
ATOM   857  C CB  . GLU A 1 124 ? -9.607  1.077   1.107   1.00 11.18 ? 1415 GLU A CB  1 
ATOM   858  C CG  . GLU A 1 124 ? -8.914  0.303   -0.053  1.00 12.24 ? 1415 GLU A CG  1 
ATOM   859  C CD  . GLU A 1 124 ? -8.255  1.129   -1.155  1.00 13.52 ? 1415 GLU A CD  1 
ATOM   860  O OE1 . GLU A 1 124 ? -8.692  2.291   -1.369  1.00 14.80 ? 1415 GLU A OE1 1 
ATOM   861  O OE2 . GLU A 1 124 ? -7.259  0.639   -1.734  1.00 13.44 ? 1415 GLU A OE2 1 
ATOM   862  N N   . GLU A 1 125 ? -9.757  2.421   4.052   1.00 10.64 ? 1416 GLU A N   1 
ATOM   863  C CA  . GLU A 1 125 ? -10.474 3.286   5.010   1.00 11.58 ? 1416 GLU A CA  1 
ATOM   864  C C   . GLU A 1 125 ? -9.595  4.455   5.395   1.00 10.82 ? 1416 GLU A C   1 
ATOM   865  O O   . GLU A 1 125 ? -10.099 5.564   5.540   1.00 13.43 ? 1416 GLU A O   1 
ATOM   866  C CB  . GLU A 1 125 ? -10.787 2.389   6.210   1.00 10.78 ? 1416 GLU A CB  1 
ATOM   867  C CG  . GLU A 1 125 ? -11.388 3.093   7.425   1.00 12.49 ? 1416 GLU A CG  1 
ATOM   868  C CD  . GLU A 1 125 ? -11.688 2.073   8.509   1.00 13.65 ? 1416 GLU A CD  1 
ATOM   869  O OE1 . GLU A 1 125 ? -12.588 1.190   8.258   1.00 13.79 ? 1416 GLU A OE1 1 
ATOM   870  O OE2 . GLU A 1 125 ? -10.988 2.070   9.537   1.00 14.71 ? 1416 GLU A OE2 1 
ATOM   871  N N   . HIS A 1 126 ? -8.298  4.258   5.559   1.00 11.01 ? 1417 HIS A N   1 
ATOM   872  C CA  . HIS A 1 126 ? -7.349  5.281   6.060   1.00 12.81 ? 1417 HIS A CA  1 
ATOM   873  C C   . HIS A 1 126 ? -6.763  6.147   4.931   1.00 12.22 ? 1417 HIS A C   1 
ATOM   874  O O   . HIS A 1 126 ? -6.494  7.334   5.158   1.00 15.17 ? 1417 HIS A O   1 
ATOM   875  C CB  . HIS A 1 126 ? -6.265  4.636   6.920   1.00 13.58 ? 1417 HIS A CB  1 
ATOM   876  C CG  . HIS A 1 126 ? -6.784  4.251   8.262   1.00 15.89 ? 1417 HIS A CG  1 
ATOM   877  N ND1 . HIS A 1 126 ? -7.545  3.131   8.535   1.00 16.87 ? 1417 HIS A ND1 1 
ATOM   878  C CD2 . HIS A 1 126 ? -6.437  4.785   9.454   1.00 21.59 ? 1417 HIS A CD2 1 
ATOM   879  C CE1 . HIS A 1 126 ? -7.890  3.209   9.828   1.00 18.72 ? 1417 HIS A CE1 1 
ATOM   880  N NE2 . HIS A 1 126 ? -7.127  4.086   10.411  1.00 25.40 ? 1417 HIS A NE2 1 
ATOM   881  N N   . ILE A 1 127 ? -6.558  5.603   3.729   1.00 11.00 ? 1418 ILE A N   1 
ATOM   882  C CA  . ILE A 1 127 ? -5.942  6.391   2.631   1.00 10.91 ? 1418 ILE A CA  1 
ATOM   883  C C   . ILE A 1 127 ? -6.898  7.390   2.000   1.00 11.16 ? 1418 ILE A C   1 
ATOM   884  O O   . ILE A 1 127 ? -6.443  8.376   1.398   1.00 10.86 ? 1418 ILE A O   1 
ATOM   885  C CB  . ILE A 1 127 ? -5.313  5.462   1.558   1.00 10.65 ? 1418 ILE A CB  1 
ATOM   886  C CG1 . ILE A 1 127 ? -4.170  6.116   0.741   1.00 11.90 ? 1418 ILE A CG1 1 
ATOM   887  C CG2 . ILE A 1 127 ? -6.335  4.867   0.639   1.00 11.73 ? 1418 ILE A CG2 1 
ATOM   888  C CD1 . ILE A 1 127 ? -3.001  6.512   1.533   1.00 13.02 ? 1418 ILE A CD1 1 
ATOM   889  N N   A SER A 1 128 ? -8.208  7.178   2.097   0.25 11.08 ? 1419 SER A N   1 
ATOM   890  N N   B SER A 1 128 ? -8.199  7.138   2.130   0.25 11.34 ? 1419 SER A N   1 
ATOM   891  C CA  A SER A 1 128 ? -9.176  8.050   1.392   0.25 11.47 ? 1419 SER A CA  1 
ATOM   892  C CA  B SER A 1 128 ? -9.274  7.982   1.562   0.25 12.11 ? 1419 SER A CA  1 
ATOM   893  C C   A SER A 1 128 ? -9.010  9.530   1.809   0.25 11.37 ? 1419 SER A C   1 
ATOM   894  C C   B SER A 1 128 ? -9.018  9.473   1.832   0.25 11.77 ? 1419 SER A C   1 
ATOM   895  O O   A SER A 1 128 ? -9.015  10.404  0.896   0.25 11.43 ? 1419 SER A O   1 
ATOM   896  O O   B SER A 1 128 ? -8.988  10.262  0.855   0.25 12.27 ? 1419 SER A O   1 
ATOM   897  C CB  A SER A 1 128 ? -10.584 7.551   1.589   0.25 12.15 ? 1419 SER A CB  1 
ATOM   898  C CB  B SER A 1 128 ? -10.607 7.543   2.125   0.25 12.75 ? 1419 SER A CB  1 
ATOM   899  O OG  A SER A 1 128 ? -10.874 7.446   2.972   0.25 13.78 ? 1419 SER A OG  1 
ATOM   900  O OG  B SER A 1 128 ? -11.647 8.420   1.717   0.25 15.83 ? 1419 SER A OG  1 
ATOM   901  N N   . SER A 1 129 ? -8.859  9.845   3.096   1.00 11.56 ? 1420 SER A N   1 
ATOM   902  C CA  . SER A 1 129 ? -8.716  11.268  3.485   1.00 13.26 ? 1420 SER A CA  1 
ATOM   903  C C   . SER A 1 129 ? -7.360  11.823  3.011   1.00 11.75 ? 1420 SER A C   1 
ATOM   904  O O   . SER A 1 129 ? -7.271  13.018  2.690   1.00 11.84 ? 1420 SER A O   1 
ATOM   905  C CB  . SER A 1 129 ? -8.848  11.483  4.946   1.00 15.64 ? 1420 SER A CB  1 
ATOM   906  O OG  . SER A 1 129 ? -7.942  10.716  5.696   1.00 20.59 ? 1420 SER A OG  1 
ATOM   907  N N   . VAL A 1 130 ? -6.318  10.962  3.016   1.00 10.09 ? 1421 VAL A N   1 
ATOM   908  C CA  . VAL A 1 130 ? -4.981  11.393  2.545   1.00 10.02 ? 1421 VAL A CA  1 
ATOM   909  C C   . VAL A 1 130 ? -5.066  11.832  1.093   1.00 10.23 ? 1421 VAL A C   1 
ATOM   910  O O   . VAL A 1 130 ? -4.568  12.928  0.696   1.00 10.41 ? 1421 VAL A O   1 
ATOM   911  C CB  . VAL A 1 130 ? -3.964  10.282  2.726   1.00 9.88  ? 1421 VAL A CB  1 
ATOM   912  C CG1 . VAL A 1 130 ? -2.607  10.741  2.188   1.00 9.81  ? 1421 VAL A CG1 1 
ATOM   913  C CG2 . VAL A 1 130 ? -3.854  9.863   4.167   1.00 11.13 ? 1421 VAL A CG2 1 
ATOM   914  N N   . LEU A 1 131 ? -5.702  11.025  0.231   1.00 10.53 ? 1422 LEU A N   1 
ATOM   915  C CA  . LEU A 1 131 ? -5.868  11.359  -1.187  1.00 10.58 ? 1422 LEU A CA  1 
ATOM   916  C C   . LEU A 1 131 ? -6.747  12.592  -1.367  1.00 10.03 ? 1422 LEU A C   1 
ATOM   917  O O   . LEU A 1 131 ? -6.395  13.480  -2.159  1.00 11.26 ? 1422 LEU A O   1 
ATOM   918  C CB  . LEU A 1 131 ? -6.513  10.173  -1.934  1.00 10.62 ? 1422 LEU A CB  1 
ATOM   919  C CG  . LEU A 1 131 ? -5.670  8.906   -2.011  1.00 11.31 ? 1422 LEU A CG  1 
ATOM   920  C CD1 . LEU A 1 131 ? -6.492  7.719   -2.488  1.00 12.56 ? 1422 LEU A CD1 1 
ATOM   921  C CD2 . LEU A 1 131 ? -4.439  9.154   -2.869  1.00 13.32 ? 1422 LEU A CD2 1 
ATOM   922  N N   A SER A 1 132 ? -7.884  12.642  -0.678  0.40 10.38 ? 1423 SER A N   1 
ATOM   923  N N   B SER A 1 132 ? -7.866  12.655  -0.651  0.10 10.84 ? 1423 SER A N   1 
ATOM   924  C CA  A SER A 1 132 ? -8.787  13.812  -0.823  0.40 10.90 ? 1423 SER A CA  1 
ATOM   925  C CA  B SER A 1 132 ? -8.836  13.775  -0.755  0.10 11.26 ? 1423 SER A CA  1 
ATOM   926  C C   A SER A 1 132 ? -8.057  15.107  -0.442  0.40 10.98 ? 1423 SER A C   1 
ATOM   927  C C   B SER A 1 132 ? -8.165  15.104  -0.371  0.10 11.23 ? 1423 SER A C   1 
ATOM   928  O O   A SER A 1 132 ? -8.176  16.104  -1.192  0.40 10.63 ? 1423 SER A O   1 
ATOM   929  O O   B SER A 1 132 ? -8.378  16.109  -1.053  0.10 11.18 ? 1423 SER A O   1 
ATOM   930  C CB  A SER A 1 132 ? -10.038 13.667  -0.001  0.40 11.87 ? 1423 SER A CB  1 
ATOM   931  C CB  B SER A 1 132 ? -10.046 13.495  0.088   0.10 11.81 ? 1423 SER A CB  1 
ATOM   932  O OG  A SER A 1 132 ? -10.813 12.568  -0.405  0.40 12.95 ? 1423 SER A OG  1 
ATOM   933  O OG  B SER A 1 132 ? -11.090 14.390  -0.239  0.10 12.76 ? 1423 SER A OG  1 
ATOM   934  N N   . ASP A 1 133 ? -7.386  15.115  0.701   1.00 11.01 ? 1424 ASP A N   1 
ATOM   935  C CA  . ASP A 1 133 ? -6.698  16.346  1.140   1.00 10.91 ? 1424 ASP A CA  1 
ATOM   936  C C   . ASP A 1 133 ? -5.628  16.764  0.148   1.00 10.79 ? 1424 ASP A C   1 
ATOM   937  O O   . ASP A 1 133 ? -5.478  17.972  -0.132  1.00 10.90 ? 1424 ASP A O   1 
ATOM   938  C CB  . ASP A 1 133 ? -6.120  16.162  2.534   1.00 13.04 ? 1424 ASP A CB  1 
ATOM   939  C CG  . ASP A 1 133 ? -7.071  16.121  3.693   1.00 15.02 ? 1424 ASP A CG  1 
ATOM   940  O OD1 . ASP A 1 133 ? -8.309  16.249  3.491   1.00 16.89 ? 1424 ASP A OD1 1 
ATOM   941  O OD2 . ASP A 1 133 ? -6.552  16.008  4.822   1.00 20.24 ? 1424 ASP A OD2 1 
ATOM   942  N N   . TYR A 1 134 ? -4.865  15.802  -0.380  1.00 9.77  ? 1425 TYR A N   1 
ATOM   943  C CA  . TYR A 1 134 ? -3.791  16.138  -1.322  1.00 9.70  ? 1425 TYR A CA  1 
ATOM   944  C C   . TYR A 1 134 ? -4.402  16.779  -2.566  1.00 10.03 ? 1425 TYR A C   1 
ATOM   945  O O   . TYR A 1 134 ? -3.936  17.791  -3.078  1.00 10.33 ? 1425 TYR A O   1 
ATOM   946  C CB  . TYR A 1 134 ? -2.931  14.901  -1.653  1.00 9.91  ? 1425 TYR A CB  1 
ATOM   947  C CG  . TYR A 1 134 ? -1.938  15.158  -2.727  1.00 10.39 ? 1425 TYR A CG  1 
ATOM   948  C CD1 . TYR A 1 134 ? -0.753  15.809  -2.442  1.00 11.75 ? 1425 TYR A CD1 1 
ATOM   949  C CD2 . TYR A 1 134 ? -2.189  14.801  -4.044  1.00 12.09 ? 1425 TYR A CD2 1 
ATOM   950  C CE1 . TYR A 1 134 ? 0.199   16.049  -3.420  1.00 12.30 ? 1425 TYR A CE1 1 
ATOM   951  C CE2 . TYR A 1 134 ? -1.248  14.999  -5.016  1.00 12.78 ? 1425 TYR A CE2 1 
ATOM   952  C CZ  . TYR A 1 134 ? -0.094  15.649  -4.710  1.00 12.21 ? 1425 TYR A CZ  1 
ATOM   953  O OH  . TYR A 1 134 ? 0.879   15.854  -5.702  1.00 17.36 ? 1425 TYR A OH  1 
ATOM   954  N N   . LYS A 1 135 ? -5.431  16.118  -3.112  1.00 10.38 ? 1426 LYS A N   1 
ATOM   955  C CA  . LYS A 1 135 ? -6.022  16.600  -4.376  1.00 10.19 ? 1426 LYS A CA  1 
ATOM   956  C C   . LYS A 1 135 ? -6.647  17.992  -4.181  1.00 9.72  ? 1426 LYS A C   1 
ATOM   957  O O   . LYS A 1 135 ? -6.529  18.843  -5.056  1.00 10.44 ? 1426 LYS A O   1 
ATOM   958  C CB  . LYS A 1 135 ? -7.039  15.585  -4.916  1.00 11.55 ? 1426 LYS A CB  1 
ATOM   959  C CG  . LYS A 1 135 ? -6.342  14.283  -5.354  1.00 12.02 ? 1426 LYS A CG  1 
ATOM   960  C CD  . LYS A 1 135 ? -7.354  13.228  -5.869  1.00 13.57 ? 1426 LYS A CD  1 
ATOM   961  C CE  . LYS A 1 135 ? -6.690  11.942  -6.309  1.00 16.78 ? 1426 LYS A CE  1 
ATOM   962  N NZ  . LYS A 1 135 ? -7.574  11.091  -7.162  1.00 20.78 ? 1426 LYS A NZ  1 
ATOM   963  N N   A SER A 1 136 ? -7.277  18.213  -3.042  0.40 9.73  ? 1427 SER A N   1 
ATOM   964  N N   B SER A 1 136 ? -7.267  18.233  -3.032  0.10 9.86  ? 1427 SER A N   1 
ATOM   965  C CA  A SER A 1 136 ? -7.839  19.539  -2.656  0.40 10.39 ? 1427 SER A CA  1 
ATOM   966  C CA  B SER A 1 136 ? -7.854  19.555  -2.698  0.10 9.97  ? 1427 SER A CA  1 
ATOM   967  C C   A SER A 1 136 ? -6.715  20.585  -2.592  0.40 11.02 ? 1427 SER A C   1 
ATOM   968  C C   B SER A 1 136 ? -6.739  20.605  -2.548  0.10 10.36 ? 1427 SER A C   1 
ATOM   969  O O   A SER A 1 136 ? -6.866  21.713  -3.105  0.40 9.93  ? 1427 SER A O   1 
ATOM   970  O O   B SER A 1 136 ? -6.948  21.747  -2.987  0.10 10.03 ? 1427 SER A O   1 
ATOM   971  C CB  A SER A 1 136 ? -8.519  19.410  -1.330  0.40 11.63 ? 1427 SER A CB  1 
ATOM   972  C CB  B SER A 1 136 ? -8.690  19.454  -1.469  0.10 10.13 ? 1427 SER A CB  1 
ATOM   973  O OG  A SER A 1 136 ? -8.742  20.690  -0.727  0.40 15.66 ? 1427 SER A OG  1 
ATOM   974  O OG  B SER A 1 136 ? -7.866  19.484  -0.320  0.10 10.45 ? 1427 SER A OG  1 
ATOM   975  N N   . ALA A 1 137 ? -5.587  20.242  -1.966  1.00 10.49 ? 1428 ALA A N   1 
ATOM   976  C CA  . ALA A 1 137 ? -4.408  21.149  -1.872  1.00 10.78 ? 1428 ALA A CA  1 
ATOM   977  C C   . ALA A 1 137 ? -3.900  21.469  -3.228  1.00 11.55 ? 1428 ALA A C   1 
ATOM   978  O O   . ALA A 1 137 ? -3.607  22.677  -3.477  1.00 12.93 ? 1428 ALA A O   1 
ATOM   979  C CB  . ALA A 1 137 ? -3.313  20.542  -1.049  1.00 12.08 ? 1428 ALA A CB  1 
ATOM   980  N N   . LEU A 1 138 ? -3.804  20.552  -4.173  1.00 11.04 ? 1429 LEU A N   1 
ATOM   981  C CA  . LEU A 1 138 ? -3.335  20.877  -5.510  1.00 12.86 ? 1429 LEU A CA  1 
ATOM   982  C C   . LEU A 1 138 ? -4.316  21.807  -6.188  1.00 11.67 ? 1429 LEU A C   1 
ATOM   983  O O   . LEU A 1 138 ? -3.873  22.705  -6.919  1.00 12.29 ? 1429 LEU A O   1 
ATOM   984  C CB  . LEU A 1 138 ? -3.130  19.629  -6.367  1.00 16.99 ? 1429 LEU A CB  1 
ATOM   985  C CG  . LEU A 1 138 ? -1.738  19.320  -6.874  1.00 24.29 ? 1429 LEU A CG  1 
ATOM   986  C CD1 . LEU A 1 138 ? -0.590  19.622  -5.937  1.00 22.43 ? 1429 LEU A CD1 1 
ATOM   987  C CD2 . LEU A 1 138 ? -1.691  17.873  -7.307  1.00 22.25 ? 1429 LEU A CD2 1 
ATOM   988  N N   . ARG A 1 139 ? -5.614  21.514  -6.056  1.00 10.61 ? 1430 ARG A N   1 
ATOM   989  C CA  . ARG A 1 139 ? -6.613  22.387  -6.695  1.00 10.97 ? 1430 ARG A CA  1 
ATOM   990  C C   . ARG A 1 139 ? -6.476  23.821  -6.130  1.00 10.05 ? 1430 ARG A C   1 
ATOM   991  O O   . ARG A 1 139 ? -6.551  24.802  -6.918  1.00 11.84 ? 1430 ARG A O   1 
ATOM   992  C CB  . ARG A 1 139 ? -8.026  21.857  -6.535  1.00 11.42 ? 1430 ARG A CB  1 
ATOM   993  C CG  . ARG A 1 139 ? -8.302  20.572  -7.318  1.00 11.80 ? 1430 ARG A CG  1 
ATOM   994  C CD  . ARG A 1 139 ? -9.785  20.199  -7.245  1.00 11.84 ? 1430 ARG A CD  1 
ATOM   995  N NE  . ARG A 1 139 ? -10.310 19.831  -5.960  1.00 11.44 ? 1430 ARG A NE  1 
ATOM   996  C CZ  . ARG A 1 139 ? -10.397 18.594  -5.430  1.00 10.80 ? 1430 ARG A CZ  1 
ATOM   997  N NH1 . ARG A 1 139 ? -9.871  17.548  -6.063  1.00 12.22 ? 1430 ARG A NH1 1 
ATOM   998  N NH2 . ARG A 1 139 ? -11.005 18.431  -4.276  1.00 12.08 ? 1430 ARG A NH2 1 
ATOM   999  N N   . PHE A 1 140 ? -6.311  23.958  -4.828  1.00 9.44  ? 1431 PHE A N   1 
ATOM   1000 C CA  . PHE A 1 140 ? -6.154  25.293  -4.217  1.00 10.72 ? 1431 PHE A CA  1 
ATOM   1001 C C   . PHE A 1 140 ? -4.916  26.012  -4.749  1.00 10.95 ? 1431 PHE A C   1 
ATOM   1002 O O   . PHE A 1 140 ? -4.954  27.193  -5.097  1.00 12.36 ? 1431 PHE A O   1 
ATOM   1003 C CB  . PHE A 1 140 ? -6.128  25.193  -2.705  1.00 10.82 ? 1431 PHE A CB  1 
ATOM   1004 C CG  . PHE A 1 140 ? -6.193  26.532  -2.000  1.00 12.33 ? 1431 PHE A CG  1 
ATOM   1005 C CD1 . PHE A 1 140 ? -7.415  27.191  -1.854  1.00 14.26 ? 1431 PHE A CD1 1 
ATOM   1006 C CD2 . PHE A 1 140 ? -5.041  27.147  -1.543  1.00 13.72 ? 1431 PHE A CD2 1 
ATOM   1007 C CE1 . PHE A 1 140 ? -7.493  28.433  -1.212  1.00 15.07 ? 1431 PHE A CE1 1 
ATOM   1008 C CE2 . PHE A 1 140 ? -5.122  28.385  -0.900  1.00 16.02 ? 1431 PHE A CE2 1 
ATOM   1009 C CZ  . PHE A 1 140 ? -6.343  29.001  -0.728  1.00 15.33 ? 1431 PHE A CZ  1 
ATOM   1010 N N   . HIS A 1 141 ? -3.825  25.254  -4.953  1.00 12.13 ? 1432 HIS A N   1 
ATOM   1011 C CA  . HIS A 1 141 ? -2.566  25.852  -5.502  1.00 13.28 ? 1432 HIS A CA  1 
ATOM   1012 C C   . HIS A 1 141 ? -2.790  26.442  -6.892  1.00 17.31 ? 1432 HIS A C   1 
ATOM   1013 O O   . HIS A 1 141 ? -2.163  27.485  -7.213  1.00 17.10 ? 1432 HIS A O   1 
ATOM   1014 C CB  . HIS A 1 141 ? -1.505  24.776  -5.551  1.00 13.95 ? 1432 HIS A CB  1 
ATOM   1015 C CG  . HIS A 1 141 ? -0.145  25.335  -5.786  1.00 14.28 ? 1432 HIS A CG  1 
ATOM   1016 N ND1 . HIS A 1 141 ? 0.532   26.105  -4.848  1.00 13.04 ? 1432 HIS A ND1 1 
ATOM   1017 C CD2 . HIS A 1 141 ? 0.647   25.225  -6.865  1.00 14.22 ? 1432 HIS A CD2 1 
ATOM   1018 C CE1 . HIS A 1 141 ? 1.725   26.458  -5.365  1.00 12.26 ? 1432 HIS A CE1 1 
ATOM   1019 N NE2 . HIS A 1 141 ? 1.830   25.888  -6.548  1.00 14.15 ? 1432 HIS A NE2 1 
ATOM   1020 N N   . LYS A 1 142 ? -3.590  25.772  -7.721  1.00 17.86 ? 1433 LYS A N   1 
ATOM   1021 C CA  . LYS A 1 142 ? -3.830  26.169  -9.134  1.00 19.25 ? 1433 LYS A CA  1 
ATOM   1022 C C   . LYS A 1 142 ? -4.969  27.190  -9.222  1.00 21.51 ? 1433 LYS A C   1 
ATOM   1023 O O   . LYS A 1 142 ? -5.161  27.710  -10.341 1.00 25.40 ? 1433 LYS A O   1 
ATOM   1024 C CB  . LYS A 1 142 ? -4.140  24.949  -10.006 1.00 21.36 ? 1433 LYS A CB  1 
ATOM   1025 C CG  . LYS A 1 142 ? -3.527  23.643  -9.528  1.00 21.01 ? 1433 LYS A CG  1 
ATOM   1026 C CD  . LYS A 1 142 ? -2.034  23.666  -9.291  1.00 20.61 ? 1433 LYS A CD  1 
ATOM   1027 C CE  . LYS A 1 142 ? -1.492  22.373  -8.706  1.00 19.75 ? 1433 LYS A CE  1 
ATOM   1028 N NZ  . LYS A 1 142 ? -0.317  21.910  -9.488  1.00 22.04 ? 1433 LYS A NZ  1 
ATOM   1029 N N   . ARG A 1 143 ? -5.680  27.478  -8.125  1.00 21.43 ? 1434 ARG A N   1 
ATOM   1030 C CA  . ARG A 1 143 ? -6.885  28.357  -8.121  1.00 21.93 ? 1434 ARG A CA  1 
ATOM   1031 C C   . ARG A 1 143 ? -6.534  29.657  -8.856  1.00 23.67 ? 1434 ARG A C   1 
ATOM   1032 O O   . ARG A 1 143 ? -7.286  30.631  -8.671  1.00 29.29 ? 1434 ARG A O   1 
ATOM   1033 C CB  . ARG A 1 143 ? -7.415  28.617  -6.704  1.00 20.70 ? 1434 ARG A CB  1 
ATOM   1034 C CG  . ARG A 1 143 ? -6.673  29.701  -5.929  1.00 20.03 ? 1434 ARG A CG  1 
ATOM   1035 C CD  . ARG A 1 143 ? -6.969  29.715  -4.440  1.00 19.60 ? 1434 ARG A CD  1 
ATOM   1036 N NE  . ARG A 1 143 ? -6.239  30.758  -3.725  1.00 18.88 ? 1434 ARG A NE  1 
ATOM   1037 C CZ  . ARG A 1 143 ? -4.948  30.709  -3.429  1.00 19.00 ? 1434 ARG A CZ  1 
ATOM   1038 N NH1 . ARG A 1 143 ? -4.231  29.656  -3.782  1.00 16.43 ? 1434 ARG A NH1 1 
ATOM   1039 N NH2 . ARG A 1 143 ? -4.370  31.698  -2.768  1.00 19.50 ? 1434 ARG A NH2 1 
HETATM 1040 N N1  . ZKU B 2 .   ? 5.975   -13.735 2.454   0.60 23.95 ? 1901 ZKU A N1  1 
HETATM 1041 N N3  . ZKU B 2 .   ? 4.500   -14.629 0.937   0.60 23.66 ? 1901 ZKU A N3  1 
HETATM 1042 C C4  . ZKU B 2 .   ? 9.123   -13.947 4.322   0.60 25.96 ? 1901 ZKU A C4  1 
HETATM 1043 C C5  . ZKU B 2 .   ? 8.614   -14.220 5.575   0.60 26.19 ? 1901 ZKU A C5  1 
HETATM 1044 C C6  . ZKU B 2 .   ? 7.246   -14.315 5.715   0.60 27.02 ? 1901 ZKU A C6  1 
HETATM 1045 C C7  . ZKU B 2 .   ? 3.778   -13.384 0.691   0.60 24.49 ? 1901 ZKU A C7  1 
HETATM 1046 C C8  . ZKU B 2 .   ? 2.288   -13.613 0.675   0.60 23.89 ? 1901 ZKU A C8  1 
HETATM 1047 C C10 . ZKU B 2 .   ? 3.834   -15.822 0.420   0.60 24.42 ? 1901 ZKU A C10 1 
HETATM 1048 C C13 . ZKU B 2 .   ? -1.387  -16.020 -1.316  0.60 21.52 ? 1901 ZKU A C13 1 
HETATM 1049 C C15 . ZKU B 2 .   ? -0.471  -17.933 -0.637  0.60 22.67 ? 1901 ZKU A C15 1 
HETATM 1050 C C1  . ZKU B 2 .   ? 5.705   -14.696 1.554   0.60 24.10 ? 1901 ZKU A C1  1 
HETATM 1051 C C11 . ZKU B 2 .   ? 0.683   -14.576 -0.913  0.60 22.00 ? 1901 ZKU A C11 1 
HETATM 1052 C C12 . ZKU B 2 .   ? -0.099  -15.795 -0.973  0.60 21.45 ? 1901 ZKU A C12 1 
HETATM 1053 C C14 . ZKU B 2 .   ? -1.636  -17.394 -1.107  0.60 20.55 ? 1901 ZKU A C14 1 
HETATM 1054 C C2  . ZKU B 2 .   ? 6.896   -13.869 3.500   0.60 25.06 ? 1901 ZKU A C2  1 
HETATM 1055 C C3  . ZKU B 2 .   ? 8.267   -13.773 3.260   0.60 25.75 ? 1901 ZKU A C3  1 
HETATM 1056 C C9  . ZKU B 2 .   ? 3.011   -15.451 -0.796  0.60 23.74 ? 1901 ZKU A C9  1 
HETATM 1057 N N2  . ZKU B 2 .   ? 6.373   -14.153 4.701   0.60 25.42 ? 1901 ZKU A N2  1 
HETATM 1058 N N4  . ZKU B 2 .   ? 1.919   -14.558 -0.390  0.60 23.42 ? 1901 ZKU A N4  1 
HETATM 1059 O O1  . ZKU B 2 .   ? 6.492   -15.615 1.323   0.60 22.79 ? 1901 ZKU A O1  1 
HETATM 1060 O O2  . ZKU B 2 .   ? 0.126   -13.516 -1.186  0.60 20.53 ? 1901 ZKU A O2  1 
HETATM 1061 O O3  . ZKU B 2 .   ? 0.480   -16.961 -0.542  0.60 21.47 ? 1901 ZKU A O3  1 
HETATM 1062 O O   . HOH C 3 .   ? 10.019  -18.652 -12.202 1.00 29.14 ? 2001 HOH A O   1 
HETATM 1063 O O   . HOH C 3 .   ? 5.942   17.567  -11.151 1.00 34.58 ? 2002 HOH A O   1 
HETATM 1064 O O   . HOH C 3 .   ? 4.763   -22.341 -13.201 1.00 25.44 ? 2003 HOH A O   1 
HETATM 1065 O O   . HOH C 3 .   ? 13.947  -3.935  3.736   0.60 31.75 ? 2004 HOH A O   1 
HETATM 1066 O O   . HOH C 3 .   ? 4.154   -18.196 3.454   0.60 25.52 ? 2005 HOH A O   1 
HETATM 1067 O O   . HOH C 3 .   ? -8.244  -15.082 -6.310  0.60 33.04 ? 2006 HOH A O   1 
HETATM 1068 O O   . HOH C 3 .   ? 9.331   8.631   4.557   1.00 20.71 ? 2007 HOH A O   1 
HETATM 1069 O O   . HOH C 3 .   ? -8.137  20.090  2.126   1.00 28.85 ? 2008 HOH A O   1 
HETATM 1070 O O   . HOH C 3 .   ? -14.891 -20.237 3.985   1.00 51.09 ? 2009 HOH A O   1 
HETATM 1071 O O   . HOH C 3 .   ? 8.106   -12.358 -13.822 1.00 30.63 ? 2010 HOH A O   1 
HETATM 1072 O O   . HOH C 3 .   ? 12.888  11.590  1.920   1.00 14.63 ? 2011 HOH A O   1 
HETATM 1073 O O   . HOH C 3 .   ? 7.991   13.590  -9.944  1.00 36.48 ? 2012 HOH A O   1 
HETATM 1074 O O   . HOH C 3 .   ? -6.846  -15.086 8.151   1.00 29.91 ? 2013 HOH A O   1 
HETATM 1075 O O   . HOH C 3 .   ? 8.406   -7.356  -3.140  0.60 12.36 ? 2014 HOH A O   1 
HETATM 1076 O O   . HOH C 3 .   ? -9.495  9.972   -5.804  1.00 34.24 ? 2015 HOH A O   1 
HETATM 1077 O O   . HOH C 3 .   ? 1.510   -12.166 -3.395  1.00 13.68 ? 2016 HOH A O   1 
HETATM 1078 O O   . HOH C 3 .   ? -0.113  28.971  -6.580  1.00 34.14 ? 2017 HOH A O   1 
HETATM 1079 O O   . HOH C 3 .   ? 13.117  -5.860  2.428   0.60 32.29 ? 2018 HOH A O   1 
HETATM 1080 O O   . HOH C 3 .   ? -10.906 22.108  -1.222  1.00 21.99 ? 2019 HOH A O   1 
HETATM 1081 O O   . HOH C 3 .   ? -6.555  -1.894  -1.554  1.00 16.35 ? 2020 HOH A O   1 
HETATM 1082 O O   . HOH C 3 .   ? -3.555  -15.911 -11.105 1.00 21.79 ? 2021 HOH A O   1 
HETATM 1083 O O   . HOH C 3 .   ? -14.588 1.599   6.579   1.00 21.39 ? 2022 HOH A O   1 
HETATM 1084 O O   . HOH C 3 .   ? -6.140  8.593   7.460   1.00 27.29 ? 2023 HOH A O   1 
HETATM 1085 O O   . HOH C 3 .   ? 3.158   17.069  -5.116  1.00 32.40 ? 2024 HOH A O   1 
HETATM 1086 O O   . HOH C 3 .   ? -12.583 -12.478 -2.631  1.00 30.78 ? 2025 HOH A O   1 
HETATM 1087 O O   . HOH C 3 .   ? 4.263   -9.327  -4.280  0.60 11.71 ? 2026 HOH A O   1 
HETATM 1088 O O   . HOH C 3 .   ? 7.343   2.620   -7.081  1.00 29.40 ? 2027 HOH A O   1 
HETATM 1089 O O   . HOH C 3 .   ? -2.148  20.148  -10.287 0.50 26.40 ? 2028 HOH A O   1 
HETATM 1090 O O   . HOH C 3 .   ? -10.745 27.653  2.701   1.00 28.40 ? 2029 HOH A O   1 
HETATM 1091 O O   . HOH C 3 .   ? 9.096   -5.144  -8.045  1.00 25.67 ? 2030 HOH A O   1 
HETATM 1092 O O   . HOH C 3 .   ? -11.200 -17.333 4.263   1.00 44.00 ? 2031 HOH A O   1 
HETATM 1093 O O   . HOH C 3 .   ? 0.494   15.254  -8.292  1.00 24.01 ? 2032 HOH A O   1 
HETATM 1094 O O   . HOH C 3 .   ? -1.143  -7.970  -9.420  1.00 16.11 ? 2033 HOH A O   1 
HETATM 1095 O O   . HOH C 3 .   ? 2.678   -0.120  -9.245  1.00 27.14 ? 2034 HOH A O   1 
HETATM 1096 O O   . HOH C 3 .   ? 0.377   20.196  7.639   1.00 31.58 ? 2035 HOH A O   1 
HETATM 1097 O O   . HOH C 3 .   ? -9.880  4.468   -0.267  1.00 14.93 ? 2036 HOH A O   1 
HETATM 1098 O O   . HOH C 3 .   ? 11.821  -4.392  -3.711  1.00 31.01 ? 2037 HOH A O   1 
HETATM 1099 O O   . HOH C 3 .   ? -11.620 4.385   10.815  1.00 22.73 ? 2038 HOH A O   1 
HETATM 1100 O O   . HOH C 3 .   ? 0.707   11.620  -9.252  1.00 25.76 ? 2039 HOH A O   1 
HETATM 1101 O O   . HOH C 3 .   ? 17.056  9.260   -1.861  1.00 25.12 ? 2040 HOH A O   1 
HETATM 1102 O O   . HOH C 3 .   ? -0.793  26.562  -2.507  1.00 12.52 ? 2041 HOH A O   1 
HETATM 1103 O O   . HOH C 3 .   ? 8.813   12.955  5.927   1.00 25.54 ? 2042 HOH A O   1 
HETATM 1104 O O   . HOH C 3 .   ? 1.411   -6.835  16.105  1.00 22.32 ? 2043 HOH A O   1 
HETATM 1105 O O   . HOH C 3 .   ? -6.138  -9.184  -2.130  1.00 14.66 ? 2044 HOH A O   1 
HETATM 1106 O O   . HOH C 3 .   ? -9.739  -22.255 -5.918  1.00 17.64 ? 2045 HOH A O   1 
HETATM 1107 O O   . HOH C 3 .   ? -10.728 16.241  2.201   1.00 25.96 ? 2046 HOH A O   1 
HETATM 1108 O O   . HOH C 3 .   ? -12.349 9.701   4.048   1.00 28.28 ? 2047 HOH A O   1 
HETATM 1109 O O   . HOH C 3 .   ? 11.788  -12.898 1.946   0.60 28.56 ? 2048 HOH A O   1 
HETATM 1110 O O   . HOH C 3 .   ? -8.211  24.903  -9.112  1.00 26.06 ? 2049 HOH A O   1 
HETATM 1111 O O   . HOH C 3 .   ? -2.374  24.460  -1.675  1.00 13.37 ? 2050 HOH A O   1 
HETATM 1112 O O   . HOH C 3 .   ? -2.995  -3.668  -8.749  1.00 14.71 ? 2051 HOH A O   1 
HETATM 1113 O O   . HOH C 3 .   ? -12.236 11.631  1.765   1.00 20.33 ? 2052 HOH A O   1 
HETATM 1114 O O   . HOH C 3 .   ? -10.604 -0.541  10.359  1.00 13.31 ? 2053 HOH A O   1 
HETATM 1115 O O   . HOH C 3 .   ? -3.768  -12.488 11.261  1.00 36.69 ? 2054 HOH A O   1 
HETATM 1116 O O   . HOH C 3 .   ? 8.007   5.460   -7.446  1.00 20.71 ? 2055 HOH A O   1 
HETATM 1117 O O   . HOH C 3 .   ? -10.339 9.641   -1.481  1.00 19.02 ? 2056 HOH A O   1 
HETATM 1118 O O   . HOH C 3 .   ? -7.793  -8.347  11.595  0.60 14.01 ? 2057 HOH A O   1 
HETATM 1119 O O   . HOH C 3 .   ? 16.604  6.562   -5.193  1.00 29.04 ? 2058 HOH A O   1 
HETATM 1120 O O   . HOH C 3 .   ? 4.585   15.369  5.279   1.00 12.49 ? 2059 HOH A O   1 
HETATM 1121 O O   . HOH C 3 .   ? -8.806  -5.351  -2.238  1.00 23.92 ? 2060 HOH A O   1 
HETATM 1122 O O   . HOH C 3 .   ? 16.253  9.096   2.314   1.00 39.76 ? 2061 HOH A O   1 
HETATM 1123 O O   . HOH C 3 .   ? -11.177 -5.943  1.241   1.00 21.25 ? 2062 HOH A O   1 
HETATM 1124 O O   . HOH C 3 .   ? 1.329   15.574  7.640   1.00 19.84 ? 2063 HOH A O   1 
HETATM 1125 O O   . HOH C 3 .   ? 8.666   -8.052  -14.816 1.00 39.04 ? 2064 HOH A O   1 
HETATM 1126 O O   . HOH C 3 .   ? -5.683  -4.292  -5.514  1.00 12.28 ? 2065 HOH A O   1 
HETATM 1127 O O   . HOH C 3 .   ? -11.228 22.172  -4.723  1.00 15.90 ? 2066 HOH A O   1 
HETATM 1128 O O   . HOH C 3 .   ? 6.446   4.235   8.214   1.00 25.23 ? 2067 HOH A O   1 
HETATM 1129 O O   . HOH C 3 .   ? -3.510  5.459   -7.331  1.00 18.63 ? 2068 HOH A O   1 
HETATM 1130 O O   . HOH C 3 .   ? -9.689  8.341   5.489   1.00 18.79 ? 2069 HOH A O   1 
HETATM 1131 O O   . HOH C 3 .   ? -1.175  15.995  8.677   1.00 39.80 ? 2070 HOH A O   1 
HETATM 1132 O O   . HOH C 3 .   ? -10.512 -9.060  -3.918  1.00 23.08 ? 2071 HOH A O   1 
HETATM 1133 O O   . HOH C 3 .   ? 9.657   1.351   -5.844  1.00 22.31 ? 2072 HOH A O   1 
HETATM 1134 O O   . HOH C 3 .   ? 1.545   -9.864  17.567  1.00 22.76 ? 2073 HOH A O   1 
HETATM 1135 O O   . HOH C 3 .   ? 4.740   17.797  -7.347  0.50 24.60 ? 2074 HOH A O   1 
HETATM 1136 O O   . HOH C 3 .   ? 3.670   -8.738  -0.548  0.60 14.28 ? 2075 HOH A O   1 
HETATM 1137 O O   . HOH C 3 .   ? -1.875  -1.202  -8.622  1.00 13.49 ? 2076 HOH A O   1 
HETATM 1138 O O   . HOH C 3 .   ? 14.914  4.569   1.500   1.00 22.02 ? 2077 HOH A O   1 
HETATM 1139 O O   . HOH C 3 .   ? -2.263  -17.681 13.316  0.60 22.45 ? 2078 HOH A O   1 
HETATM 1140 O O   . HOH C 3 .   ? 11.366  -3.691  7.686   0.60 28.21 ? 2079 HOH A O   1 
HETATM 1141 O O   . HOH C 3 .   ? -12.538 -0.127  3.481   1.00 20.86 ? 2080 HOH A O   1 
HETATM 1142 O O   . HOH C 3 .   ? -6.001  -16.971 -7.842  1.00 18.15 ? 2081 HOH A O   1 
HETATM 1143 O O   . HOH C 3 .   ? 4.889   -0.050  13.475  1.00 19.99 ? 2082 HOH A O   1 
HETATM 1144 O O   . HOH C 3 .   ? -2.095  8.768   8.720   1.00 21.59 ? 2083 HOH A O   1 
HETATM 1145 O O   . HOH C 3 .   ? -5.864  17.804  -7.603  1.00 16.72 ? 2084 HOH A O   1 
HETATM 1146 O O   . HOH C 3 .   ? -2.838  14.660  2.262   1.00 10.94 ? 2085 HOH A O   1 
HETATM 1147 O O   . HOH C 3 .   ? -12.778 5.350   3.093   1.00 31.69 ? 2086 HOH A O   1 
HETATM 1148 O O   . HOH C 3 .   ? -10.851 -11.749 4.899   1.00 15.59 ? 2087 HOH A O   1 
HETATM 1149 O O   . HOH C 3 .   ? -11.809 -12.226 7.542   1.00 14.66 ? 2088 HOH A O   1 
HETATM 1150 O O   . HOH C 3 .   ? 13.424  4.598   -7.496  1.00 26.14 ? 2089 HOH A O   1 
HETATM 1151 O O   . HOH C 3 .   ? -5.367  -9.955  -8.925  1.00 21.04 ? 2090 HOH A O   1 
HETATM 1152 O O   . HOH C 3 .   ? 2.812   -8.270  14.469  1.00 33.16 ? 2091 HOH A O   1 
HETATM 1153 O O   . HOH C 3 .   ? 5.263   -10.417 0.577   0.60 12.47 ? 2092 HOH A O   1 
HETATM 1154 O O   . HOH C 3 .   ? 3.516   3.607   -8.106  1.00 18.65 ? 2093 HOH A O   1 
HETATM 1155 O O   . HOH C 3 .   ? -6.128  8.958   -8.370  1.00 24.81 ? 2094 HOH A O   1 
HETATM 1156 O O   . HOH C 3 .   ? -12.439 -14.889 1.129   0.60 20.86 ? 2095 HOH A O   1 
HETATM 1157 O O   . HOH C 3 .   ? 8.586   9.902   -1.469  1.00 10.97 ? 2096 HOH A O   1 
HETATM 1158 O O   . HOH C 3 .   ? -12.889 6.004   5.068   1.00 25.07 ? 2097 HOH A O   1 
HETATM 1159 O O   . HOH C 3 .   ? 8.893   5.755   4.801   1.00 19.96 ? 2098 HOH A O   1 
HETATM 1160 O O   . HOH C 3 .   ? -3.906  17.072  5.144   1.00 17.05 ? 2099 HOH A O   1 
HETATM 1161 O O   . HOH C 3 .   ? 6.374   9.896   10.733  1.00 32.30 ? 2100 HOH A O   1 
HETATM 1162 O O   . HOH C 3 .   ? 5.969   -5.245  12.282  0.60 18.02 ? 2101 HOH A O   1 
HETATM 1163 O O   . HOH C 3 .   ? 10.681  14.877  2.993   1.00 17.93 ? 2102 HOH A O   1 
HETATM 1164 O O   . HOH C 3 .   ? -1.780  1.849   -13.732 1.00 29.01 ? 2103 HOH A O   1 
HETATM 1165 O O   . HOH C 3 .   ? -10.661 -3.191  0.297   1.00 18.17 ? 2104 HOH A O   1 
HETATM 1166 O O   . HOH C 3 .   ? 1.843   -9.484  -2.414  0.60 12.13 ? 2105 HOH A O   1 
HETATM 1167 O O   . HOH C 3 .   ? -9.352  23.353  -3.193  1.00 13.16 ? 2106 HOH A O   1 
HETATM 1168 O O   . HOH C 3 .   ? 2.358   -8.193  -10.731 1.00 15.83 ? 2107 HOH A O   1 
HETATM 1169 O O   . HOH C 3 .   ? 1.351   -10.189 -12.398 1.00 23.76 ? 2108 HOH A O   1 
HETATM 1170 O O   . HOH C 3 .   ? -9.311  -4.781  8.762   1.00 16.12 ? 2109 HOH A O   1 
HETATM 1171 O O   . HOH C 3 .   ? 12.712  1.616   -2.956  1.00 31.06 ? 2110 HOH A O   1 
HETATM 1172 O O   . HOH C 3 .   ? -6.412  -5.854  8.856   1.00 18.31 ? 2111 HOH A O   1 
HETATM 1173 O O   . HOH C 3 .   ? -3.274  -6.836  14.837  1.00 29.42 ? 2112 HOH A O   1 
HETATM 1174 O O   . HOH C 3 .   ? -8.400  17.277  -8.563  1.00 16.91 ? 2113 HOH A O   1 
HETATM 1175 O O   . HOH C 3 .   ? 12.555  -4.029  0.237   1.00 29.51 ? 2114 HOH A O   1 
HETATM 1176 O O   . HOH C 3 .   ? 3.704   18.761  5.293   1.00 16.51 ? 2115 HOH A O   1 
HETATM 1177 O O   . HOH C 3 .   ? 9.671   -17.835 -9.630  1.00 29.91 ? 2116 HOH A O   1 
HETATM 1178 O O   . HOH C 3 .   ? 7.016   -9.697  -3.104  0.60 14.69 ? 2117 HOH A O   1 
HETATM 1179 O O   . HOH C 3 .   ? -3.514  30.054  -7.529  1.00 30.05 ? 2118 HOH A O   1 
HETATM 1180 O O   . HOH C 3 .   ? -1.178  -14.216 12.678  1.00 31.00 ? 2119 HOH A O   1 
HETATM 1181 O O   . HOH C 3 .   ? -4.253  -7.333  11.930  0.60 18.09 ? 2120 HOH A O   1 
HETATM 1182 O O   . HOH C 3 .   ? -1.604  29.164  -2.561  1.00 18.82 ? 2121 HOH A O   1 
HETATM 1183 O O   . HOH C 3 .   ? 3.198   12.011  -10.428 1.00 25.14 ? 2122 HOH A O   1 
HETATM 1184 O O   . HOH C 3 .   ? 10.427  -1.576  6.950   1.00 34.83 ? 2123 HOH A O   1 
HETATM 1185 O O   . HOH C 3 .   ? -7.823  5.948   -5.966  1.00 30.94 ? 2124 HOH A O   1 
HETATM 1186 O O   . HOH C 3 .   ? 12.330  -20.693 -8.916  1.00 24.80 ? 2125 HOH A O   1 
HETATM 1187 O O   . HOH C 3 .   ? 16.404  9.195   -4.171  1.00 27.41 ? 2126 HOH A O   1 
HETATM 1188 O O   . HOH C 3 .   ? -9.407  32.009  -7.099  1.00 34.42 ? 2127 HOH A O   1 
HETATM 1189 O O   . HOH C 3 .   ? -0.960  16.521  1.152   1.00 11.42 ? 2128 HOH A O   1 
HETATM 1190 O O   . HOH C 3 .   ? -14.477 8.732   0.821   1.00 40.00 ? 2129 HOH A O   1 
HETATM 1191 O O   . HOH C 3 .   ? 3.461   -16.461 12.785  1.00 34.81 ? 2130 HOH A O   1 
HETATM 1192 O O   . HOH C 3 .   ? 5.596   19.268  -3.383  1.00 20.88 ? 2131 HOH A O   1 
HETATM 1193 O O   . HOH C 3 .   ? 5.162   16.556  -1.604  1.00 18.16 ? 2132 HOH A O   1 
HETATM 1194 O O   . HOH C 3 .   ? 5.913   15.746  0.993   1.00 13.69 ? 2133 HOH A O   1 
HETATM 1195 O O   . HOH C 3 .   ? 1.386   5.250   13.420  1.00 25.83 ? 2134 HOH A O   1 
HETATM 1196 O O   . HOH C 3 .   ? -2.557  -0.971  13.832  1.00 28.93 ? 2135 HOH A O   1 
HETATM 1197 O O   . HOH C 3 .   ? 0.406   0.229   -14.581 1.00 31.22 ? 2136 HOH A O   1 
HETATM 1198 O O   . HOH C 3 .   ? -2.313  -19.094 2.809   1.00 17.07 ? 2137 HOH A O   1 
HETATM 1199 O O   . HOH C 3 .   ? -4.357  2.890   -7.720  1.00 15.40 ? 2138 HOH A O   1 
HETATM 1200 O O   . HOH C 3 .   ? 14.559  3.836   -4.026  1.00 37.23 ? 2139 HOH A O   1 
HETATM 1201 O O   . HOH C 3 .   ? -9.382  5.873   -4.401  1.00 23.79 ? 2140 HOH A O   1 
HETATM 1202 O O   . HOH C 3 .   ? 5.892   -0.568  -8.972  1.00 35.73 ? 2141 HOH A O   1 
HETATM 1203 O O   . HOH C 3 .   ? 11.531  -0.344  4.771   1.00 30.14 ? 2142 HOH A O   1 
HETATM 1204 O O   . HOH C 3 .   ? -13.019 7.211   -0.745  1.00 36.47 ? 2143 HOH A O   1 
HETATM 1205 O O   . HOH C 3 .   ? 13.141  -14.285 -2.064  1.00 32.57 ? 2144 HOH A O   1 
HETATM 1206 O O   . HOH C 3 .   ? -13.134 -11.791 -5.413  1.00 33.65 ? 2145 HOH A O   1 
HETATM 1207 O O   . HOH C 3 .   ? 9.091   -11.654 -4.366  1.00 23.50 ? 2146 HOH A O   1 
HETATM 1208 O O   . HOH C 3 .   ? 7.003   -10.885 4.705   0.60 17.29 ? 2147 HOH A O   1 
HETATM 1209 O O   . HOH C 3 .   ? -5.469  13.161  5.543   1.00 26.51 ? 2148 HOH A O   1 
HETATM 1210 O O   . HOH C 3 .   ? 7.848   -9.001  11.164  1.00 28.55 ? 2149 HOH A O   1 
HETATM 1211 O O   . HOH C 3 .   ? 12.156  -15.409 4.215   0.60 30.96 ? 2150 HOH A O   1 
HETATM 1212 O O   . HOH C 3 .   ? 3.700   -18.759 -16.430 1.00 41.83 ? 2151 HOH A O   1 
HETATM 1213 O O   . HOH C 3 .   ? -8.659  4.436   -8.512  1.00 40.56 ? 2152 HOH A O   1 
HETATM 1214 O O   . HOH C 3 .   ? -10.387 -16.197 6.996   1.00 38.72 ? 2153 HOH A O   1 
HETATM 1215 O O   . HOH C 3 .   ? -9.524  19.329  4.624   1.00 37.87 ? 2154 HOH A O   1 
HETATM 1216 O O   . HOH C 3 .   ? 1.953   2.392   14.860  1.00 31.78 ? 2155 HOH A O   1 
HETATM 1217 O O   . HOH C 3 .   ? -6.867  -6.749  -5.626  1.00 15.15 ? 2156 HOH A O   1 
HETATM 1218 O O   . HOH C 3 .   ? -0.465  7.103   -9.637  1.00 26.54 ? 2157 HOH A O   1 
HETATM 1219 O O   . HOH C 3 .   ? -11.169 17.854  0.602   1.00 43.65 ? 2158 HOH A O   1 
HETATM 1220 O O   . HOH C 3 .   ? -12.914 2.548   2.396   1.00 33.71 ? 2159 HOH A O   1 
HETATM 1221 O O   . HOH C 3 .   ? -9.381  25.855  -4.663  1.00 14.26 ? 2160 HOH A O   1 
HETATM 1222 O O   . HOH C 3 .   ? -12.139 -13.600 3.512   1.00 23.65 ? 2161 HOH A O   1 
HETATM 1223 O O   . HOH C 3 .   ? 5.665   -6.853  14.435  1.00 24.57 ? 2162 HOH A O   1 
HETATM 1224 O O   . HOH C 3 .   ? 1.679   -5.871  -12.302 1.00 28.91 ? 2163 HOH A O   1 
HETATM 1225 O O   . HOH C 3 .   ? 6.869   11.353  14.386  1.00 40.46 ? 2164 HOH A O   1 
HETATM 1226 O O   . HOH C 3 .   ? -12.553 -7.009  5.220   1.00 21.96 ? 2165 HOH A O   1 
HETATM 1227 O O   . HOH C 3 .   ? 12.484  2.658   5.064   1.00 37.02 ? 2166 HOH A O   1 
HETATM 1228 O O   . HOH C 3 .   ? -10.192 25.665  -7.281  1.00 33.92 ? 2167 HOH A O   1 
HETATM 1229 O O   . HOH C 3 .   ? -0.830  32.738  -3.730  1.00 38.71 ? 2168 HOH A O   1 
HETATM 1230 O O   . HOH C 3 .   ? -12.618 14.325  3.276   1.00 23.87 ? 2169 HOH A O   1 
HETATM 1231 O O   . HOH C 3 .   ? 5.816   4.017   15.697  1.00 29.60 ? 2170 HOH A O   1 
HETATM 1232 O O   . HOH C 3 .   ? -4.959  19.787  -9.435  1.00 30.37 ? 2171 HOH A O   1 
HETATM 1233 O O   . HOH C 3 .   ? -5.447  -9.231  13.406  1.00 36.69 ? 2172 HOH A O   1 
HETATM 1234 O O   . HOH C 3 .   ? 7.801   -8.515  13.924  1.00 26.45 ? 2173 HOH A O   1 
HETATM 1235 O O   . HOH C 3 .   ? -5.737  13.744  -9.367  1.00 37.17 ? 2174 HOH A O   1 
HETATM 1236 O O   . HOH C 3 .   ? -3.126  32.293  -6.456  1.00 37.58 ? 2175 HOH A O   1 
HETATM 1237 O O   . HOH C 3 .   ? -6.667  -12.222 -9.827  1.00 25.21 ? 2176 HOH A O   1 
HETATM 1238 O O   . HOH C 3 .   ? -8.487  -0.161  -7.236  0.48 20.28 ? 2177 HOH A O   1 
HETATM 1239 O O   . HOH C 3 .   ? -7.393  -2.884  -3.905  1.00 19.47 ? 2178 HOH A O   1 
HETATM 1240 O O   . HOH C 3 .   ? 8.691   -10.267 6.921   0.60 21.79 ? 2179 HOH A O   1 
HETATM 1241 O O   . HOH C 3 .   ? 2.573   -9.250  -19.821 0.60 36.70 ? 2180 HOH A O   1 
HETATM 1242 O O   . HOH C 3 .   ? -1.043  -0.964  -13.203 1.00 27.49 ? 2181 HOH A O   1 
HETATM 1243 O O   . HOH C 3 .   ? 11.165  3.247   -6.997  1.00 32.82 ? 2182 HOH A O   1 
HETATM 1244 O O   . HOH C 3 .   ? 5.021   7.798   15.245  1.00 36.74 ? 2183 HOH A O   1 
HETATM 1245 O O   . HOH C 3 .   ? 4.464   1.841   15.295  0.48 16.19 ? 2184 HOH A O   1 
HETATM 1246 O O   . HOH C 3 .   ? 2.684   -3.235  17.224  0.48 21.67 ? 2185 HOH A O   1 
HETATM 1247 O O   . HOH C 3 .   ? 6.882   13.373  16.249  1.00 24.52 ? 2186 HOH A O   1 
HETATM 1248 O O   . HOH C 3 .   ? -10.644 10.817  8.776   1.00 36.33 ? 2187 HOH A O   1 
HETATM 1249 O O   . HOH C 3 .   ? -5.362  7.071   -6.087  1.00 24.89 ? 2188 HOH A O   1 
HETATM 1250 O O   . HOH C 3 .   ? -1.147  6.951   13.353  1.00 35.87 ? 2189 HOH A O   1 
HETATM 1251 O O   . HOH C 3 .   ? -4.367  7.036   8.746   1.00 28.35 ? 2190 HOH A O   1 
HETATM 1252 O O   . HOH C 3 .   ? -10.163 6.775   -1.879  1.00 16.43 ? 2191 HOH A O   1 
HETATM 1253 O O   . HOH C 3 .   ? -12.590 -9.509  4.075   1.00 27.86 ? 2192 HOH A O   1 
HETATM 1254 O O   . HOH C 3 .   ? 3.696   16.927  7.480   1.00 21.66 ? 2193 HOH A O   1 
HETATM 1255 O O   . HOH C 3 .   ? 8.916   -23.324 2.389   0.60 35.18 ? 2194 HOH A O   1 
HETATM 1256 O O   . HOH C 3 .   ? 0.244   -1.404  -10.503 1.00 22.23 ? 2195 HOH A O   1 
HETATM 1257 O O   . HOH C 3 .   ? 7.322   15.190  5.343   1.00 20.38 ? 2196 HOH A O   1 
HETATM 1258 O O   . HOH C 3 .   ? -8.110  -7.677  -3.330  1.00 13.91 ? 2197 HOH A O   1 
HETATM 1259 O O   . HOH C 3 .   ? 11.203  4.733   6.833   1.00 40.11 ? 2198 HOH A O   1 
HETATM 1260 O O   . HOH C 3 .   ? 10.767  -7.272  -4.674  1.00 30.14 ? 2199 HOH A O   1 
HETATM 1261 O O   . HOH C 3 .   ? -0.981  9.512   -10.286 1.00 39.96 ? 2200 HOH A O   1 
HETATM 1262 O O   . HOH C 3 .   ? -12.809 -8.532  -2.650  1.00 33.93 ? 2201 HOH A O   1 
HETATM 1263 O O   . HOH C 3 .   ? 4.731   -1.777  15.997  0.48 18.68 ? 2202 HOH A O   1 
HETATM 1264 O O   . HOH C 3 .   ? -14.205 1.711   3.940   1.00 25.59 ? 2203 HOH A O   1 
HETATM 1265 O O   . HOH C 3 .   ? -6.650  21.671  -10.495 1.00 39.82 ? 2204 HOH A O   1 
HETATM 1266 O O   . HOH C 3 .   ? 7.482   1.996   -9.657  1.00 33.83 ? 2205 HOH A O   1 
HETATM 1267 O O   . HOH C 3 .   ? -11.828 22.164  -9.615  1.00 27.92 ? 2206 HOH A O   1 
HETATM 1268 O O   . HOH C 3 .   ? 8.135   16.996  2.574   0.50 12.67 ? 2207 HOH A O   1 
HETATM 1269 O O   . HOH C 3 .   ? -12.378 -1.385  0.757   1.00 28.06 ? 2208 HOH A O   1 
HETATM 1270 O O   . HOH C 3 .   ? -13.700 -13.623 -0.737  1.00 29.95 ? 2209 HOH A O   1 
HETATM 1271 O O   . HOH C 3 .   ? 10.022  -0.863  -6.648  1.00 34.72 ? 2210 HOH A O   1 
HETATM 1272 O O   . HOH C 3 .   ? -9.199  18.625  -10.663 1.00 27.85 ? 2211 HOH A O   1 
HETATM 1273 O O   . HOH C 3 .   ? -12.533 11.714  6.668   1.00 41.95 ? 2212 HOH A O   1 
HETATM 1274 O O   . HOH C 3 .   ? -12.987 -7.483  -0.094  1.00 32.04 ? 2213 HOH A O   1 
HETATM 1275 O O   . HOH C 3 .   ? -4.237  15.413  -8.063  1.00 24.68 ? 2214 HOH A O   1 
# 
